data_7RE7
#
_entry.id   7RE7
#
_cell.length_a   49.707
_cell.length_b   200.912
_cell.length_c   244.574
_cell.angle_alpha   90.000
_cell.angle_beta   90.000
_cell.angle_gamma   90.000
#
_symmetry.space_group_name_H-M   'P 21 21 21'
#
loop_
_entity.id
_entity.type
_entity.pdbx_description
1 polymer 'Fab heavy chain'
2 polymer 'Fab light chain'
3 polymer 'MHC class I antigen'
4 polymer Beta-2-microglobulin
5 polymer PHE-MET-ASN-LYS-PHE-ILE-TYR-GLU-ILE
6 non-polymer '4-(2-HYDROXYETHYL)-1-PIPERAZINE ETHANESULFONIC ACID'
7 non-polymer GLYCEROL
8 non-polymer 'TETRAETHYLENE GLYCOL'
9 non-polymer 'HEXAETHYLENE GLYCOL'
10 non-polymer 'TRIETHYLENE GLYCOL'
11 non-polymer 'PENTAETHYLENE GLYCOL'
12 non-polymer 'FORMIC ACID'
13 water water
#
loop_
_entity_poly.entity_id
_entity_poly.type
_entity_poly.pdbx_seq_one_letter_code
_entity_poly.pdbx_strand_id
1 'polypeptide(L)'
;EVQLVQSGAEVKKPGESLTISCKASGYSFPNYWITWVRQMSGGGLEWMGRIDPGDSYTTYNPSFQGHVTISIDKSTNTAY
LHWNSLKASDTAMYYCARYYVSLVDIWGQGTLVTVSSASTKGPSVFPLAPSSKSTSGGTAALGCLVKDYFPEPVTVSWNS
GALTSGVHTFPAVLQSSGLYSLSSVVTVPSSSLGTQTYICNVNHKPSNTKVDKKVEPKSCDKTH
;
I,H
2 'polypeptide(L)'
;QSVLTQPASVSGSPGQSITISCTGTSSDVGGYNYVSWYQQHPGKAPKLMIYDVNNRPSEVSNRFSGSKSGNTASLTISGL
QAEDEADYYCSSYTTGSRAVFGGGTKLTVLGQPKANPTVTLFPPSSEELQANKATLVCLISDFYPGAVTVAWKADGSPVK
AGVETTKPSKQSNNKYAASSYLSLTPEQWKSHRSYSCQVTHEGSTVEKTVAPTECS
;
J,L
3 'polypeptide(L)'
;GSHSMRYFFTSVSRPGRGEPRFIAVGYVDDTQFVRFDSDAASQRMEPRAPWIEQEGPEYWDGETRKVKAHSQTHRVDLGT
LRGYYNQSEAGSHTVQRMYGCDVGSDWRFLRGYHQYAYDGKDYIALKEDLRSWTAADMAAQTTKHKWEAAHVAEQLRAYL
EGTCVEWLRRYLENGKETLQRTDAPKTHMTHHAVSDHEATLRCWALSFYPAEITLTWQRDGEDQTQDTELVETRPAGDGT
FQKWAAVVVPSGQEQRYTCHVQHEGLPKPLTLRWEPGSGGGLNDIFEAQKIGWHE
;
A,D
4 'polypeptide(L)'
;MIQRTPKIQVYSRHPAENGKSNFLNCYVSGFHPSDIEVDLLKNGERIEKVEHSDLSFSKDWSFYLLYYTEFTPTEKDEYA
CRVNHVTLSQPKIVKWDRDM
;
B,E
5 'polypeptide(L)' FMNKFIYEI C,F
#
loop_
_chem_comp.id
_chem_comp.type
_chem_comp.name
_chem_comp.formula
1PE non-polymer 'PENTAETHYLENE GLYCOL' 'C10 H22 O6'
EPE non-polymer '4-(2-HYDROXYETHYL)-1-PIPERAZINE ETHANESULFONIC ACID' 'C8 H18 N2 O4 S'
FMT non-polymer 'FORMIC ACID' 'C H2 O2'
GOL non-polymer GLYCEROL 'C3 H8 O3'
P6G non-polymer 'HEXAETHYLENE GLYCOL' 'C12 H26 O7'
PG4 non-polymer 'TETRAETHYLENE GLYCOL' 'C8 H18 O5'
PGE non-polymer 'TRIETHYLENE GLYCOL' 'C6 H14 O4'
#
# COMPACT_ATOMS: atom_id res chain seq x y z
N GLU A 1 -12.09 39.51 -26.66
CA GLU A 1 -12.53 38.71 -25.52
C GLU A 1 -12.74 39.58 -24.28
N VAL A 2 -13.97 39.60 -23.80
CA VAL A 2 -14.35 40.38 -22.62
C VAL A 2 -14.43 39.46 -21.42
N GLN A 3 -13.98 39.94 -20.27
CA GLN A 3 -14.05 39.19 -19.02
C GLN A 3 -14.62 40.08 -17.93
N LEU A 4 -15.43 39.48 -17.05
CA LEU A 4 -15.95 40.16 -15.88
C LEU A 4 -14.99 39.96 -14.72
N VAL A 5 -14.56 41.06 -14.10
CA VAL A 5 -13.59 41.03 -13.02
C VAL A 5 -14.28 41.55 -11.76
N GLN A 6 -14.49 40.67 -10.79
CA GLN A 6 -15.19 41.03 -9.57
C GLN A 6 -14.21 41.51 -8.51
N SER A 7 -14.76 42.11 -7.45
CA SER A 7 -13.95 42.64 -6.37
C SER A 7 -13.52 41.53 -5.41
N GLY A 8 -12.56 41.84 -4.55
CA GLY A 8 -11.97 40.85 -3.68
C GLY A 8 -12.93 40.30 -2.64
N ALA A 9 -12.46 39.26 -1.96
CA ALA A 9 -13.26 38.60 -0.93
C ALA A 9 -13.52 39.54 0.24
N GLU A 10 -14.64 39.31 0.92
CA GLU A 10 -15.09 40.16 2.01
C GLU A 10 -15.30 39.33 3.27
N VAL A 11 -14.74 39.80 4.38
CA VAL A 11 -14.91 39.19 5.69
C VAL A 11 -15.67 40.20 6.54
N LYS A 12 -16.91 39.88 6.89
CA LYS A 12 -17.83 40.84 7.50
C LYS A 12 -18.51 40.25 8.72
N LYS A 13 -19.26 41.09 9.41
CA LYS A 13 -20.08 40.74 10.56
C LYS A 13 -21.52 41.14 10.30
N PRO A 14 -22.48 40.49 10.96
CA PRO A 14 -23.89 40.85 10.75
C PRO A 14 -24.17 42.31 11.10
N GLY A 15 -25.10 42.90 10.36
CA GLY A 15 -25.47 44.28 10.53
C GLY A 15 -24.66 45.25 9.70
N GLU A 16 -23.43 44.90 9.32
CA GLU A 16 -22.62 45.77 8.49
C GLU A 16 -23.21 45.86 7.07
N SER A 17 -22.83 46.92 6.37
CA SER A 17 -23.16 47.08 4.97
C SER A 17 -22.07 46.48 4.10
N LEU A 18 -22.42 46.21 2.84
CA LEU A 18 -21.47 45.64 1.91
C LEU A 18 -21.86 46.02 0.48
N THR A 19 -20.85 46.25 -0.35
CA THR A 19 -21.05 46.49 -1.78
C THR A 19 -19.92 45.79 -2.52
N ILE A 20 -20.26 44.77 -3.31
CA ILE A 20 -19.29 44.10 -4.17
C ILE A 20 -19.55 44.55 -5.60
N SER A 21 -18.46 44.62 -6.37
CA SER A 21 -18.49 45.21 -7.70
C SER A 21 -18.03 44.20 -8.75
N CYS A 22 -18.34 44.53 -10.01
CA CYS A 22 -18.02 43.65 -11.14
C CYS A 22 -17.83 44.52 -12.37
N LYS A 23 -16.58 44.71 -12.78
CA LYS A 23 -16.24 45.56 -13.92
C LYS A 23 -16.02 44.69 -15.15
N ALA A 24 -16.78 44.96 -16.21
CA ALA A 24 -16.61 44.28 -17.49
C ALA A 24 -15.50 44.97 -18.27
N SER A 25 -14.37 44.29 -18.41
CA SER A 25 -13.28 44.83 -19.22
C SER A 25 -13.67 44.82 -20.70
N GLY A 26 -13.04 45.72 -21.46
CA GLY A 26 -13.34 45.82 -22.88
C GLY A 26 -14.75 46.26 -23.18
N TYR A 27 -15.10 46.33 -24.45
CA TYR A 27 -16.40 46.82 -24.88
C TYR A 27 -17.19 45.70 -25.56
N SER A 28 -18.51 45.77 -25.44
CA SER A 28 -19.42 44.91 -26.15
C SER A 28 -20.62 45.72 -26.62
N PHE A 29 -21.21 45.30 -27.74
CA PHE A 29 -22.41 45.95 -28.21
C PHE A 29 -23.52 45.79 -27.16
N PRO A 30 -24.43 46.76 -27.06
CA PRO A 30 -25.47 46.69 -26.03
C PRO A 30 -26.51 45.62 -26.30
N ASN A 31 -26.11 44.37 -26.09
CA ASN A 31 -26.98 43.21 -26.31
C ASN A 31 -27.14 42.39 -25.04
N TYR A 32 -26.86 42.94 -23.87
CA TYR A 32 -26.72 42.11 -22.68
C TYR A 32 -27.26 42.82 -21.44
N TRP A 33 -27.61 41.99 -20.46
CA TRP A 33 -27.80 42.41 -19.07
C TRP A 33 -26.64 41.89 -18.24
N ILE A 34 -26.48 42.47 -17.06
CA ILE A 34 -25.53 41.97 -16.06
C ILE A 34 -26.34 41.31 -14.95
N THR A 35 -26.03 40.05 -14.68
CA THR A 35 -26.78 39.22 -13.74
C THR A 35 -25.93 38.88 -12.53
N TRP A 36 -26.55 38.94 -11.35
CA TRP A 36 -25.90 38.54 -10.10
C TRP A 36 -26.48 37.21 -9.64
N VAL A 37 -25.59 36.31 -9.23
CA VAL A 37 -25.96 34.94 -8.86
C VAL A 37 -25.31 34.59 -7.53
N ARG A 38 -26.08 33.97 -6.64
CA ARG A 38 -25.59 33.49 -5.35
C ARG A 38 -25.44 31.99 -5.39
N GLN A 39 -24.31 31.49 -4.89
CA GLN A 39 -24.07 30.05 -4.77
C GLN A 39 -23.62 29.77 -3.34
N MET A 40 -24.57 29.32 -2.51
CA MET A 40 -24.22 28.94 -1.15
C MET A 40 -23.37 27.67 -1.15
N SER A 41 -22.71 27.43 -0.02
CA SER A 41 -21.78 26.31 0.10
C SER A 41 -22.49 24.99 -0.17
N GLY A 42 -22.10 24.31 -1.24
CA GLY A 42 -22.72 23.06 -1.64
C GLY A 42 -24.05 23.20 -2.34
N GLY A 43 -24.45 24.42 -2.71
CA GLY A 43 -25.74 24.66 -3.32
C GLY A 43 -25.63 25.00 -4.80
N GLY A 44 -26.80 25.09 -5.43
CA GLY A 44 -26.88 25.42 -6.84
C GLY A 44 -26.69 26.90 -7.09
N LEU A 45 -26.96 27.30 -8.33
CA LEU A 45 -26.83 28.69 -8.75
C LEU A 45 -28.18 29.38 -8.60
N GLU A 46 -28.25 30.37 -7.71
CA GLU A 46 -29.46 31.11 -7.44
C GLU A 46 -29.41 32.45 -8.18
N TRP A 47 -30.38 32.67 -9.07
CA TRP A 47 -30.49 33.94 -9.77
C TRP A 47 -31.03 34.99 -8.81
N MET A 48 -30.21 36.00 -8.50
CA MET A 48 -30.63 37.07 -7.61
C MET A 48 -31.38 38.18 -8.36
N GLY A 49 -30.82 38.63 -9.47
CA GLY A 49 -31.42 39.69 -10.24
C GLY A 49 -30.51 40.09 -11.38
N ARG A 50 -30.93 41.13 -12.10
CA ARG A 50 -30.15 41.59 -13.23
C ARG A 50 -30.49 43.04 -13.53
N ILE A 51 -29.62 43.68 -14.29
CA ILE A 51 -29.75 45.10 -14.59
C ILE A 51 -29.33 45.34 -16.04
N ASP A 52 -30.04 46.25 -16.71
CA ASP A 52 -29.68 46.67 -18.06
C ASP A 52 -28.72 47.86 -17.96
N PRO A 53 -27.48 47.73 -18.45
CA PRO A 53 -26.54 48.86 -18.35
C PRO A 53 -26.99 50.11 -19.08
N GLY A 54 -27.86 49.99 -20.07
CA GLY A 54 -28.26 51.16 -20.85
C GLY A 54 -29.13 52.12 -20.04
N ASP A 55 -30.14 51.59 -19.37
CA ASP A 55 -31.12 52.44 -18.66
C ASP A 55 -31.23 52.08 -17.18
N SER A 56 -30.36 51.21 -16.67
CA SER A 56 -30.37 50.78 -15.27
C SER A 56 -31.68 50.12 -14.86
N TYR A 57 -32.44 49.60 -15.82
CA TYR A 57 -33.66 48.88 -15.48
C TYR A 57 -33.30 47.58 -14.79
N THR A 58 -33.88 47.34 -13.61
CA THR A 58 -33.49 46.24 -12.74
C THR A 58 -34.65 45.29 -12.52
N THR A 59 -34.39 44.00 -12.66
CA THR A 59 -35.32 42.95 -12.31
C THR A 59 -34.71 42.12 -11.19
N TYR A 60 -35.49 41.87 -10.14
CA TYR A 60 -35.04 41.06 -9.01
C TYR A 60 -35.81 39.76 -8.93
N ASN A 61 -35.19 38.76 -8.33
CA ASN A 61 -35.93 37.55 -7.98
C ASN A 61 -36.82 37.83 -6.78
N PRO A 62 -38.07 37.40 -6.79
CA PRO A 62 -38.99 37.71 -5.68
C PRO A 62 -38.46 37.27 -4.32
N SER A 63 -37.54 36.31 -4.31
CA SER A 63 -36.95 35.87 -3.04
C SER A 63 -35.88 36.84 -2.55
N PHE A 64 -35.21 37.57 -3.45
CA PHE A 64 -34.21 38.54 -3.08
C PHE A 64 -34.72 39.97 -3.13
N GLN A 65 -35.94 40.18 -3.58
CA GLN A 65 -36.49 41.53 -3.68
C GLN A 65 -36.50 42.21 -2.32
N GLY A 66 -35.92 43.41 -2.26
CA GLY A 66 -35.90 44.20 -1.05
C GLY A 66 -34.73 43.94 -0.12
N HIS A 67 -34.12 42.74 -0.20
CA HIS A 67 -32.99 42.43 0.65
C HIS A 67 -31.66 42.88 0.07
N VAL A 68 -31.59 43.09 -1.24
CA VAL A 68 -30.36 43.46 -1.91
C VAL A 68 -30.70 44.43 -3.04
N THR A 69 -29.75 45.28 -3.39
CA THR A 69 -29.94 46.30 -4.42
C THR A 69 -28.86 46.16 -5.47
N ILE A 70 -29.27 46.09 -6.73
CA ILE A 70 -28.36 46.01 -7.87
C ILE A 70 -28.33 47.36 -8.56
N SER A 71 -27.13 47.87 -8.82
CA SER A 71 -26.96 49.14 -9.52
C SER A 71 -25.83 48.99 -10.53
N ILE A 72 -25.70 49.98 -11.40
CA ILE A 72 -24.75 49.96 -12.51
C ILE A 72 -24.20 51.37 -12.71
N ASP A 73 -22.97 51.43 -13.22
CA ASP A 73 -22.33 52.68 -13.65
C ASP A 73 -21.87 52.46 -15.08
N LYS A 74 -22.67 52.91 -16.05
CA LYS A 74 -22.37 52.64 -17.45
C LYS A 74 -21.11 53.37 -17.92
N SER A 75 -20.73 54.46 -17.25
CA SER A 75 -19.50 55.16 -17.63
C SER A 75 -18.26 54.31 -17.35
N THR A 76 -18.31 53.41 -16.37
CA THR A 76 -17.20 52.53 -16.06
C THR A 76 -17.52 51.06 -16.31
N ASN A 77 -18.72 50.74 -16.80
CA ASN A 77 -19.14 49.36 -17.05
C ASN A 77 -18.99 48.50 -15.79
N THR A 78 -19.32 49.09 -14.64
CA THR A 78 -19.20 48.41 -13.36
C THR A 78 -20.60 48.19 -12.79
N ALA A 79 -20.90 46.94 -12.45
CA ALA A 79 -22.14 46.59 -11.79
C ALA A 79 -21.90 46.37 -10.30
N TYR A 80 -22.89 46.72 -9.49
CA TYR A 80 -22.76 46.69 -8.04
C TYR A 80 -23.88 45.88 -7.43
N LEU A 81 -23.57 45.27 -6.28
CA LEU A 81 -24.52 44.50 -5.48
C LEU A 81 -24.38 44.96 -4.04
N HIS A 82 -25.44 45.53 -3.48
CA HIS A 82 -25.36 46.19 -2.19
C HIS A 82 -26.32 45.54 -1.20
N TRP A 83 -25.79 45.20 -0.02
CA TRP A 83 -26.59 44.80 1.12
C TRP A 83 -26.67 45.96 2.10
N ASN A 84 -27.89 46.33 2.49
CA ASN A 84 -28.03 47.36 3.51
C ASN A 84 -27.61 46.85 4.88
N SER A 85 -27.85 45.57 5.16
CA SER A 85 -27.49 44.97 6.44
C SER A 85 -27.28 43.48 6.24
N LEU A 86 -26.05 43.03 6.38
CA LEU A 86 -25.74 41.62 6.22
C LEU A 86 -26.35 40.81 7.35
N LYS A 87 -26.77 39.58 7.01
CA LYS A 87 -27.60 38.79 7.91
C LYS A 87 -26.98 37.43 8.27
N ALA A 88 -25.76 37.15 7.80
CA ALA A 88 -25.01 35.93 8.09
C ALA A 88 -25.61 34.72 7.40
N SER A 89 -26.80 34.88 6.82
CA SER A 89 -27.29 33.91 5.86
C SER A 89 -26.70 34.16 4.49
N ASP A 90 -26.28 35.40 4.23
CA ASP A 90 -25.68 35.82 2.97
C ASP A 90 -24.27 35.29 2.78
N THR A 91 -23.74 34.51 3.73
CA THR A 91 -22.43 33.89 3.57
C THR A 91 -22.49 32.91 2.40
N ALA A 92 -21.84 33.27 1.29
CA ALA A 92 -21.85 32.45 0.08
C ALA A 92 -20.89 33.06 -0.92
N MET A 93 -20.73 32.37 -2.04
CA MET A 93 -20.02 32.90 -3.20
C MET A 93 -20.99 33.64 -4.10
N TYR A 94 -20.58 34.80 -4.59
CA TYR A 94 -21.42 35.65 -5.43
C TYR A 94 -20.74 35.87 -6.78
N TYR A 95 -21.44 35.53 -7.86
CA TYR A 95 -20.95 35.70 -9.21
C TYR A 95 -21.75 36.78 -9.92
N CYS A 96 -21.05 37.59 -10.71
CA CYS A 96 -21.72 38.35 -11.76
C CYS A 96 -21.58 37.57 -13.06
N ALA A 97 -22.59 37.69 -13.92
CA ALA A 97 -22.62 36.99 -15.18
C ALA A 97 -23.26 37.90 -16.23
N ARG A 98 -22.89 37.68 -17.48
CA ARG A 98 -23.44 38.45 -18.59
C ARG A 98 -24.46 37.60 -19.33
N TYR A 99 -25.68 38.10 -19.39
CA TYR A 99 -26.75 37.45 -20.16
C TYR A 99 -26.81 38.15 -21.52
N TYR A 100 -26.26 37.53 -22.52
CA TYR A 100 -26.20 38.12 -23.86
C TYR A 100 -27.30 37.60 -24.77
N VAL A 101 -28.39 38.33 -24.90
CA VAL A 101 -29.57 38.05 -25.76
C VAL A 101 -30.32 36.81 -25.29
N SER A 102 -29.77 35.63 -25.48
CA SER A 102 -30.47 34.38 -25.13
C SER A 102 -29.52 33.43 -24.41
N LEU A 103 -28.51 33.93 -23.74
CA LEU A 103 -27.48 33.04 -23.21
C LEU A 103 -26.61 33.72 -22.18
N VAL A 104 -26.36 33.05 -21.06
CA VAL A 104 -25.31 33.45 -20.13
C VAL A 104 -23.98 32.98 -20.72
N ASP A 105 -23.18 33.91 -21.23
CA ASP A 105 -22.01 33.54 -22.02
C ASP A 105 -20.70 33.66 -21.26
N ILE A 106 -20.61 34.57 -20.29
CA ILE A 106 -19.39 34.70 -19.48
C ILE A 106 -19.77 34.86 -18.02
N TRP A 107 -18.85 34.47 -17.14
CA TRP A 107 -19.03 34.58 -15.70
C TRP A 107 -17.86 35.34 -15.11
N GLY A 108 -18.14 36.05 -14.01
CA GLY A 108 -17.06 36.59 -13.20
C GLY A 108 -16.40 35.51 -12.36
N GLN A 109 -15.19 35.81 -11.87
CA GLN A 109 -14.44 34.81 -11.11
C GLN A 109 -15.07 34.51 -9.77
N GLY A 110 -15.94 35.37 -9.26
CA GLY A 110 -16.61 35.13 -8.01
C GLY A 110 -16.04 35.98 -6.88
N THR A 111 -16.93 36.42 -5.99
CA THR A 111 -16.57 37.19 -4.80
C THR A 111 -17.12 36.45 -3.59
N LEU A 112 -16.24 35.78 -2.85
CA LEU A 112 -16.66 35.10 -1.63
C LEU A 112 -16.82 36.12 -0.51
N VAL A 113 -18.00 36.14 0.11
CA VAL A 113 -18.24 36.96 1.29
C VAL A 113 -18.58 36.04 2.45
N THR A 114 -18.05 36.39 3.63
CA THR A 114 -18.21 35.58 4.83
C THR A 114 -18.70 36.48 5.95
N VAL A 115 -19.91 36.21 6.44
CA VAL A 115 -20.55 37.02 7.46
C VAL A 115 -20.64 36.17 8.71
N SER A 116 -19.67 36.33 9.61
CA SER A 116 -19.64 35.61 10.87
C SER A 116 -19.78 36.58 12.02
N SER A 117 -20.52 36.16 13.04
CA SER A 117 -20.75 36.96 14.23
C SER A 117 -19.81 36.60 15.37
N ALA A 118 -18.92 35.63 15.17
CA ALA A 118 -18.06 35.16 16.24
C ALA A 118 -16.89 36.11 16.47
N SER A 119 -16.38 36.10 17.70
CA SER A 119 -15.21 36.88 18.07
C SER A 119 -13.96 36.02 18.04
N THR A 120 -12.81 36.68 17.93
CA THR A 120 -11.53 35.98 17.84
C THR A 120 -11.26 35.23 19.14
N LYS A 121 -11.10 33.91 19.04
CA LYS A 121 -10.91 33.06 20.20
C LYS A 121 -9.89 31.99 19.90
N GLY A 122 -8.89 31.85 20.77
CA GLY A 122 -7.92 30.80 20.66
C GLY A 122 -8.53 29.45 21.04
N PRO A 123 -7.96 28.37 20.51
CA PRO A 123 -8.53 27.05 20.76
C PRO A 123 -8.06 26.46 22.07
N SER A 124 -8.86 25.51 22.56
CA SER A 124 -8.47 24.65 23.67
C SER A 124 -8.16 23.27 23.11
N VAL A 125 -6.98 22.75 23.44
CA VAL A 125 -6.46 21.53 22.84
C VAL A 125 -6.61 20.40 23.84
N PHE A 126 -7.23 19.29 23.40
CA PHE A 126 -7.40 18.12 24.23
C PHE A 126 -6.69 16.93 23.60
N PRO A 127 -6.05 16.08 24.40
CA PRO A 127 -5.33 14.93 23.84
C PRO A 127 -6.27 13.81 23.46
N LEU A 128 -5.97 13.16 22.33
CA LEU A 128 -6.70 11.99 21.86
C LEU A 128 -5.79 10.79 22.08
N ALA A 129 -5.92 10.18 23.25
CA ALA A 129 -5.00 9.12 23.66
C ALA A 129 -5.19 7.88 22.78
N PRO A 130 -4.11 7.15 22.50
CA PRO A 130 -4.24 5.93 21.70
C PRO A 130 -5.03 4.88 22.44
N SER A 131 -5.85 4.13 21.69
CA SER A 131 -6.67 3.10 22.29
C SER A 131 -5.79 2.05 22.98
N SER A 132 -6.11 1.76 24.24
CA SER A 132 -5.38 0.74 24.98
C SER A 132 -5.52 -0.63 24.33
N LYS A 133 -6.51 -0.81 23.45
CA LYS A 133 -6.69 -2.04 22.68
C LYS A 133 -6.06 -1.95 21.29
N SER A 134 -4.95 -1.20 21.16
CA SER A 134 -4.32 -1.01 19.86
C SER A 134 -3.76 -2.33 19.33
N THR A 135 -3.54 -2.35 18.01
CA THR A 135 -3.07 -3.56 17.33
C THR A 135 -1.65 -3.88 17.77
N SER A 136 -1.49 -4.95 18.55
CA SER A 136 -0.16 -5.40 18.92
C SER A 136 0.55 -5.96 17.69
N GLY A 137 1.76 -5.45 17.43
CA GLY A 137 2.47 -5.78 16.22
C GLY A 137 2.08 -4.95 15.02
N GLY A 138 1.14 -4.01 15.17
CA GLY A 138 0.76 -3.13 14.10
C GLY A 138 0.96 -1.67 14.44
N THR A 139 -0.02 -0.83 14.14
CA THR A 139 0.07 0.59 14.37
C THR A 139 -1.07 1.07 15.28
N ALA A 140 -0.90 2.27 15.82
CA ALA A 140 -1.87 2.89 16.70
C ALA A 140 -2.11 4.32 16.26
N ALA A 141 -3.27 4.86 16.65
CA ALA A 141 -3.66 6.21 16.26
C ALA A 141 -3.82 7.05 17.51
N LEU A 142 -3.11 8.18 17.55
CA LEU A 142 -3.27 9.19 18.58
C LEU A 142 -3.37 10.55 17.91
N GLY A 143 -3.85 11.54 18.66
CA GLY A 143 -3.98 12.84 18.04
C GLY A 143 -4.35 13.93 19.03
N CYS A 144 -4.70 15.08 18.47
CA CYS A 144 -5.07 16.26 19.23
C CYS A 144 -6.40 16.80 18.72
N LEU A 145 -7.25 17.22 19.65
CA LEU A 145 -8.53 17.83 19.33
C LEU A 145 -8.40 19.33 19.54
N VAL A 146 -8.49 20.08 18.45
CA VAL A 146 -8.42 21.55 18.47
C VAL A 146 -9.85 22.05 18.41
N LYS A 147 -10.34 22.58 19.54
CA LYS A 147 -11.77 22.80 19.75
C LYS A 147 -12.07 24.29 19.92
N ASP A 148 -13.11 24.76 19.21
CA ASP A 148 -13.74 26.05 19.44
C ASP A 148 -12.75 27.21 19.29
N TYR A 149 -12.26 27.39 18.06
CA TYR A 149 -11.42 28.53 17.73
C TYR A 149 -12.03 29.32 16.59
N PHE A 150 -11.58 30.57 16.46
CA PHE A 150 -12.05 31.47 15.42
C PHE A 150 -11.09 32.64 15.32
N PRO A 151 -10.70 33.06 14.11
CA PRO A 151 -11.11 32.43 12.85
C PRO A 151 -10.07 31.46 12.31
N GLU A 152 -10.31 30.96 11.10
CA GLU A 152 -9.35 30.11 10.41
C GLU A 152 -8.09 30.94 10.09
N PRO A 153 -6.93 30.28 9.97
CA PRO A 153 -6.70 28.84 10.21
C PRO A 153 -5.99 28.56 11.53
N VAL A 154 -5.66 27.30 11.75
CA VAL A 154 -4.82 26.88 12.86
C VAL A 154 -3.74 25.97 12.30
N THR A 155 -2.57 25.97 12.95
CA THR A 155 -1.43 25.17 12.53
C THR A 155 -1.16 24.10 13.57
N VAL A 156 -1.04 22.86 13.11
CA VAL A 156 -0.78 21.72 13.99
C VAL A 156 0.46 21.01 13.48
N SER A 157 1.52 21.02 14.29
CA SER A 157 2.71 20.21 14.04
C SER A 157 2.87 19.22 15.18
N TRP A 158 3.71 18.22 14.96
CA TRP A 158 3.98 17.18 15.94
C TRP A 158 5.46 17.11 16.24
N ASN A 159 5.80 17.12 17.53
CA ASN A 159 7.18 17.06 18.00
C ASN A 159 8.01 18.16 17.38
N SER A 160 7.49 19.38 17.43
CA SER A 160 8.16 20.58 16.90
C SER A 160 8.47 20.43 15.41
N GLY A 161 7.66 19.66 14.70
CA GLY A 161 7.86 19.42 13.29
C GLY A 161 8.78 18.25 12.96
N ALA A 162 9.44 17.66 13.96
CA ALA A 162 10.36 16.56 13.71
C ALA A 162 9.65 15.26 13.36
N LEU A 163 8.33 15.21 13.47
CA LEU A 163 7.54 14.02 13.15
C LEU A 163 6.59 14.36 12.01
N THR A 164 6.81 13.76 10.85
CA THR A 164 6.01 13.99 9.67
C THR A 164 5.30 12.74 9.17
N SER A 165 5.96 11.59 9.25
CA SER A 165 5.37 10.34 8.79
C SER A 165 4.19 9.95 9.67
N GLY A 166 3.04 9.68 9.03
CA GLY A 166 1.85 9.27 9.73
C GLY A 166 0.92 10.40 10.13
N VAL A 167 1.32 11.65 9.97
CA VAL A 167 0.50 12.78 10.38
C VAL A 167 -0.62 12.99 9.37
N HIS A 168 -1.84 13.19 9.87
CA HIS A 168 -3.00 13.50 9.04
C HIS A 168 -3.86 14.50 9.79
N THR A 169 -3.76 15.78 9.42
CA THR A 169 -4.59 16.82 9.99
C THR A 169 -5.84 17.00 9.15
N PHE A 170 -7.01 16.81 9.76
CA PHE A 170 -8.27 16.86 9.04
C PHE A 170 -8.76 18.29 8.89
N PRO A 171 -9.47 18.59 7.80
CA PRO A 171 -10.04 19.93 7.65
C PRO A 171 -11.07 20.23 8.75
N ALA A 172 -11.15 21.51 9.11
CA ALA A 172 -11.96 21.91 10.25
C ALA A 172 -13.45 21.80 9.93
N VAL A 173 -14.25 21.70 10.99
CA VAL A 173 -15.70 21.71 10.91
C VAL A 173 -16.19 23.03 11.49
N LEU A 174 -17.25 23.58 10.87
CA LEU A 174 -17.86 24.82 11.34
C LEU A 174 -19.14 24.45 12.07
N GLN A 175 -19.13 24.62 13.39
CA GLN A 175 -20.29 24.29 14.21
C GLN A 175 -21.34 25.40 14.11
N SER A 176 -22.53 25.09 14.63
CA SER A 176 -23.60 26.08 14.68
C SER A 176 -23.30 27.24 15.62
N SER A 177 -22.24 27.14 16.43
CA SER A 177 -21.83 28.22 17.31
C SER A 177 -21.02 29.29 16.59
N GLY A 178 -20.61 29.04 15.35
CA GLY A 178 -19.75 29.95 14.63
C GLY A 178 -18.27 29.72 14.81
N LEU A 179 -17.89 28.75 15.65
CA LEU A 179 -16.50 28.45 15.92
C LEU A 179 -16.07 27.20 15.17
N TYR A 180 -14.76 27.09 14.94
CA TYR A 180 -14.18 25.99 14.20
C TYR A 180 -13.59 24.93 15.13
N SER A 181 -13.45 23.72 14.59
CA SER A 181 -12.83 22.61 15.32
C SER A 181 -12.25 21.64 14.30
N LEU A 182 -11.06 21.13 14.60
CA LEU A 182 -10.44 20.11 13.76
C LEU A 182 -9.68 19.13 14.64
N SER A 183 -9.14 18.09 14.00
CA SER A 183 -8.38 17.06 14.69
C SER A 183 -7.19 16.66 13.83
N SER A 184 -6.05 16.48 14.48
CA SER A 184 -4.84 16.01 13.81
C SER A 184 -4.47 14.65 14.41
N VAL A 185 -4.23 13.67 13.55
CA VAL A 185 -3.99 12.29 13.99
C VAL A 185 -2.70 11.79 13.37
N VAL A 186 -1.83 11.24 14.20
CA VAL A 186 -0.61 10.58 13.76
C VAL A 186 -0.77 9.09 13.97
N THR A 187 -0.48 8.31 12.95
CA THR A 187 -0.48 6.85 13.05
C THR A 187 0.95 6.39 13.32
N VAL A 188 1.17 5.84 14.51
CA VAL A 188 2.51 5.46 14.95
C VAL A 188 2.55 3.95 15.17
N PRO A 189 3.73 3.32 15.07
CA PRO A 189 3.83 1.91 15.46
C PRO A 189 3.51 1.74 16.94
N SER A 190 2.77 0.67 17.24
CA SER A 190 2.36 0.42 18.62
C SER A 190 3.56 0.21 19.53
N SER A 191 4.69 -0.24 18.99
CA SER A 191 5.87 -0.51 19.78
C SER A 191 6.63 0.75 20.20
N SER A 192 6.14 1.94 19.80
CA SER A 192 6.76 3.19 20.20
C SER A 192 6.01 3.89 21.33
N LEU A 193 4.82 3.41 21.70
CA LEU A 193 4.00 4.09 22.70
C LEU A 193 4.68 4.07 24.07
N GLY A 194 5.50 3.06 24.36
CA GLY A 194 6.11 2.96 25.66
C GLY A 194 7.37 3.79 25.84
N THR A 195 8.00 4.18 24.74
CA THR A 195 9.28 4.88 24.81
C THR A 195 9.26 6.27 24.18
N GLN A 196 8.55 6.44 23.07
CA GLN A 196 8.60 7.69 22.32
C GLN A 196 7.50 8.64 22.80
N THR A 197 7.87 9.90 22.99
CA THR A 197 6.93 10.93 23.41
C THR A 197 6.36 11.63 22.18
N TYR A 198 5.05 11.89 22.22
CA TYR A 198 4.35 12.56 21.12
C TYR A 198 3.75 13.86 21.63
N ILE A 199 4.25 14.97 21.11
CA ILE A 199 3.78 16.30 21.47
C ILE A 199 3.17 16.94 20.23
N CYS A 200 1.91 17.33 20.31
CA CYS A 200 1.28 18.09 19.24
C CYS A 200 1.39 19.57 19.56
N ASN A 201 1.64 20.38 18.54
CA ASN A 201 1.93 21.81 18.70
C ASN A 201 0.89 22.59 17.91
N VAL A 202 -0.03 23.23 18.62
CA VAL A 202 -1.13 23.96 18.00
C VAL A 202 -0.81 25.45 18.06
N ASN A 203 -0.74 26.08 16.89
CA ASN A 203 -0.45 27.51 16.77
C ASN A 203 -1.63 28.19 16.11
N HIS A 204 -2.17 29.20 16.78
CA HIS A 204 -3.28 30.00 16.28
C HIS A 204 -2.81 31.45 16.17
N LYS A 205 -2.43 31.85 14.95
CA LYS A 205 -1.85 33.18 14.75
C LYS A 205 -2.81 34.33 15.08
N PRO A 206 -4.07 34.33 14.63
CA PRO A 206 -4.92 35.52 14.89
C PRO A 206 -5.26 35.76 16.34
N SER A 207 -4.76 34.94 17.27
CA SER A 207 -4.99 35.19 18.69
C SER A 207 -3.73 35.00 19.53
N ASN A 208 -2.57 34.79 18.91
CA ASN A 208 -1.29 34.62 19.61
C ASN A 208 -1.36 33.47 20.61
N THR A 209 -1.86 32.34 20.14
CA THR A 209 -2.02 31.14 20.97
C THR A 209 -1.06 30.06 20.48
N LYS A 210 -0.27 29.51 21.40
CA LYS A 210 0.63 28.40 21.13
C LYS A 210 0.49 27.39 22.26
N VAL A 211 -0.12 26.24 21.95
CA VAL A 211 -0.36 25.20 22.95
C VAL A 211 0.41 23.95 22.53
N ASP A 212 1.07 23.32 23.49
CA ASP A 212 1.79 22.06 23.29
C ASP A 212 1.17 21.02 24.21
N LYS A 213 0.49 20.04 23.62
CA LYS A 213 -0.26 19.04 24.37
C LYS A 213 0.40 17.67 24.21
N LYS A 214 0.74 17.05 25.34
CA LYS A 214 1.33 15.71 25.35
C LYS A 214 0.21 14.68 25.31
N VAL A 215 0.33 13.70 24.43
CA VAL A 215 -0.62 12.60 24.33
C VAL A 215 0.06 11.35 24.89
N GLU A 216 -0.43 10.89 26.04
CA GLU A 216 0.18 9.75 26.69
C GLU A 216 -0.73 8.52 26.61
N PRO A 217 -0.30 7.15 26.51
CA PRO A 217 -1.09 5.66 26.54
C PRO A 217 -1.83 5.86 27.88
N LYS A 218 -3.15 5.92 27.85
CA LYS A 218 -4.10 4.97 28.50
C LYS A 218 -5.52 5.52 28.32
N SER B 2 -33.01 24.36 -9.66
CA SER B 2 -34.31 24.02 -9.09
C SER B 2 -35.40 24.04 -10.17
N VAL B 3 -35.42 25.11 -10.97
CA VAL B 3 -36.42 25.22 -12.02
C VAL B 3 -36.22 24.14 -13.07
N LEU B 4 -34.97 23.74 -13.32
CA LEU B 4 -34.66 22.62 -14.19
C LEU B 4 -34.13 21.47 -13.34
N THR B 5 -34.39 20.24 -13.80
CA THR B 5 -34.17 19.04 -13.01
C THR B 5 -32.99 18.25 -13.58
N GLN B 6 -31.90 18.17 -12.81
CA GLN B 6 -30.74 17.39 -13.16
C GLN B 6 -30.52 16.27 -12.14
N PRO B 7 -29.91 15.15 -12.52
CA PRO B 7 -29.52 14.15 -11.52
C PRO B 7 -28.47 14.73 -10.60
N ALA B 8 -28.57 14.39 -9.31
CA ALA B 8 -27.68 14.99 -8.32
C ALA B 8 -26.24 14.52 -8.51
N SER B 9 -26.04 13.34 -9.09
CA SER B 9 -24.69 12.82 -9.26
C SER B 9 -24.69 11.74 -10.34
N VAL B 10 -23.58 11.69 -11.08
CA VAL B 10 -23.32 10.62 -12.04
C VAL B 10 -21.86 10.22 -11.93
N SER B 11 -21.56 8.99 -12.30
CA SER B 11 -20.19 8.48 -12.26
C SER B 11 -19.85 7.81 -13.58
N GLY B 12 -18.56 7.66 -13.82
CA GLY B 12 -18.09 7.00 -15.03
C GLY B 12 -16.64 6.64 -14.90
N SER B 13 -16.23 5.65 -15.72
CA SER B 13 -14.84 5.26 -15.76
C SER B 13 -14.09 6.07 -16.82
N PRO B 14 -12.79 6.27 -16.65
CA PRO B 14 -12.02 7.00 -17.66
C PRO B 14 -12.05 6.28 -19.02
N GLY B 15 -12.13 7.09 -20.08
CA GLY B 15 -12.26 6.55 -21.42
C GLY B 15 -13.67 6.22 -21.84
N GLN B 16 -14.61 6.12 -20.90
CA GLN B 16 -16.00 5.82 -21.22
C GLN B 16 -16.76 7.11 -21.52
N SER B 17 -18.04 6.97 -21.83
CA SER B 17 -18.93 8.09 -22.06
C SER B 17 -20.01 8.13 -20.99
N ILE B 18 -20.40 9.34 -20.59
CA ILE B 18 -21.50 9.55 -19.66
C ILE B 18 -22.43 10.61 -20.23
N THR B 19 -23.66 10.61 -19.74
CA THR B 19 -24.67 11.56 -20.17
C THR B 19 -25.39 12.14 -18.96
N ILE B 20 -25.60 13.45 -18.98
CA ILE B 20 -26.28 14.17 -17.92
C ILE B 20 -27.57 14.76 -18.49
N SER B 21 -28.69 14.47 -17.85
CA SER B 21 -29.99 14.92 -18.33
C SER B 21 -30.39 16.23 -17.66
N CYS B 22 -31.31 16.94 -18.33
CA CYS B 22 -31.74 18.27 -17.89
C CYS B 22 -33.19 18.42 -18.33
N THR B 23 -34.12 18.30 -17.38
CA THR B 23 -35.54 18.25 -17.68
C THR B 23 -36.22 19.56 -17.30
N GLY B 24 -36.98 20.13 -18.24
CA GLY B 24 -37.75 21.32 -18.02
C GLY B 24 -39.18 21.15 -18.49
N THR B 25 -39.78 22.26 -18.90
CA THR B 25 -41.16 22.30 -19.36
C THR B 25 -41.22 22.83 -20.79
N SER B 26 -42.44 22.90 -21.32
CA SER B 26 -42.63 23.37 -22.68
C SER B 26 -42.33 24.85 -22.85
N SER B 27 -42.18 25.58 -21.75
CA SER B 27 -41.89 27.01 -21.85
C SER B 27 -40.41 27.34 -21.89
N ASP B 28 -39.54 26.43 -21.43
CA ASP B 28 -38.10 26.68 -21.50
C ASP B 28 -37.35 25.68 -22.36
N VAL B 29 -37.39 24.39 -22.02
CA VAL B 29 -36.52 23.42 -22.68
C VAL B 29 -37.16 22.87 -23.94
N GLY B 30 -38.44 22.53 -23.87
CA GLY B 30 -39.17 22.08 -25.04
C GLY B 30 -39.71 23.18 -25.91
N GLY B 31 -39.57 24.44 -25.51
CA GLY B 31 -40.11 25.53 -26.28
C GLY B 31 -39.06 26.25 -27.10
N TYR B 32 -37.80 26.11 -26.71
CA TYR B 32 -36.71 26.83 -27.35
C TYR B 32 -35.51 25.91 -27.50
N ASN B 33 -34.68 26.20 -28.51
CA ASN B 33 -33.40 25.52 -28.69
C ASN B 33 -32.27 26.37 -28.12
N TYR B 34 -32.39 26.70 -26.84
CA TYR B 34 -31.46 27.58 -26.13
C TYR B 34 -31.00 26.91 -24.83
N VAL B 35 -30.58 25.66 -24.92
CA VAL B 35 -30.06 24.95 -23.76
C VAL B 35 -28.56 25.16 -23.68
N SER B 36 -28.08 25.54 -22.50
CA SER B 36 -26.68 25.83 -22.26
C SER B 36 -26.14 24.90 -21.18
N TRP B 37 -24.83 24.64 -21.23
CA TRP B 37 -24.18 23.76 -20.26
C TRP B 37 -22.90 24.42 -19.74
N TYR B 38 -22.69 24.31 -18.42
CA TYR B 38 -21.57 24.95 -17.76
C TYR B 38 -20.83 23.95 -16.87
N GLN B 39 -19.50 24.01 -16.93
CA GLN B 39 -18.63 23.19 -16.10
C GLN B 39 -18.07 24.05 -14.98
N GLN B 40 -18.09 23.54 -13.75
CA GLN B 40 -17.60 24.28 -12.59
C GLN B 40 -16.71 23.37 -11.74
N HIS B 41 -15.41 23.63 -11.77
CA HIS B 41 -14.49 22.96 -10.89
C HIS B 41 -14.57 23.56 -9.49
N PRO B 42 -14.14 22.82 -8.46
CA PRO B 42 -14.25 23.33 -7.09
C PRO B 42 -13.51 24.65 -6.92
N GLY B 43 -14.21 25.62 -6.33
CA GLY B 43 -13.65 26.93 -6.06
C GLY B 43 -13.62 27.88 -7.24
N LYS B 44 -14.07 27.47 -8.42
CA LYS B 44 -13.91 28.26 -9.62
C LYS B 44 -15.28 28.63 -10.21
N ALA B 45 -15.26 29.56 -11.14
CA ALA B 45 -16.46 30.05 -11.79
C ALA B 45 -16.98 29.04 -12.81
N PRO B 46 -18.28 29.07 -13.11
CA PRO B 46 -18.79 28.26 -14.22
C PRO B 46 -18.15 28.67 -15.53
N LYS B 47 -18.00 27.70 -16.42
CA LYS B 47 -17.41 27.91 -17.74
C LYS B 47 -18.32 27.33 -18.80
N LEU B 48 -18.58 28.11 -19.85
CA LEU B 48 -19.49 27.67 -20.90
C LEU B 48 -18.88 26.55 -21.71
N MET B 49 -19.61 25.44 -21.84
CA MET B 49 -19.18 24.27 -22.59
C MET B 49 -20.03 24.00 -23.81
N ILE B 50 -21.32 24.12 -23.65
CA ILE B 50 -22.26 23.88 -24.77
C ILE B 50 -23.33 24.96 -24.72
N TYR B 51 -23.62 25.57 -25.84
CA TYR B 51 -24.71 26.55 -25.89
C TYR B 51 -25.64 26.22 -27.05
N ASP B 52 -26.86 26.73 -27.05
CA ASP B 52 -27.80 26.56 -28.18
C ASP B 52 -28.01 25.08 -28.48
N VAL B 53 -28.24 24.29 -27.46
CA VAL B 53 -28.46 22.82 -27.50
C VAL B 53 -27.23 22.01 -27.91
N ASN B 54 -26.68 22.19 -29.09
CA ASN B 54 -25.57 21.34 -29.54
C ASN B 54 -24.41 22.14 -30.09
N ASN B 55 -24.39 23.41 -29.84
CA ASN B 55 -23.25 24.20 -30.28
C ASN B 55 -22.17 24.24 -29.21
N ARG B 56 -20.93 24.45 -29.65
CA ARG B 56 -19.78 24.36 -28.78
C ARG B 56 -18.74 25.42 -29.15
N PRO B 57 -18.18 26.12 -28.16
CA PRO B 57 -17.08 27.05 -28.46
C PRO B 57 -15.86 26.31 -28.99
N SER B 58 -15.07 27.03 -29.79
CA SER B 58 -13.91 26.39 -30.43
C SER B 58 -12.86 25.96 -29.43
N GLU B 59 -12.79 26.62 -28.27
CA GLU B 59 -11.79 26.29 -27.26
C GLU B 59 -12.21 25.11 -26.38
N VAL B 60 -13.46 24.69 -26.44
CA VAL B 60 -13.95 23.58 -25.65
C VAL B 60 -13.71 22.28 -26.40
N SER B 61 -13.17 21.28 -25.71
CA SER B 61 -12.85 20.00 -26.34
C SER B 61 -14.07 19.41 -27.03
N ASN B 62 -13.84 18.78 -28.18
CA ASN B 62 -14.93 18.14 -28.91
C ASN B 62 -15.38 16.82 -28.28
N ARG B 63 -14.90 16.49 -27.08
CA ARG B 63 -15.47 15.38 -26.33
C ARG B 63 -16.80 15.72 -25.69
N PHE B 64 -17.16 17.01 -25.63
CA PHE B 64 -18.44 17.46 -25.11
C PHE B 64 -19.41 17.70 -26.26
N SER B 65 -20.64 17.23 -26.11
CA SER B 65 -21.67 17.43 -27.11
C SER B 65 -23.01 17.56 -26.41
N GLY B 66 -23.96 18.19 -27.09
CA GLY B 66 -25.28 18.41 -26.53
C GLY B 66 -26.36 17.96 -27.49
N SER B 67 -27.50 17.59 -26.91
CA SER B 67 -28.66 17.18 -27.68
C SER B 67 -29.92 17.48 -26.88
N LYS B 68 -31.06 17.38 -27.55
CA LYS B 68 -32.34 17.63 -26.89
C LYS B 68 -33.41 16.77 -27.55
N SER B 69 -34.40 16.39 -26.76
CA SER B 69 -35.57 15.67 -27.26
C SER B 69 -36.73 15.98 -26.33
N GLY B 70 -37.73 16.68 -26.84
CA GLY B 70 -38.87 17.03 -26.01
C GLY B 70 -38.46 18.01 -24.94
N ASN B 71 -38.76 17.68 -23.68
CA ASN B 71 -38.50 18.56 -22.55
C ASN B 71 -37.21 18.22 -21.80
N THR B 72 -36.35 17.37 -22.37
CA THR B 72 -35.12 16.96 -21.71
C THR B 72 -33.93 17.19 -22.63
N ALA B 73 -32.92 17.89 -22.11
CA ALA B 73 -31.66 18.08 -22.80
C ALA B 73 -30.60 17.17 -22.20
N SER B 74 -29.55 16.91 -22.97
CA SER B 74 -28.53 15.97 -22.55
C SER B 74 -27.14 16.50 -22.89
N LEU B 75 -26.23 16.34 -21.94
CA LEU B 75 -24.81 16.59 -22.14
C LEU B 75 -24.08 15.25 -22.14
N THR B 76 -23.27 15.01 -23.16
CA THR B 76 -22.51 13.78 -23.28
C THR B 76 -21.03 14.11 -23.33
N ILE B 77 -20.25 13.43 -22.47
CA ILE B 77 -18.80 13.57 -22.43
C ILE B 77 -18.19 12.23 -22.79
N SER B 78 -17.45 12.19 -23.90
CA SER B 78 -16.82 10.95 -24.35
C SER B 78 -15.34 10.96 -24.01
N GLY B 79 -14.80 9.77 -23.75
CA GLY B 79 -13.42 9.62 -23.37
C GLY B 79 -13.10 10.34 -22.07
N LEU B 80 -13.81 9.97 -21.00
CA LEU B 80 -13.70 10.65 -19.72
C LEU B 80 -12.26 10.74 -19.25
N GLN B 81 -11.85 11.96 -18.88
CA GLN B 81 -10.57 12.21 -18.26
C GLN B 81 -10.78 12.71 -16.84
N ALA B 82 -9.74 12.58 -16.02
CA ALA B 82 -9.83 13.02 -14.63
C ALA B 82 -10.21 14.50 -14.54
N GLU B 83 -9.78 15.31 -15.52
CA GLU B 83 -10.08 16.73 -15.50
C GLU B 83 -11.56 17.04 -15.74
N ASP B 84 -12.33 16.06 -16.23
CA ASP B 84 -13.76 16.28 -16.45
C ASP B 84 -14.57 16.17 -15.17
N GLU B 85 -13.98 15.69 -14.08
CA GLU B 85 -14.67 15.59 -12.80
C GLU B 85 -14.92 16.99 -12.25
N ALA B 86 -16.17 17.40 -12.23
CA ALA B 86 -16.58 18.72 -11.74
C ALA B 86 -18.09 18.72 -11.56
N ASP B 87 -18.65 19.89 -11.27
CA ASP B 87 -20.08 20.08 -11.26
C ASP B 87 -20.53 20.60 -12.61
N TYR B 88 -21.71 20.17 -13.05
CA TYR B 88 -22.27 20.57 -14.34
C TYR B 88 -23.66 21.12 -14.13
N TYR B 89 -23.92 22.29 -14.71
CA TYR B 89 -25.21 22.97 -14.64
C TYR B 89 -25.74 23.21 -16.04
N CYS B 90 -27.03 23.01 -16.22
CA CYS B 90 -27.70 23.38 -17.45
C CYS B 90 -28.54 24.63 -17.23
N SER B 91 -28.81 25.33 -18.32
CA SER B 91 -29.69 26.49 -18.29
C SER B 91 -30.49 26.54 -19.58
N SER B 92 -31.65 27.17 -19.50
CA SER B 92 -32.49 27.34 -20.68
C SER B 92 -33.02 28.77 -20.72
N TYR B 93 -33.36 29.19 -21.93
CA TYR B 93 -34.04 30.46 -22.13
C TYR B 93 -35.50 30.34 -21.73
N THR B 94 -35.99 31.35 -21.03
CA THR B 94 -37.43 31.55 -20.85
C THR B 94 -37.78 32.92 -21.42
N THR B 95 -39.07 33.14 -21.64
CA THR B 95 -39.50 34.39 -22.26
C THR B 95 -39.13 35.58 -21.37
N GLY B 96 -39.11 36.75 -21.99
CA GLY B 96 -38.58 37.93 -21.32
C GLY B 96 -37.08 38.01 -21.33
N SER B 97 -36.42 37.19 -22.15
CA SER B 97 -34.96 37.14 -22.22
C SER B 97 -34.35 36.88 -20.84
N ARG B 98 -34.90 35.89 -20.15
CA ARG B 98 -34.41 35.44 -18.87
C ARG B 98 -33.79 34.06 -19.02
N ALA B 99 -33.28 33.54 -17.90
CA ALA B 99 -32.69 32.21 -17.89
C ALA B 99 -33.02 31.50 -16.59
N VAL B 100 -33.30 30.21 -16.69
CA VAL B 100 -33.50 29.35 -15.53
C VAL B 100 -32.41 28.29 -15.54
N PHE B 101 -31.96 27.90 -14.34
CA PHE B 101 -30.86 26.97 -14.21
C PHE B 101 -31.36 25.62 -13.69
N GLY B 102 -30.54 24.60 -13.91
CA GLY B 102 -30.74 23.32 -13.28
C GLY B 102 -30.16 23.29 -11.88
N GLY B 103 -30.38 22.15 -11.20
CA GLY B 103 -29.87 21.98 -9.86
C GLY B 103 -28.40 21.68 -9.76
N GLY B 104 -27.79 21.23 -10.84
CA GLY B 104 -26.39 20.85 -10.84
C GLY B 104 -26.20 19.35 -10.71
N THR B 105 -25.14 18.85 -11.34
CA THR B 105 -24.81 17.43 -11.33
C THR B 105 -23.34 17.27 -10.99
N LYS B 106 -23.04 16.50 -9.95
CA LYS B 106 -21.67 16.20 -9.57
C LYS B 106 -21.18 15.00 -10.38
N LEU B 107 -20.19 15.21 -11.24
CA LEU B 107 -19.59 14.14 -12.01
C LEU B 107 -18.37 13.60 -11.30
N THR B 108 -18.32 12.29 -11.10
CA THR B 108 -17.17 11.61 -10.53
C THR B 108 -16.56 10.71 -11.59
N VAL B 109 -15.26 10.87 -11.81
CA VAL B 109 -14.51 10.01 -12.72
C VAL B 109 -13.72 9.05 -11.87
N LEU B 110 -14.09 7.76 -11.93
CA LEU B 110 -13.49 6.75 -11.07
C LEU B 110 -12.08 6.39 -11.55
N GLY B 111 -11.08 7.09 -11.04
CA GLY B 111 -9.70 6.87 -11.41
C GLY B 111 -8.93 5.92 -10.51
N GLN B 112 -9.51 5.49 -9.40
CA GLN B 112 -8.88 4.56 -8.48
C GLN B 112 -9.86 3.45 -8.14
N PRO B 113 -9.37 2.28 -7.74
CA PRO B 113 -10.27 1.22 -7.26
C PRO B 113 -10.98 1.65 -5.99
N LYS B 114 -12.06 0.95 -5.69
CA LYS B 114 -12.81 1.23 -4.47
C LYS B 114 -11.92 1.02 -3.26
N ALA B 115 -12.07 1.91 -2.27
CA ALA B 115 -11.29 1.85 -1.04
C ALA B 115 -12.25 1.98 0.14
N ASN B 116 -12.30 0.96 0.98
CA ASN B 116 -13.18 0.99 2.12
C ASN B 116 -12.61 1.95 3.19
N PRO B 117 -13.47 2.68 3.88
CA PRO B 117 -12.98 3.69 4.82
C PRO B 117 -12.38 3.07 6.09
N THR B 118 -11.43 3.81 6.67
CA THR B 118 -10.80 3.45 7.93
C THR B 118 -11.34 4.39 9.01
N VAL B 119 -12.06 3.83 9.97
CA VAL B 119 -12.79 4.60 10.98
C VAL B 119 -12.12 4.38 12.34
N THR B 120 -11.67 5.47 12.95
CA THR B 120 -11.17 5.46 14.32
C THR B 120 -12.01 6.42 15.14
N LEU B 121 -12.54 5.92 16.26
CA LEU B 121 -13.44 6.69 17.12
C LEU B 121 -12.76 6.90 18.47
N PHE B 122 -12.63 8.16 18.87
CA PHE B 122 -12.01 8.54 20.14
C PHE B 122 -13.07 8.92 21.16
N PRO B 123 -12.89 8.52 22.41
CA PRO B 123 -13.79 8.95 23.47
C PRO B 123 -13.42 10.35 23.94
N PRO B 124 -14.28 11.02 24.69
CA PRO B 124 -13.91 12.32 25.25
C PRO B 124 -12.77 12.17 26.26
N SER B 125 -11.77 13.03 26.13
CA SER B 125 -10.62 12.97 27.01
C SER B 125 -10.99 13.40 28.43
N SER B 126 -10.21 12.92 29.40
CA SER B 126 -10.45 13.30 30.79
C SER B 126 -10.12 14.77 31.02
N GLU B 127 -9.19 15.34 30.23
CA GLU B 127 -8.96 16.77 30.29
C GLU B 127 -10.20 17.55 29.89
N GLU B 128 -10.92 17.06 28.88
CA GLU B 128 -12.14 17.73 28.44
C GLU B 128 -13.30 17.44 29.38
N LEU B 129 -13.39 16.22 29.90
CA LEU B 129 -14.42 15.92 30.90
C LEU B 129 -14.22 16.75 32.15
N GLN B 130 -12.98 17.11 32.47
CA GLN B 130 -12.71 17.98 33.60
C GLN B 130 -13.19 19.40 33.38
N ALA B 131 -13.56 19.75 32.15
CA ALA B 131 -14.06 21.08 31.83
C ALA B 131 -15.56 21.07 31.49
N ASN B 132 -16.30 20.07 31.98
CA ASN B 132 -17.74 19.97 31.76
C ASN B 132 -18.08 19.87 30.27
N LYS B 133 -17.21 19.24 29.49
CA LYS B 133 -17.43 19.06 28.06
C LYS B 133 -17.19 17.60 27.70
N ALA B 134 -17.75 17.18 26.57
CA ALA B 134 -17.58 15.81 26.10
C ALA B 134 -17.79 15.79 24.59
N THR B 135 -16.73 15.53 23.85
CA THR B 135 -16.77 15.48 22.39
C THR B 135 -16.27 14.12 21.92
N LEU B 136 -17.08 13.46 21.10
CA LEU B 136 -16.70 12.20 20.48
C LEU B 136 -16.20 12.46 19.07
N VAL B 137 -14.97 12.05 18.78
CA VAL B 137 -14.31 12.34 17.53
C VAL B 137 -14.29 11.08 16.68
N CYS B 138 -15.04 11.09 15.58
CA CYS B 138 -15.08 9.99 14.63
C CYS B 138 -14.38 10.42 13.35
N LEU B 139 -13.26 9.77 13.04
CA LEU B 139 -12.42 10.17 11.93
C LEU B 139 -12.42 9.09 10.85
N ILE B 140 -12.59 9.50 9.60
CA ILE B 140 -12.69 8.60 8.46
C ILE B 140 -11.59 8.97 7.47
N SER B 141 -10.91 7.96 6.93
CA SER B 141 -9.79 8.23 6.06
C SER B 141 -9.65 7.12 5.03
N ASP B 142 -8.95 7.46 3.94
CA ASP B 142 -8.52 6.49 2.92
C ASP B 142 -9.68 5.73 2.29
N PHE B 143 -10.73 6.46 1.91
CA PHE B 143 -11.84 5.85 1.20
C PHE B 143 -12.01 6.48 -0.17
N TYR B 144 -12.54 5.69 -1.10
CA TYR B 144 -12.76 6.13 -2.47
C TYR B 144 -13.87 5.30 -3.08
N PRO B 145 -14.85 5.90 -3.77
CA PRO B 145 -14.96 7.35 -4.00
C PRO B 145 -15.36 8.15 -2.76
N GLY B 146 -15.17 9.46 -2.82
CA GLY B 146 -15.37 10.31 -1.65
C GLY B 146 -16.82 10.64 -1.35
N ALA B 147 -17.57 9.66 -0.86
CA ALA B 147 -18.95 9.89 -0.45
C ALA B 147 -19.26 8.96 0.70
N VAL B 148 -19.46 9.53 1.90
CA VAL B 148 -19.83 8.76 3.08
C VAL B 148 -20.95 9.48 3.81
N THR B 149 -21.71 8.70 4.57
CA THR B 149 -22.73 9.23 5.48
C THR B 149 -22.49 8.65 6.86
N VAL B 150 -22.52 9.51 7.88
CA VAL B 150 -22.20 9.13 9.24
C VAL B 150 -23.46 9.22 10.09
N ALA B 151 -23.77 8.15 10.80
CA ALA B 151 -24.91 8.10 11.71
C ALA B 151 -24.42 7.72 13.10
N TRP B 152 -24.83 8.47 14.11
CA TRP B 152 -24.47 8.20 15.50
C TRP B 152 -25.59 7.46 16.21
N LYS B 153 -25.21 6.62 17.17
CA LYS B 153 -26.16 5.83 17.94
C LYS B 153 -25.68 5.72 19.38
N ALA B 154 -26.63 5.81 20.32
CA ALA B 154 -26.38 5.59 21.73
C ALA B 154 -27.15 4.34 22.14
N ASP B 155 -26.42 3.25 22.40
CA ASP B 155 -26.98 1.96 22.78
C ASP B 155 -27.94 1.42 21.72
N GLY B 156 -27.80 1.86 20.47
CA GLY B 156 -28.65 1.41 19.38
C GLY B 156 -29.64 2.46 18.89
N SER B 157 -29.99 3.43 19.72
CA SER B 157 -30.94 4.44 19.28
C SER B 157 -30.22 5.58 18.55
N PRO B 158 -30.75 6.02 17.42
CA PRO B 158 -30.06 7.05 16.64
C PRO B 158 -30.00 8.37 17.39
N VAL B 159 -28.85 9.04 17.30
CA VAL B 159 -28.60 10.29 17.98
C VAL B 159 -28.32 11.35 16.93
N LYS B 160 -29.21 12.33 16.82
CA LYS B 160 -29.02 13.48 15.94
C LYS B 160 -29.17 14.73 16.81
N ALA B 161 -28.09 15.08 17.51
CA ALA B 161 -28.05 16.29 18.34
C ALA B 161 -26.60 16.63 18.65
N GLY B 162 -26.20 17.88 18.35
CA GLY B 162 -24.81 18.25 18.49
C GLY B 162 -23.89 17.52 17.56
N VAL B 163 -24.40 16.99 16.46
CA VAL B 163 -23.60 16.27 15.47
C VAL B 163 -23.08 17.27 14.45
N GLU B 164 -21.75 17.32 14.29
CA GLU B 164 -21.11 18.15 13.27
C GLU B 164 -20.24 17.25 12.42
N THR B 165 -20.52 17.22 11.12
CA THR B 165 -19.81 16.37 10.18
C THR B 165 -19.25 17.21 9.04
N THR B 166 -18.00 16.93 8.68
CA THR B 166 -17.39 17.58 7.52
C THR B 166 -17.75 16.83 6.24
N LYS B 167 -17.51 17.48 5.12
CA LYS B 167 -17.66 16.81 3.85
C LYS B 167 -16.35 16.12 3.46
N PRO B 168 -16.41 15.12 2.58
CA PRO B 168 -15.18 14.45 2.16
C PRO B 168 -14.20 15.44 1.52
N SER B 169 -12.92 15.21 1.78
CA SER B 169 -11.86 16.08 1.31
C SER B 169 -10.69 15.23 0.82
N LYS B 170 -10.07 15.67 -0.28
CA LYS B 170 -8.99 14.89 -0.88
C LYS B 170 -7.77 14.86 0.03
N GLN B 171 -7.21 13.66 0.23
CA GLN B 171 -5.97 13.49 0.97
C GLN B 171 -4.80 13.72 0.03
N SER B 172 -3.58 13.48 0.51
CA SER B 172 -2.40 13.60 -0.35
C SER B 172 -2.35 12.48 -1.38
N ASN B 173 -2.84 11.29 -1.03
CA ASN B 173 -2.87 10.15 -1.94
C ASN B 173 -4.13 10.14 -2.82
N ASN B 174 -4.85 11.26 -2.88
CA ASN B 174 -6.07 11.45 -3.67
C ASN B 174 -7.18 10.49 -3.25
N LYS B 175 -7.05 9.81 -2.12
CA LYS B 175 -8.20 9.25 -1.44
C LYS B 175 -8.86 10.34 -0.60
N TYR B 176 -9.97 10.02 0.04
CA TYR B 176 -10.76 11.02 0.73
C TYR B 176 -10.79 10.78 2.23
N ALA B 177 -11.08 11.84 2.96
CA ALA B 177 -11.14 11.82 4.41
C ALA B 177 -12.25 12.74 4.89
N ALA B 178 -12.78 12.44 6.07
CA ALA B 178 -13.83 13.25 6.67
C ALA B 178 -13.89 12.93 8.16
N SER B 179 -14.46 13.85 8.92
CA SER B 179 -14.58 13.71 10.36
C SER B 179 -15.98 14.08 10.79
N SER B 180 -16.41 13.51 11.91
CA SER B 180 -17.72 13.81 12.50
C SER B 180 -17.55 13.94 14.00
N TYR B 181 -18.20 14.96 14.57
CA TYR B 181 -18.08 15.27 15.98
C TYR B 181 -19.45 15.21 16.63
N LEU B 182 -19.60 14.34 17.64
CA LEU B 182 -20.80 14.28 18.46
C LEU B 182 -20.50 14.99 19.77
N SER B 183 -21.01 16.22 19.91
CA SER B 183 -20.80 16.98 21.13
C SER B 183 -21.84 16.58 22.17
N LEU B 184 -21.37 16.29 23.38
CA LEU B 184 -22.23 15.80 24.45
C LEU B 184 -21.89 16.54 25.75
N THR B 185 -22.66 16.24 26.78
CA THR B 185 -22.47 16.65 28.16
C THR B 185 -21.87 15.51 28.97
N PRO B 186 -21.05 15.80 29.98
CA PRO B 186 -20.51 14.73 30.82
C PRO B 186 -21.57 13.83 31.41
N GLU B 187 -22.77 14.35 31.65
CA GLU B 187 -23.86 13.53 32.15
C GLU B 187 -24.38 12.59 31.06
N GLN B 188 -24.57 13.09 29.85
CA GLN B 188 -25.01 12.24 28.75
C GLN B 188 -23.95 11.22 28.38
N TRP B 189 -22.67 11.55 28.58
CA TRP B 189 -21.60 10.61 28.27
C TRP B 189 -21.58 9.44 29.25
N LYS B 190 -22.01 9.66 30.49
CA LYS B 190 -22.05 8.61 31.50
C LYS B 190 -23.43 7.97 31.64
N SER B 191 -24.43 8.45 30.91
CA SER B 191 -25.80 7.96 31.04
C SER B 191 -26.11 6.81 30.09
N HIS B 192 -25.19 6.44 29.22
CA HIS B 192 -25.40 5.37 28.25
C HIS B 192 -24.26 4.37 28.34
N ARG B 193 -24.54 3.15 27.87
CA ARG B 193 -23.53 2.09 27.96
C ARG B 193 -22.48 2.23 26.86
N SER B 194 -22.91 2.51 25.63
CA SER B 194 -21.97 2.54 24.50
C SER B 194 -22.53 3.43 23.40
N TYR B 195 -21.74 4.40 22.98
CA TYR B 195 -22.04 5.19 21.78
C TYR B 195 -21.38 4.53 20.57
N SER B 196 -21.86 4.92 19.38
CA SER B 196 -21.43 4.24 18.17
C SER B 196 -21.38 5.22 17.00
N CYS B 197 -20.34 5.08 16.19
CA CYS B 197 -20.20 5.83 14.94
C CYS B 197 -20.35 4.86 13.78
N GLN B 198 -21.39 5.07 12.97
CA GLN B 198 -21.68 4.21 11.82
C GLN B 198 -21.39 4.98 10.54
N VAL B 199 -20.43 4.48 9.77
CA VAL B 199 -20.03 5.10 8.50
C VAL B 199 -20.49 4.20 7.37
N THR B 200 -21.20 4.77 6.41
CA THR B 200 -21.72 4.05 5.26
C THR B 200 -21.02 4.53 3.99
N HIS B 201 -20.44 3.59 3.25
CA HIS B 201 -19.67 3.91 2.05
C HIS B 201 -19.99 2.86 1.00
N GLU B 202 -20.61 3.29 -0.10
CA GLU B 202 -20.96 2.40 -1.22
C GLU B 202 -21.78 1.21 -0.75
N GLY B 203 -22.80 1.49 0.05
CA GLY B 203 -23.72 0.49 0.56
C GLY B 203 -23.26 -0.21 1.83
N SER B 204 -21.97 -0.51 1.93
CA SER B 204 -21.44 -1.19 3.11
C SER B 204 -21.34 -0.22 4.28
N THR B 205 -21.75 -0.68 5.45
CA THR B 205 -21.74 0.12 6.68
C THR B 205 -20.71 -0.45 7.64
N VAL B 206 -19.77 0.40 8.05
CA VAL B 206 -18.77 0.05 9.05
C VAL B 206 -19.12 0.76 10.35
N GLU B 207 -18.78 0.13 11.46
CA GLU B 207 -19.21 0.60 12.77
C GLU B 207 -18.05 0.58 13.75
N LYS B 208 -17.98 1.61 14.59
CA LYS B 208 -17.02 1.67 15.68
C LYS B 208 -17.74 2.16 16.93
N THR B 209 -17.55 1.44 18.04
CA THR B 209 -18.24 1.74 19.28
C THR B 209 -17.24 2.04 20.40
N VAL B 210 -17.65 2.93 21.31
CA VAL B 210 -16.85 3.33 22.46
C VAL B 210 -17.76 3.42 23.67
N ALA B 211 -17.21 3.08 24.83
CA ALA B 211 -17.94 3.06 26.10
C ALA B 211 -17.16 3.81 27.16
N PRO B 212 -17.84 4.31 28.20
CA PRO B 212 -17.12 4.93 29.32
C PRO B 212 -16.35 3.91 30.13
N GLU C 1 -6.50 6.57 -13.85
CA GLU C 1 -5.32 7.05 -14.58
C GLU C 1 -4.53 8.05 -13.77
N VAL C 2 -3.39 8.47 -14.31
CA VAL C 2 -2.60 9.56 -13.76
C VAL C 2 -2.44 10.60 -14.84
N GLN C 3 -2.83 11.84 -14.54
CA GLN C 3 -2.81 12.93 -15.51
C GLN C 3 -2.03 14.09 -14.93
N LEU C 4 -1.27 14.77 -15.78
CA LEU C 4 -0.45 15.91 -15.39
C LEU C 4 -1.00 17.16 -16.07
N VAL C 5 -1.57 18.07 -15.29
CA VAL C 5 -2.23 19.27 -15.80
C VAL C 5 -1.33 20.46 -15.51
N GLN C 6 -0.89 21.15 -16.57
CA GLN C 6 0.00 22.29 -16.45
C GLN C 6 -0.78 23.60 -16.53
N SER C 7 -0.10 24.68 -16.14
CA SER C 7 -0.70 26.01 -16.16
C SER C 7 -0.69 26.58 -17.59
N GLY C 8 -1.35 27.73 -17.74
CA GLY C 8 -1.57 28.30 -19.05
C GLY C 8 -0.34 28.95 -19.66
N ALA C 9 -0.50 29.37 -20.91
CA ALA C 9 0.59 30.01 -21.64
C ALA C 9 0.95 31.35 -21.02
N GLU C 10 2.24 31.70 -21.14
CA GLU C 10 2.78 32.89 -20.51
C GLU C 10 3.52 33.73 -21.54
N VAL C 11 3.37 35.05 -21.45
CA VAL C 11 4.11 36.01 -22.26
C VAL C 11 4.73 37.02 -21.32
N LYS C 12 6.05 37.07 -21.28
CA LYS C 12 6.79 37.87 -20.31
C LYS C 12 7.88 38.66 -21.02
N LYS C 13 8.49 39.58 -20.28
CA LYS C 13 9.65 40.34 -20.72
C LYS C 13 10.91 39.87 -20.00
N PRO C 14 12.08 40.09 -20.60
CA PRO C 14 13.32 39.71 -19.93
C PRO C 14 13.49 40.47 -18.61
N GLY C 15 13.96 39.74 -17.59
CA GLY C 15 14.14 40.28 -16.26
C GLY C 15 13.03 39.91 -15.29
N GLU C 16 11.82 39.67 -15.79
CA GLU C 16 10.71 39.31 -14.93
C GLU C 16 10.86 37.88 -14.43
N SER C 17 10.24 37.60 -13.29
CA SER C 17 10.21 36.24 -12.74
C SER C 17 9.01 35.49 -13.29
N LEU C 18 9.06 34.17 -13.18
CA LEU C 18 8.02 33.32 -13.73
C LEU C 18 7.93 32.02 -12.95
N THR C 19 6.70 31.56 -12.72
CA THR C 19 6.43 30.28 -12.07
C THR C 19 5.32 29.58 -12.83
N ILE C 20 5.61 28.41 -13.38
CA ILE C 20 4.60 27.56 -14.02
C ILE C 20 4.43 26.32 -13.17
N SER C 21 3.20 25.82 -13.10
CA SER C 21 2.85 24.73 -12.21
C SER C 21 2.36 23.52 -13.00
N CYS C 22 2.24 22.40 -12.30
CA CYS C 22 1.87 21.13 -12.91
C CYS C 22 1.30 20.22 -11.82
N LYS C 23 0.04 19.83 -11.96
CA LYS C 23 -0.69 19.08 -10.95
C LYS C 23 -0.94 17.66 -11.43
N ALA C 24 -0.63 16.69 -10.57
CA ALA C 24 -0.77 15.28 -10.89
C ALA C 24 -1.98 14.70 -10.17
N SER C 25 -2.82 13.98 -10.90
CA SER C 25 -4.01 13.36 -10.36
C SER C 25 -3.79 11.86 -10.17
N GLY C 26 -4.78 11.20 -9.56
CA GLY C 26 -4.67 9.78 -9.33
C GLY C 26 -3.61 9.46 -8.28
N TYR C 27 -3.18 8.20 -8.29
CA TYR C 27 -2.15 7.75 -7.36
C TYR C 27 -1.34 6.63 -7.98
N SER C 28 -0.01 6.74 -7.85
CA SER C 28 0.90 5.69 -8.26
C SER C 28 1.82 5.36 -7.08
N PHE C 29 2.46 4.20 -7.18
CA PHE C 29 3.45 3.82 -6.17
C PHE C 29 4.68 4.73 -6.30
N PRO C 30 5.34 5.03 -5.17
CA PRO C 30 6.44 6.01 -5.21
C PRO C 30 7.70 5.48 -5.90
N ASN C 31 7.61 5.28 -7.22
CA ASN C 31 8.74 4.84 -8.02
C ASN C 31 9.14 5.87 -9.08
N TYR C 32 8.77 7.14 -8.88
CA TYR C 32 8.90 8.12 -9.94
C TYR C 32 9.38 9.45 -9.38
N TRP C 33 9.92 10.27 -10.29
CA TRP C 33 10.17 11.68 -10.08
C TRP C 33 9.25 12.49 -10.99
N ILE C 34 9.13 13.78 -10.67
CA ILE C 34 8.52 14.74 -11.58
C ILE C 34 9.66 15.51 -12.26
N THR C 35 9.67 15.50 -13.58
CA THR C 35 10.73 16.13 -14.35
C THR C 35 10.16 17.20 -15.26
N TRP C 36 10.97 18.21 -15.55
CA TRP C 36 10.63 19.30 -16.46
C TRP C 36 11.49 19.22 -17.70
N VAL C 37 10.87 19.38 -18.86
CA VAL C 37 11.54 19.24 -20.16
C VAL C 37 11.29 20.49 -20.98
N ARG C 38 12.35 21.01 -21.59
CA ARG C 38 12.25 22.18 -22.45
C ARG C 38 12.29 21.76 -23.91
N GLN C 39 11.37 22.30 -24.70
CA GLN C 39 11.36 22.11 -26.14
C GLN C 39 11.30 23.48 -26.81
N MET C 40 12.42 23.90 -27.38
CA MET C 40 12.46 25.17 -28.09
C MET C 40 11.91 25.02 -29.49
N SER C 41 11.32 26.11 -30.00
CA SER C 41 10.68 26.08 -31.32
C SER C 41 11.65 25.59 -32.38
N GLY C 42 11.25 24.54 -33.09
CA GLY C 42 12.13 23.93 -34.08
C GLY C 42 13.36 23.28 -33.47
N GLY C 43 13.19 22.66 -32.29
CA GLY C 43 14.31 22.05 -31.59
C GLY C 43 13.90 20.77 -30.90
N GLY C 44 14.86 20.18 -30.20
CA GLY C 44 14.65 18.93 -29.50
C GLY C 44 14.26 19.13 -28.05
N LEU C 45 14.20 18.02 -27.33
CA LEU C 45 13.82 18.02 -25.92
C LEU C 45 15.06 18.10 -25.05
N GLU C 46 14.94 18.83 -23.94
CA GLU C 46 16.05 19.04 -23.02
C GLU C 46 15.61 18.70 -21.61
N TRP C 47 16.31 17.75 -20.99
CA TRP C 47 16.05 17.41 -19.59
C TRP C 47 16.57 18.53 -18.70
N MET C 48 15.68 19.17 -17.95
CA MET C 48 16.07 20.28 -17.09
C MET C 48 16.41 19.83 -15.69
N GLY C 49 15.58 18.97 -15.10
CA GLY C 49 15.81 18.48 -13.77
C GLY C 49 14.65 17.63 -13.30
N ARG C 50 14.81 17.08 -12.10
CA ARG C 50 13.79 16.24 -11.51
C ARG C 50 13.67 16.54 -10.02
N ILE C 51 12.49 16.26 -9.48
CA ILE C 51 12.24 16.38 -8.05
C ILE C 51 11.55 15.10 -7.58
N ASP C 52 11.91 14.65 -6.38
CA ASP C 52 11.26 13.50 -5.77
C ASP C 52 10.08 14.00 -4.94
N PRO C 53 8.85 13.58 -5.25
CA PRO C 53 7.69 14.09 -4.49
C PRO C 53 7.71 13.72 -3.02
N GLY C 54 8.45 12.67 -2.66
CA GLY C 54 8.46 12.23 -1.28
C GLY C 54 9.24 13.15 -0.35
N ASP C 55 10.40 13.63 -0.81
CA ASP C 55 11.30 14.41 0.06
C ASP C 55 11.75 15.73 -0.55
N SER C 56 11.21 16.11 -1.70
CA SER C 56 11.51 17.38 -2.37
C SER C 56 12.98 17.51 -2.76
N TYR C 57 13.68 16.39 -2.94
CA TYR C 57 15.07 16.44 -3.38
C TYR C 57 15.12 16.71 -4.88
N THR C 58 15.95 17.66 -5.30
CA THR C 58 16.04 18.07 -6.69
C THR C 58 17.44 17.80 -7.23
N THR C 59 17.49 17.44 -8.52
CA THR C 59 18.74 17.25 -9.25
C THR C 59 18.60 17.94 -10.59
N TYR C 60 19.53 18.85 -10.91
CA TYR C 60 19.43 19.69 -12.10
C TYR C 60 20.45 19.28 -13.15
N ASN C 61 20.05 19.38 -14.41
CA ASN C 61 21.00 19.35 -15.50
C ASN C 61 21.97 20.52 -15.34
N PRO C 62 23.28 20.31 -15.50
CA PRO C 62 24.22 21.40 -15.25
C PRO C 62 24.04 22.61 -16.15
N SER C 63 23.36 22.46 -17.29
CA SER C 63 23.08 23.62 -18.13
C SER C 63 21.99 24.52 -17.55
N PHE C 64 21.12 23.97 -16.70
CA PHE C 64 20.04 24.73 -16.07
C PHE C 64 20.29 24.99 -14.60
N GLN C 65 21.38 24.47 -14.04
CA GLN C 65 21.71 24.68 -12.63
C GLN C 65 21.84 26.16 -12.33
N GLY C 66 21.10 26.63 -11.32
CA GLY C 66 21.15 28.01 -10.89
C GLY C 66 20.21 28.95 -11.62
N HIS C 67 19.72 28.57 -12.80
CA HIS C 67 18.81 29.43 -13.56
C HIS C 67 17.35 29.19 -13.18
N VAL C 68 16.95 27.92 -13.10
CA VAL C 68 15.60 27.55 -12.71
C VAL C 68 15.63 26.98 -11.30
N THR C 69 14.44 26.79 -10.73
CA THR C 69 14.28 26.16 -9.43
C THR C 69 13.02 25.33 -9.44
N ILE C 70 13.16 24.03 -9.19
CA ILE C 70 12.03 23.11 -9.13
C ILE C 70 11.66 22.90 -7.67
N SER C 71 10.36 22.94 -7.38
CA SER C 71 9.85 22.67 -6.04
C SER C 71 8.50 21.97 -6.19
N ILE C 72 7.98 21.48 -5.07
CA ILE C 72 6.73 20.73 -5.10
C ILE C 72 5.97 20.99 -3.80
N ASP C 73 4.64 20.95 -3.89
CA ASP C 73 3.74 21.03 -2.75
C ASP C 73 3.12 19.65 -2.58
N LYS C 74 3.55 18.93 -1.54
CA LYS C 74 3.12 17.55 -1.37
C LYS C 74 1.63 17.45 -1.06
N SER C 75 1.06 18.47 -0.42
CA SER C 75 -0.36 18.41 -0.07
C SER C 75 -1.26 18.35 -1.29
N THR C 76 -0.86 19.03 -2.37
CA THR C 76 -1.67 19.08 -3.59
C THR C 76 -1.02 18.37 -4.77
N ASN C 77 0.15 17.76 -4.59
CA ASN C 77 0.88 17.07 -5.65
C ASN C 77 1.08 18.00 -6.86
N THR C 78 1.51 19.22 -6.58
CA THR C 78 1.72 20.25 -7.60
C THR C 78 3.21 20.59 -7.65
N ALA C 79 3.83 20.36 -8.81
CA ALA C 79 5.21 20.72 -9.02
C ALA C 79 5.31 22.10 -9.65
N TYR C 80 6.40 22.80 -9.36
CA TYR C 80 6.59 24.16 -9.82
C TYR C 80 7.95 24.32 -10.48
N LEU C 81 7.97 25.11 -11.57
CA LEU C 81 9.20 25.49 -12.25
C LEU C 81 9.31 27.01 -12.19
N HIS C 82 10.35 27.51 -11.54
CA HIS C 82 10.47 28.92 -11.20
C HIS C 82 11.71 29.54 -11.81
N TRP C 83 11.54 30.72 -12.40
CA TRP C 83 12.63 31.52 -12.92
C TRP C 83 12.78 32.78 -12.07
N ASN C 84 14.01 33.08 -11.66
CA ASN C 84 14.26 34.34 -10.96
C ASN C 84 14.29 35.50 -11.95
N SER C 85 15.06 35.37 -13.03
CA SER C 85 15.23 36.44 -14.02
C SER C 85 15.16 35.81 -15.40
N LEU C 86 14.05 36.02 -16.10
CA LEU C 86 13.87 35.45 -17.43
C LEU C 86 14.79 36.12 -18.43
N LYS C 87 15.32 35.33 -19.36
CA LYS C 87 16.02 35.82 -20.54
C LYS C 87 15.22 35.45 -21.77
N ALA C 88 15.41 36.23 -22.85
CA ALA C 88 14.68 35.96 -24.09
C ALA C 88 15.02 34.58 -24.63
N SER C 89 16.21 34.06 -24.31
CA SER C 89 16.60 32.73 -24.73
C SER C 89 15.78 31.63 -24.07
N ASP C 90 15.03 31.93 -23.02
CA ASP C 90 14.19 30.94 -22.34
C ASP C 90 12.86 30.71 -23.04
N THR C 91 12.62 31.36 -24.17
CA THR C 91 11.38 31.17 -24.92
C THR C 91 11.33 29.75 -25.47
N ALA C 92 10.34 28.98 -25.05
CA ALA C 92 10.19 27.59 -25.47
C ALA C 92 8.86 27.06 -24.95
N MET C 93 8.59 25.80 -25.26
CA MET C 93 7.52 25.04 -24.64
C MET C 93 8.10 24.23 -23.48
N TYR C 94 7.37 24.17 -22.37
CA TYR C 94 7.84 23.51 -21.17
C TYR C 94 6.86 22.42 -20.75
N TYR C 95 7.35 21.19 -20.65
CA TYR C 95 6.55 20.05 -20.22
C TYR C 95 7.00 19.58 -18.85
N CYS C 96 6.04 19.20 -18.02
CA CYS C 96 6.32 18.35 -16.88
C CYS C 96 6.01 16.91 -17.28
N ALA C 97 6.78 15.98 -16.72
CA ALA C 97 6.64 14.59 -17.12
C ALA C 97 6.99 13.69 -15.93
N ARG C 98 6.33 12.55 -15.87
CA ARG C 98 6.62 11.56 -14.84
C ARG C 98 7.73 10.65 -15.32
N TYR C 99 8.78 10.55 -14.52
CA TYR C 99 9.89 9.65 -14.80
C TYR C 99 9.73 8.46 -13.86
N TYR C 100 9.14 7.38 -14.33
CA TYR C 100 8.95 6.16 -13.52
C TYR C 100 10.11 5.19 -13.64
N VAL C 101 11.05 5.24 -12.71
CA VAL C 101 12.29 4.40 -12.64
C VAL C 101 13.21 4.61 -13.84
N SER C 102 12.86 4.17 -15.02
CA SER C 102 13.78 4.26 -16.17
C SER C 102 13.04 4.75 -17.41
N LEU C 103 11.94 5.44 -17.21
CA LEU C 103 11.17 5.83 -18.39
C LEU C 103 10.29 7.04 -18.16
N VAL C 104 10.34 7.97 -19.08
CA VAL C 104 9.36 9.04 -19.11
C VAL C 104 8.08 8.45 -19.71
N ASP C 105 7.05 8.27 -18.88
CA ASP C 105 5.86 7.56 -19.31
C ASP C 105 4.62 8.43 -19.45
N ILE C 106 4.55 9.57 -18.76
CA ILE C 106 3.39 10.45 -18.82
C ILE C 106 3.89 11.89 -19.02
N TRP C 107 3.29 12.60 -19.95
CA TRP C 107 3.59 14.01 -20.19
C TRP C 107 2.38 14.87 -19.87
N GLY C 108 2.64 16.09 -19.40
CA GLY C 108 1.60 17.10 -19.34
C GLY C 108 1.38 17.71 -20.70
N GLN C 109 0.35 18.56 -20.80
CA GLN C 109 -0.01 19.13 -22.10
C GLN C 109 0.93 20.24 -22.54
N GLY C 110 1.82 20.70 -21.67
CA GLY C 110 2.79 21.70 -22.05
C GLY C 110 2.37 23.11 -21.69
N THR C 111 3.36 23.96 -21.46
CA THR C 111 3.14 25.38 -21.17
C THR C 111 4.05 26.19 -22.08
N LEU C 112 3.45 27.03 -22.92
CA LEU C 112 4.23 27.90 -23.79
C LEU C 112 4.71 29.11 -22.98
N VAL C 113 5.99 29.41 -23.10
CA VAL C 113 6.60 30.58 -22.47
C VAL C 113 7.26 31.41 -23.56
N THR C 114 6.81 32.65 -23.73
CA THR C 114 7.35 33.56 -24.73
C THR C 114 7.94 34.76 -23.99
N VAL C 115 9.26 34.93 -24.12
CA VAL C 115 9.98 36.01 -23.47
C VAL C 115 10.52 36.93 -24.55
N SER C 116 10.07 38.18 -24.55
CA SER C 116 10.44 39.14 -25.57
C SER C 116 10.44 40.52 -24.96
N SER C 117 11.39 41.36 -25.41
CA SER C 117 11.46 42.74 -24.95
C SER C 117 10.34 43.60 -25.52
N ALA C 118 9.58 43.09 -26.48
CA ALA C 118 8.50 43.87 -27.08
C ALA C 118 7.30 43.95 -26.12
N SER C 119 6.56 45.04 -26.22
CA SER C 119 5.37 45.26 -25.44
C SER C 119 4.12 44.97 -26.26
N THR C 120 3.02 44.68 -25.55
CA THR C 120 1.74 44.40 -26.21
C THR C 120 1.34 45.56 -27.10
N LYS C 121 1.18 45.29 -28.40
CA LYS C 121 0.91 46.33 -29.37
C LYS C 121 -0.13 45.85 -30.38
N GLY C 122 -1.13 46.68 -30.63
CA GLY C 122 -2.14 46.39 -31.62
C GLY C 122 -1.60 46.52 -33.02
N PRO C 123 -2.18 45.79 -33.98
CA PRO C 123 -1.69 45.83 -35.35
C PRO C 123 -2.31 46.93 -36.19
N SER C 124 -1.54 47.39 -37.17
CA SER C 124 -2.05 48.24 -38.23
C SER C 124 -2.42 47.37 -39.41
N VAL C 125 -3.58 47.65 -40.01
CA VAL C 125 -4.12 46.81 -41.08
C VAL C 125 -4.25 47.67 -42.34
N PHE C 126 -3.61 47.22 -43.42
CA PHE C 126 -3.66 47.85 -44.71
C PHE C 126 -4.29 46.91 -45.73
N PRO C 127 -5.10 47.43 -46.65
CA PRO C 127 -5.73 46.55 -47.64
C PRO C 127 -4.76 46.20 -48.76
N LEU C 128 -4.89 44.97 -49.25
CA LEU C 128 -4.13 44.51 -50.42
C LEU C 128 -5.08 44.51 -51.61
N ALA C 129 -5.01 45.58 -52.41
CA ALA C 129 -5.97 45.77 -53.49
C ALA C 129 -5.72 44.77 -54.62
N PRO C 130 -6.78 44.34 -55.31
CA PRO C 130 -6.60 43.39 -56.41
C PRO C 130 -5.93 44.04 -57.61
N SER C 131 -5.21 43.22 -58.36
CA SER C 131 -4.48 43.71 -59.53
C SER C 131 -5.43 43.98 -60.68
N SER C 132 -5.12 45.02 -61.45
CA SER C 132 -5.93 45.37 -62.61
C SER C 132 -5.64 44.38 -63.74
N GLY C 138 -11.99 34.86 -63.25
CA GLY C 138 -11.84 34.57 -61.84
C GLY C 138 -10.43 34.77 -61.34
N THR C 139 -9.68 35.65 -62.00
CA THR C 139 -8.24 35.81 -61.80
C THR C 139 -7.92 36.95 -60.85
N ALA C 140 -8.74 37.15 -59.81
CA ALA C 140 -8.57 38.25 -58.86
C ALA C 140 -8.18 37.71 -57.50
N ALA C 141 -7.20 38.35 -56.86
CA ALA C 141 -6.76 37.99 -55.52
C ALA C 141 -6.57 39.26 -54.72
N LEU C 142 -7.30 39.39 -53.62
CA LEU C 142 -7.21 40.54 -52.74
C LEU C 142 -7.03 40.05 -51.30
N GLY C 143 -6.54 40.93 -50.44
CA GLY C 143 -6.30 40.52 -49.08
C GLY C 143 -6.04 41.68 -48.15
N CYS C 144 -5.52 41.35 -46.97
CA CYS C 144 -5.23 42.31 -45.90
C CYS C 144 -3.83 42.08 -45.35
N LEU C 145 -3.19 43.17 -44.97
CA LEU C 145 -1.85 43.14 -44.39
C LEU C 145 -1.95 43.56 -42.93
N VAL C 146 -1.63 42.64 -42.03
CA VAL C 146 -1.70 42.88 -40.58
C VAL C 146 -0.26 43.02 -40.09
N LYS C 147 0.12 44.25 -39.71
CA LYS C 147 1.51 44.59 -39.47
C LYS C 147 1.74 45.03 -38.02
N ASP C 148 2.90 44.66 -37.49
CA ASP C 148 3.46 45.23 -36.27
C ASP C 148 2.53 45.04 -35.06
N TYR C 149 2.32 43.78 -34.71
CA TYR C 149 1.55 43.45 -33.51
C TYR C 149 2.37 42.51 -32.62
N PHE C 150 1.97 42.46 -31.35
CA PHE C 150 2.62 41.58 -30.37
C PHE C 150 1.69 41.44 -29.18
N PRO C 151 1.50 40.21 -28.65
CA PRO C 151 2.09 38.98 -29.18
C PRO C 151 1.14 38.23 -30.11
N GLU C 152 1.51 37.00 -30.46
CA GLU C 152 0.59 36.12 -31.15
C GLU C 152 -0.57 35.77 -30.21
N PRO C 153 -1.74 35.41 -30.78
CA PRO C 153 -2.07 35.38 -32.21
C PRO C 153 -2.96 36.52 -32.64
N VAL C 154 -3.25 36.56 -33.94
CA VAL C 154 -4.29 37.42 -34.48
C VAL C 154 -5.20 36.56 -35.34
N THR C 155 -6.50 36.84 -35.29
CA THR C 155 -7.49 36.13 -36.08
C THR C 155 -7.99 37.05 -37.20
N VAL C 156 -8.12 36.48 -38.41
CA VAL C 156 -8.59 37.22 -39.56
C VAL C 156 -9.74 36.44 -40.17
N SER C 157 -10.91 37.07 -40.25
CA SER C 157 -12.08 36.55 -40.94
C SER C 157 -12.42 37.46 -42.11
N TRP C 158 -13.27 36.99 -43.01
CA TRP C 158 -13.69 37.77 -44.16
C TRP C 158 -15.22 37.84 -44.21
N ASN C 159 -15.74 39.07 -44.29
CA ASN C 159 -17.18 39.33 -44.33
C ASN C 159 -17.88 38.67 -43.14
N SER C 160 -17.26 38.77 -41.96
CA SER C 160 -17.78 38.22 -40.72
C SER C 160 -18.13 36.74 -40.87
N GLY C 161 -17.19 35.99 -41.43
CA GLY C 161 -17.36 34.55 -41.58
C GLY C 161 -18.22 34.10 -42.74
N ALA C 162 -18.88 35.04 -43.45
CA ALA C 162 -19.74 34.65 -44.56
C ALA C 162 -18.97 34.33 -45.83
N LEU C 163 -17.70 34.73 -45.92
CA LEU C 163 -16.83 34.38 -47.03
C LEU C 163 -15.73 33.48 -46.50
N THR C 164 -15.75 32.21 -46.90
CA THR C 164 -14.74 31.25 -46.45
C THR C 164 -14.10 30.54 -47.64
N SER C 165 -14.83 30.44 -48.74
CA SER C 165 -14.33 29.76 -49.93
C SER C 165 -13.19 30.56 -50.55
N GLY C 166 -12.01 29.93 -50.67
CA GLY C 166 -10.87 30.59 -51.26
C GLY C 166 -10.08 31.47 -50.32
N VAL C 167 -10.29 31.34 -49.01
CA VAL C 167 -9.61 32.14 -48.00
C VAL C 167 -8.42 31.36 -47.47
N HIS C 168 -7.29 32.05 -47.30
CA HIS C 168 -6.12 31.45 -46.67
C HIS C 168 -5.36 32.53 -45.93
N THR C 169 -5.31 32.41 -44.60
CA THR C 169 -4.56 33.32 -43.76
C THR C 169 -3.18 32.72 -43.49
N PHE C 170 -2.13 33.44 -43.86
CA PHE C 170 -0.77 32.93 -43.78
C PHE C 170 -0.22 33.05 -42.36
N PRO C 171 0.75 32.21 -42.00
CA PRO C 171 1.44 32.40 -40.73
C PRO C 171 2.27 33.68 -40.75
N ALA C 172 2.55 34.19 -39.55
CA ALA C 172 3.19 35.49 -39.41
C ALA C 172 4.71 35.37 -39.47
N VAL C 173 5.35 36.48 -39.80
CA VAL C 173 6.80 36.62 -39.71
C VAL C 173 7.12 37.32 -38.40
N LEU C 174 8.35 37.13 -37.93
CA LEU C 174 8.85 37.82 -36.74
C LEU C 174 10.00 38.72 -37.21
N GLN C 175 9.72 40.00 -37.37
CA GLN C 175 10.73 40.95 -37.84
C GLN C 175 11.69 41.31 -36.71
N SER C 176 12.78 41.97 -37.08
CA SER C 176 13.84 42.30 -36.13
C SER C 176 13.40 43.27 -35.05
N SER C 177 12.24 43.90 -35.20
CA SER C 177 11.72 44.79 -34.17
C SER C 177 11.06 44.04 -33.02
N GLY C 178 10.90 42.73 -33.14
CA GLY C 178 10.17 41.96 -32.15
C GLY C 178 8.67 41.90 -32.38
N LEU C 179 8.16 42.56 -33.41
CA LEU C 179 6.74 42.60 -33.71
C LEU C 179 6.42 41.64 -34.86
N TYR C 180 5.20 41.12 -34.85
CA TYR C 180 4.73 40.16 -35.84
C TYR C 180 4.02 40.86 -36.98
N SER C 181 3.98 40.18 -38.12
CA SER C 181 3.33 40.71 -39.32
C SER C 181 2.70 39.55 -40.08
N LEU C 182 1.42 39.69 -40.41
CA LEU C 182 0.64 38.60 -40.97
C LEU C 182 -0.18 39.11 -42.15
N SER C 183 -0.49 38.20 -43.08
CA SER C 183 -1.32 38.50 -44.24
C SER C 183 -2.42 37.46 -44.40
N SER C 184 -3.50 37.87 -45.04
CA SER C 184 -4.63 37.00 -45.33
C SER C 184 -5.19 37.39 -46.69
N VAL C 185 -5.41 36.41 -47.55
CA VAL C 185 -5.81 36.65 -48.94
C VAL C 185 -6.96 35.72 -49.30
N VAL C 186 -7.98 36.27 -49.95
CA VAL C 186 -9.12 35.51 -50.46
C VAL C 186 -9.15 35.65 -51.98
N THR C 187 -9.40 34.53 -52.66
CA THR C 187 -9.49 34.50 -54.11
C THR C 187 -10.96 34.59 -54.53
N VAL C 188 -11.28 35.59 -55.33
CA VAL C 188 -12.65 35.84 -55.76
C VAL C 188 -12.67 36.05 -57.26
N PRO C 189 -13.82 35.85 -57.91
CA PRO C 189 -13.91 36.12 -59.35
C PRO C 189 -13.91 37.62 -59.63
N SER C 190 -13.35 37.99 -60.77
CA SER C 190 -13.28 39.38 -61.15
C SER C 190 -14.64 39.98 -61.48
N SER C 191 -15.68 39.16 -61.56
CA SER C 191 -17.03 39.64 -61.84
C SER C 191 -17.65 40.37 -60.66
N SER C 192 -17.06 40.25 -59.47
CA SER C 192 -17.62 40.83 -58.25
C SER C 192 -16.76 41.97 -57.69
N LEU C 193 -15.77 42.43 -58.44
CA LEU C 193 -14.85 43.44 -57.94
C LEU C 193 -15.48 44.81 -57.76
N GLY C 194 -16.73 44.99 -58.21
CA GLY C 194 -17.40 46.26 -58.03
C GLY C 194 -18.77 46.12 -57.41
N THR C 195 -19.28 44.88 -57.35
CA THR C 195 -20.61 44.62 -56.82
C THR C 195 -20.61 44.17 -55.37
N GLN C 196 -19.80 43.16 -55.02
CA GLN C 196 -19.78 42.63 -53.66
C GLN C 196 -18.66 43.26 -52.85
N THR C 197 -18.98 43.64 -51.61
CA THR C 197 -18.01 44.26 -50.71
C THR C 197 -17.21 43.18 -50.00
N TYR C 198 -15.92 43.45 -49.77
CA TYR C 198 -15.03 42.53 -49.08
C TYR C 198 -14.44 43.23 -47.87
N ILE C 199 -14.71 42.68 -46.69
CA ILE C 199 -14.24 43.22 -45.41
C ILE C 199 -13.43 42.13 -44.73
N CYS C 200 -12.22 42.44 -44.32
CA CYS C 200 -11.42 41.53 -43.50
C CYS C 200 -11.53 41.97 -42.05
N ASN C 201 -11.83 41.02 -41.17
CA ASN C 201 -12.07 41.29 -39.76
C ASN C 201 -10.85 40.83 -38.97
N VAL C 202 -10.09 41.80 -38.46
CA VAL C 202 -8.87 41.52 -37.71
C VAL C 202 -9.18 41.67 -36.23
N ASN C 203 -8.86 40.65 -35.45
CA ASN C 203 -9.06 40.67 -34.01
C ASN C 203 -7.76 40.26 -33.32
N HIS C 204 -7.13 41.21 -32.65
CA HIS C 204 -5.93 40.95 -31.85
C HIS C 204 -6.34 41.01 -30.39
N LYS C 205 -6.64 39.86 -29.81
CA LYS C 205 -7.18 39.82 -28.45
C LYS C 205 -6.26 40.40 -27.39
N PRO C 206 -4.94 40.13 -27.38
CA PRO C 206 -4.12 40.65 -26.27
C PRO C 206 -4.14 42.17 -26.15
N SER C 207 -4.32 42.90 -27.23
CA SER C 207 -4.42 44.35 -27.18
C SER C 207 -5.84 44.85 -27.33
N ASN C 208 -6.82 43.94 -27.46
CA ASN C 208 -8.22 44.31 -27.63
C ASN C 208 -8.42 45.21 -28.83
N THR C 209 -7.71 44.91 -29.93
CA THR C 209 -7.76 45.69 -31.14
C THR C 209 -8.59 44.95 -32.18
N LYS C 210 -9.66 45.59 -32.65
CA LYS C 210 -10.51 45.04 -33.70
C LYS C 210 -10.65 46.09 -34.79
N VAL C 211 -10.33 45.70 -36.02
CA VAL C 211 -10.56 46.56 -37.18
C VAL C 211 -11.26 45.75 -38.26
N ASP C 212 -12.09 46.45 -39.04
CA ASP C 212 -12.82 45.85 -40.16
C ASP C 212 -12.49 46.69 -41.38
N LYS C 213 -11.52 46.23 -42.16
CA LYS C 213 -10.97 47.02 -43.27
C LYS C 213 -11.64 46.61 -44.57
N LYS C 214 -12.17 47.60 -45.29
CA LYS C 214 -12.73 47.34 -46.61
C LYS C 214 -11.61 47.31 -47.64
N VAL C 215 -11.67 46.33 -48.54
CA VAL C 215 -10.64 46.13 -49.55
C VAL C 215 -11.20 46.61 -50.88
N GLU C 216 -10.75 47.79 -51.31
CA GLU C 216 -11.15 48.44 -52.54
C GLU C 216 -10.23 48.07 -53.70
N PRO C 217 -10.69 48.22 -54.95
CA PRO C 217 -9.79 48.06 -56.10
C PRO C 217 -8.95 49.32 -56.37
N SER D 2 18.90 16.87 -27.82
CA SER D 2 20.26 17.38 -28.04
C SER D 2 21.32 16.29 -27.95
N VAL D 3 21.24 15.46 -26.90
CA VAL D 3 22.31 14.51 -26.64
C VAL D 3 22.30 13.38 -27.66
N LEU D 4 21.14 12.77 -27.90
CA LEU D 4 21.02 11.71 -28.90
C LEU D 4 20.83 12.29 -30.30
N THR D 5 21.27 11.53 -31.30
CA THR D 5 21.35 12.02 -32.68
C THR D 5 20.32 11.31 -33.55
N GLN D 6 19.34 12.07 -34.03
CA GLN D 6 18.30 11.64 -34.95
C GLN D 6 18.45 12.34 -36.30
N PRO D 7 18.02 11.71 -37.39
CA PRO D 7 17.92 12.44 -38.65
C PRO D 7 16.90 13.57 -38.52
N ALA D 8 17.18 14.68 -39.21
CA ALA D 8 16.29 15.83 -39.11
C ALA D 8 14.92 15.54 -39.70
N SER D 9 14.85 14.74 -40.76
CA SER D 9 13.57 14.45 -41.39
C SER D 9 13.67 13.15 -42.18
N VAL D 10 12.51 12.54 -42.39
CA VAL D 10 12.38 11.34 -43.21
C VAL D 10 11.02 11.40 -43.90
N SER D 11 10.93 10.78 -45.08
CA SER D 11 9.70 10.81 -45.85
C SER D 11 9.45 9.45 -46.48
N GLY D 12 8.17 9.14 -46.69
CA GLY D 12 7.78 7.91 -47.35
C GLY D 12 6.38 8.02 -47.91
N SER D 13 6.04 7.06 -48.75
CA SER D 13 4.72 6.99 -49.37
C SER D 13 3.81 6.08 -48.57
N PRO D 14 2.49 6.24 -48.70
CA PRO D 14 1.56 5.37 -47.96
C PRO D 14 1.79 3.91 -48.31
N GLY D 15 1.74 3.06 -47.29
CA GLY D 15 1.98 1.65 -47.44
C GLY D 15 3.44 1.25 -47.36
N GLN D 16 4.36 2.18 -47.57
CA GLN D 16 5.79 1.88 -47.50
C GLN D 16 6.23 1.79 -46.04
N SER D 17 7.52 1.55 -45.85
CA SER D 17 8.12 1.47 -44.53
C SER D 17 9.22 2.52 -44.40
N ILE D 18 9.34 3.10 -43.22
CA ILE D 18 10.43 4.03 -42.91
C ILE D 18 11.04 3.64 -41.58
N THR D 19 12.33 3.94 -41.42
CA THR D 19 13.04 3.67 -40.19
C THR D 19 13.72 4.95 -39.73
N ILE D 20 13.56 5.29 -38.45
CA ILE D 20 14.16 6.46 -37.85
C ILE D 20 15.22 5.98 -36.87
N SER D 21 16.46 6.38 -37.09
CA SER D 21 17.57 5.96 -36.25
C SER D 21 17.75 6.92 -35.07
N CYS D 22 18.45 6.42 -34.05
CA CYS D 22 18.67 7.16 -32.79
C CYS D 22 20.00 6.69 -32.23
N THR D 23 21.05 7.46 -32.46
CA THR D 23 22.42 7.06 -32.13
C THR D 23 22.88 7.74 -30.84
N GLY D 24 23.36 6.94 -29.90
CA GLY D 24 23.88 7.42 -28.64
C GLY D 24 25.28 6.90 -28.41
N THR D 25 25.58 6.61 -27.14
CA THR D 25 26.90 6.12 -26.73
C THR D 25 26.70 4.95 -25.77
N SER D 26 27.83 4.39 -25.30
CA SER D 26 27.77 3.27 -24.39
C SER D 26 27.18 3.63 -23.04
N SER D 27 26.91 4.90 -22.77
CA SER D 27 26.36 5.31 -21.48
C SER D 27 24.83 5.38 -21.48
N ASP D 28 24.19 5.60 -22.63
CA ASP D 28 22.74 5.59 -22.70
C ASP D 28 22.18 4.52 -23.62
N VAL D 29 22.50 4.55 -24.91
CA VAL D 29 21.83 3.69 -25.88
C VAL D 29 22.52 2.35 -26.00
N GLY D 30 23.84 2.35 -26.08
CA GLY D 30 24.59 1.11 -26.15
C GLY D 30 24.79 0.41 -24.82
N GLY D 31 24.51 1.09 -23.72
CA GLY D 31 24.72 0.51 -22.40
C GLY D 31 23.47 -0.09 -21.80
N TYR D 32 22.31 0.44 -22.15
CA TYR D 32 21.06 0.02 -21.53
C TYR D 32 20.04 -0.34 -22.60
N ASN D 33 18.99 -1.02 -22.16
CA ASN D 33 17.85 -1.37 -22.99
C ASN D 33 16.63 -0.55 -22.62
N TYR D 34 16.84 0.74 -22.36
CA TYR D 34 15.79 1.66 -21.95
C TYR D 34 15.57 2.76 -22.98
N VAL D 35 15.52 2.38 -24.26
CA VAL D 35 15.22 3.32 -25.33
C VAL D 35 13.72 3.39 -25.51
N SER D 36 13.18 4.61 -25.51
CA SER D 36 11.76 4.84 -25.72
C SER D 36 11.56 5.82 -26.87
N TRP D 37 10.40 5.71 -27.52
CA TRP D 37 10.07 6.52 -28.69
C TRP D 37 8.76 7.25 -28.45
N TYR D 38 8.67 8.49 -28.94
CA TYR D 38 7.51 9.33 -28.74
C TYR D 38 7.05 9.93 -30.06
N GLN D 39 5.74 10.15 -30.15
CA GLN D 39 5.11 10.78 -31.30
C GLN D 39 4.51 12.12 -30.86
N GLN D 40 4.83 13.18 -31.58
CA GLN D 40 4.34 14.51 -31.26
C GLN D 40 3.71 15.13 -32.49
N HIS D 41 2.42 15.33 -32.43
CA HIS D 41 1.68 16.08 -33.43
C HIS D 41 1.69 17.57 -33.08
N PRO D 42 1.54 18.46 -34.06
CA PRO D 42 1.71 19.89 -33.80
C PRO D 42 0.77 20.39 -32.72
N GLY D 43 1.33 21.13 -31.76
CA GLY D 43 0.58 21.69 -30.67
C GLY D 43 0.32 20.75 -29.51
N LYS D 44 0.61 19.46 -29.64
CA LYS D 44 0.27 18.46 -28.63
C LYS D 44 1.53 17.94 -27.97
N ALA D 45 1.32 17.27 -26.83
CA ALA D 45 2.41 16.70 -26.06
C ALA D 45 2.93 15.42 -26.70
N PRO D 46 4.17 15.03 -26.39
CA PRO D 46 4.68 13.75 -26.87
C PRO D 46 3.83 12.59 -26.34
N LYS D 47 3.71 11.55 -27.16
CA LYS D 47 2.92 10.37 -26.84
C LYS D 47 3.81 9.14 -26.93
N LEU D 48 3.86 8.37 -25.85
CA LEU D 48 4.71 7.18 -25.80
C LEU D 48 4.23 6.16 -26.82
N MET D 49 5.11 5.80 -27.74
CA MET D 49 4.85 4.78 -28.75
C MET D 49 5.59 3.49 -28.47
N ILE D 50 6.85 3.59 -28.07
CA ILE D 50 7.68 2.44 -27.74
C ILE D 50 8.47 2.80 -26.49
N TYR D 51 8.58 1.84 -25.60
CA TYR D 51 9.41 1.91 -24.38
C TYR D 51 10.23 0.63 -24.28
N ASP D 52 11.30 0.64 -23.51
CA ASP D 52 12.15 -0.54 -23.23
C ASP D 52 12.63 -1.18 -24.51
N VAL D 53 13.07 -0.37 -25.47
CA VAL D 53 13.55 -0.75 -26.82
C VAL D 53 12.43 -1.24 -27.75
N ASN D 54 11.67 -2.24 -27.37
CA ASN D 54 10.70 -2.86 -28.30
C ASN D 54 9.32 -3.01 -27.67
N ASN D 55 9.11 -2.51 -26.47
CA ASN D 55 7.77 -2.66 -25.87
C ASN D 55 6.79 -1.67 -26.47
N ARG D 56 5.59 -2.12 -26.67
CA ARG D 56 4.58 -1.26 -27.24
C ARG D 56 3.37 -1.22 -26.31
N PRO D 57 2.86 -0.03 -25.98
CA PRO D 57 1.58 0.05 -25.27
C PRO D 57 0.47 -0.59 -26.10
N SER D 58 -0.56 -1.07 -25.42
CA SER D 58 -1.62 -1.79 -26.11
C SER D 58 -2.43 -0.88 -27.03
N GLU D 59 -2.72 0.35 -26.57
CA GLU D 59 -3.48 1.30 -27.37
C GLU D 59 -2.70 1.87 -28.56
N VAL D 60 -1.48 1.41 -28.83
CA VAL D 60 -0.65 1.92 -29.92
C VAL D 60 -0.72 0.95 -31.08
N SER D 61 -0.79 1.50 -32.30
CA SER D 61 -0.85 0.68 -33.51
C SER D 61 0.34 -0.27 -33.60
N ASN D 62 0.06 -1.49 -34.05
CA ASN D 62 1.11 -2.49 -34.22
C ASN D 62 1.99 -2.23 -35.44
N ARG D 63 1.76 -1.13 -36.18
CA ARG D 63 2.65 -0.76 -37.25
C ARG D 63 3.94 -0.11 -36.75
N PHE D 64 4.03 0.20 -35.47
CA PHE D 64 5.21 0.80 -34.87
C PHE D 64 6.01 -0.28 -34.16
N SER D 65 7.31 -0.35 -34.46
CA SER D 65 8.17 -1.40 -33.97
C SER D 65 9.51 -0.80 -33.57
N GLY D 66 10.10 -1.31 -32.48
CA GLY D 66 11.36 -0.83 -31.97
C GLY D 66 12.46 -1.86 -32.16
N SER D 67 13.70 -1.36 -32.24
CA SER D 67 14.86 -2.24 -32.37
C SER D 67 16.10 -1.46 -31.92
N LYS D 68 17.21 -2.18 -31.78
CA LYS D 68 18.47 -1.58 -31.33
C LYS D 68 19.61 -2.50 -31.67
N SER D 69 20.76 -1.90 -32.00
CA SER D 69 21.96 -2.66 -32.34
C SER D 69 23.15 -1.74 -32.10
N GLY D 70 23.99 -2.11 -31.14
CA GLY D 70 25.09 -1.21 -30.78
C GLY D 70 24.56 0.07 -30.18
N ASN D 71 25.12 1.19 -30.62
CA ASN D 71 24.76 2.50 -30.09
C ASN D 71 23.62 3.16 -30.84
N THR D 72 22.93 2.43 -31.71
CA THR D 72 21.86 2.99 -32.52
C THR D 72 20.59 2.17 -32.34
N ALA D 73 19.52 2.83 -31.89
CA ALA D 73 18.19 2.25 -31.87
C ALA D 73 17.38 2.78 -33.06
N SER D 74 16.34 2.04 -33.41
CA SER D 74 15.58 2.35 -34.61
C SER D 74 14.08 2.20 -34.36
N LEU D 75 13.33 3.18 -34.84
CA LEU D 75 11.87 3.10 -34.87
C LEU D 75 11.45 2.81 -36.31
N THR D 76 10.72 1.72 -36.50
CA THR D 76 10.26 1.31 -37.82
C THR D 76 8.74 1.42 -37.89
N ILE D 77 8.25 2.11 -38.92
CA ILE D 77 6.82 2.26 -39.16
C ILE D 77 6.52 1.58 -40.48
N SER D 78 5.76 0.49 -40.43
CA SER D 78 5.39 -0.27 -41.61
C SER D 78 4.02 0.16 -42.09
N GLY D 79 3.85 0.21 -43.41
CA GLY D 79 2.59 0.64 -43.98
C GLY D 79 2.24 2.04 -43.53
N LEU D 80 3.01 3.02 -43.98
CA LEU D 80 2.78 4.40 -43.58
C LEU D 80 1.36 4.85 -43.91
N GLN D 81 0.80 5.63 -43.00
CA GLN D 81 -0.50 6.25 -43.21
C GLN D 81 -0.37 7.76 -42.97
N ALA D 82 -1.33 8.51 -43.53
CA ALA D 82 -1.26 9.97 -43.45
C ALA D 82 -1.22 10.46 -42.02
N GLU D 83 -1.85 9.72 -41.09
CA GLU D 83 -1.87 10.13 -39.69
C GLU D 83 -0.51 9.99 -39.02
N ASP D 84 0.42 9.24 -39.61
CA ASP D 84 1.74 9.08 -39.03
C ASP D 84 2.60 10.33 -39.18
N GLU D 85 2.15 11.30 -39.97
CA GLU D 85 2.92 12.52 -40.21
C GLU D 85 2.98 13.35 -38.93
N ALA D 86 4.15 13.38 -38.31
CA ALA D 86 4.35 14.05 -37.02
C ALA D 86 5.85 14.12 -36.75
N ASP D 87 6.21 14.58 -35.56
CA ASP D 87 7.58 14.57 -35.08
C ASP D 87 7.79 13.36 -34.17
N TYR D 88 8.97 12.77 -34.24
CA TYR D 88 9.29 11.58 -33.45
C TYR D 88 10.58 11.81 -32.69
N TYR D 89 10.52 11.62 -31.37
CA TYR D 89 11.66 11.79 -30.49
C TYR D 89 11.99 10.46 -29.82
N CYS D 90 13.27 10.15 -29.76
CA CYS D 90 13.74 9.02 -28.97
C CYS D 90 14.28 9.51 -27.64
N SER D 91 14.26 8.62 -26.65
CA SER D 91 14.77 8.92 -25.33
C SER D 91 15.52 7.72 -24.80
N SER D 92 16.46 7.97 -23.90
CA SER D 92 17.22 6.90 -23.29
C SER D 92 17.49 7.20 -21.82
N TYR D 93 17.60 6.13 -21.04
CA TYR D 93 18.02 6.22 -19.65
C TYR D 93 19.52 6.48 -19.59
N THR D 94 19.92 7.26 -18.58
CA THR D 94 21.31 7.33 -18.16
C THR D 94 21.36 7.12 -16.65
N THR D 95 22.52 6.70 -16.17
CA THR D 95 22.63 6.33 -14.76
C THR D 95 22.32 7.52 -13.86
N GLY D 96 21.88 7.23 -12.65
CA GLY D 96 21.42 8.28 -11.77
C GLY D 96 20.03 8.79 -12.07
N SER D 97 19.22 8.01 -12.77
CA SER D 97 17.80 8.32 -13.01
C SER D 97 17.64 9.65 -13.74
N ARG D 98 18.36 9.79 -14.84
CA ARG D 98 18.19 10.90 -15.76
C ARG D 98 17.72 10.36 -17.10
N ALA D 99 17.47 11.27 -18.04
CA ALA D 99 17.11 10.87 -19.39
C ALA D 99 17.75 11.83 -20.37
N VAL D 100 18.19 11.29 -21.50
CA VAL D 100 18.64 12.09 -22.62
C VAL D 100 17.63 11.89 -23.74
N PHE D 101 17.55 12.89 -24.62
CA PHE D 101 16.59 12.91 -25.70
C PHE D 101 17.31 13.11 -27.03
N GLY D 102 16.68 12.64 -28.10
CA GLY D 102 17.15 12.91 -29.44
C GLY D 102 16.76 14.29 -29.92
N GLY D 103 17.23 14.63 -31.12
CA GLY D 103 16.94 15.92 -31.69
C GLY D 103 15.58 16.04 -32.33
N GLY D 104 14.95 14.92 -32.65
CA GLY D 104 13.65 14.95 -33.29
C GLY D 104 13.72 14.69 -34.78
N THR D 105 12.77 13.91 -35.30
CA THR D 105 12.67 13.63 -36.73
C THR D 105 11.29 14.01 -37.21
N LYS D 106 11.23 14.83 -38.27
CA LYS D 106 9.96 15.17 -38.91
C LYS D 106 9.65 14.15 -39.98
N LEU D 107 8.50 13.50 -39.86
CA LEU D 107 8.06 12.47 -40.81
C LEU D 107 6.96 13.05 -41.69
N THR D 108 7.25 13.17 -42.98
CA THR D 108 6.25 13.57 -43.96
C THR D 108 5.81 12.35 -44.76
N VAL D 109 4.51 12.29 -45.06
CA VAL D 109 3.93 11.22 -45.87
C VAL D 109 3.63 11.80 -47.24
N LEU D 110 4.16 11.17 -48.28
CA LEU D 110 4.04 11.68 -49.65
C LEU D 110 2.80 11.06 -50.31
N GLY D 111 1.63 11.53 -49.86
CA GLY D 111 0.38 11.06 -50.40
C GLY D 111 -0.29 12.10 -51.27
N GLN D 112 0.50 12.79 -52.09
CA GLN D 112 0.00 13.89 -52.91
C GLN D 112 0.98 14.12 -54.04
N PRO D 113 0.50 14.40 -55.26
CA PRO D 113 1.43 14.65 -56.38
C PRO D 113 2.13 15.99 -56.29
N LYS D 114 3.03 16.25 -57.23
CA LYS D 114 3.74 17.53 -57.29
C LYS D 114 2.83 18.60 -57.87
N ALA D 115 2.71 19.72 -57.16
CA ALA D 115 1.90 20.86 -57.60
C ALA D 115 2.80 22.07 -57.82
N ASN D 116 2.51 22.82 -58.86
CA ASN D 116 3.35 24.00 -59.10
C ASN D 116 2.80 25.20 -58.36
N PRO D 117 3.67 25.97 -57.71
CA PRO D 117 3.21 27.11 -56.90
C PRO D 117 2.72 28.26 -57.75
N THR D 118 1.79 29.03 -57.18
CA THR D 118 1.31 30.27 -57.77
C THR D 118 1.80 31.43 -56.92
N VAL D 119 2.31 32.47 -57.57
CA VAL D 119 2.97 33.60 -56.90
C VAL D 119 2.15 34.85 -57.13
N THR D 120 1.80 35.54 -56.04
CA THR D 120 1.08 36.80 -56.08
C THR D 120 1.88 37.86 -55.36
N LEU D 121 2.16 38.96 -56.04
CA LEU D 121 2.97 40.05 -55.49
C LEU D 121 2.11 41.30 -55.38
N PHE D 122 2.02 41.85 -54.17
CA PHE D 122 1.28 43.07 -53.91
C PHE D 122 2.22 44.23 -53.70
N PRO D 123 2.00 45.36 -54.36
CA PRO D 123 2.79 46.57 -54.06
C PRO D 123 2.36 47.17 -52.75
N PRO D 124 3.17 48.07 -52.16
CA PRO D 124 2.73 48.77 -50.95
C PRO D 124 1.50 49.61 -51.22
N SER D 125 0.52 49.50 -50.32
CA SER D 125 -0.74 50.20 -50.49
C SER D 125 -0.56 51.71 -50.29
N SER D 126 -1.61 52.47 -50.60
CA SER D 126 -1.56 53.91 -50.41
C SER D 126 -1.77 54.30 -48.95
N GLU D 127 -2.57 53.52 -48.21
CA GLU D 127 -2.74 53.79 -46.78
C GLU D 127 -1.42 53.62 -46.03
N GLU D 128 -0.58 52.67 -46.48
CA GLU D 128 0.70 52.45 -45.83
C GLU D 128 1.68 53.56 -46.16
N LEU D 129 1.79 53.92 -47.45
CA LEU D 129 2.66 55.02 -47.85
C LEU D 129 2.23 56.34 -47.23
N GLN D 130 0.92 56.49 -46.97
CA GLN D 130 0.44 57.67 -46.25
C GLN D 130 1.06 57.76 -44.86
N ALA D 131 1.47 56.63 -44.29
CA ALA D 131 2.10 56.58 -42.98
C ALA D 131 3.61 56.41 -43.06
N ASN D 132 4.22 56.78 -44.19
CA ASN D 132 5.67 56.75 -44.38
C ASN D 132 6.24 55.34 -44.24
N LYS D 133 5.47 54.32 -44.60
CA LYS D 133 5.92 52.94 -44.57
C LYS D 133 5.65 52.28 -45.91
N ALA D 134 6.41 51.24 -46.21
CA ALA D 134 6.25 50.52 -47.47
C ALA D 134 6.62 49.05 -47.26
N THR D 135 5.75 48.16 -47.71
CA THR D 135 5.98 46.73 -47.60
C THR D 135 5.43 46.03 -48.84
N LEU D 136 6.28 45.24 -49.50
CA LEU D 136 5.86 44.43 -50.63
C LEU D 136 5.57 43.02 -50.15
N VAL D 137 4.37 42.53 -50.44
CA VAL D 137 3.92 41.22 -49.98
C VAL D 137 3.94 40.26 -51.16
N CYS D 138 4.67 39.15 -51.01
CA CYS D 138 4.75 38.11 -52.02
C CYS D 138 4.26 36.81 -51.41
N LEU D 139 3.19 36.25 -51.96
CA LEU D 139 2.50 35.11 -51.38
C LEU D 139 2.54 33.93 -52.33
N ILE D 140 3.07 32.80 -51.85
CA ILE D 140 3.21 31.58 -52.62
C ILE D 140 2.20 30.57 -52.10
N SER D 141 1.51 29.88 -53.02
CA SER D 141 0.45 28.96 -52.60
C SER D 141 0.33 27.83 -53.61
N ASP D 142 -0.31 26.75 -53.16
CA ASP D 142 -0.65 25.58 -53.98
C ASP D 142 0.59 24.95 -54.60
N PHE D 143 1.46 24.43 -53.73
CA PHE D 143 2.62 23.67 -54.16
C PHE D 143 2.83 22.48 -53.23
N TYR D 144 3.58 21.49 -53.73
CA TYR D 144 3.86 20.27 -52.99
C TYR D 144 5.13 19.62 -53.53
N PRO D 145 6.05 19.18 -52.65
CA PRO D 145 5.98 19.29 -51.19
C PRO D 145 6.28 20.71 -50.69
N GLY D 146 6.22 20.90 -49.36
CA GLY D 146 6.41 22.21 -48.77
C GLY D 146 7.86 22.62 -48.62
N ALA D 147 8.58 22.70 -49.72
CA ALA D 147 9.98 23.12 -49.73
C ALA D 147 10.16 24.14 -50.84
N VAL D 148 10.50 25.37 -50.46
CA VAL D 148 10.61 26.47 -51.42
C VAL D 148 11.52 27.53 -50.82
N THR D 149 12.31 28.18 -51.70
CA THR D 149 13.18 29.27 -51.32
C THR D 149 12.86 30.48 -52.19
N VAL D 150 12.82 31.66 -51.57
CA VAL D 150 12.44 32.90 -52.24
C VAL D 150 13.66 33.83 -52.28
N ALA D 151 13.80 34.57 -53.38
CA ALA D 151 14.87 35.53 -53.55
C ALA D 151 14.29 36.83 -54.09
N TRP D 152 14.60 37.93 -53.40
CA TRP D 152 14.15 39.26 -53.81
C TRP D 152 15.26 39.96 -54.57
N LYS D 153 14.92 40.54 -55.73
CA LYS D 153 15.88 41.26 -56.54
C LYS D 153 15.21 42.51 -57.11
N ALA D 154 15.71 43.68 -56.74
CA ALA D 154 15.24 44.94 -57.29
C ALA D 154 16.08 45.30 -58.50
N ASP D 155 15.43 45.40 -59.66
CA ASP D 155 16.08 45.71 -60.94
C ASP D 155 17.16 44.71 -61.30
N GLY D 156 17.11 43.50 -60.73
CA GLY D 156 18.10 42.47 -60.96
C GLY D 156 19.16 42.36 -59.88
N SER D 157 19.30 43.39 -59.05
CA SER D 157 20.30 43.35 -57.98
C SER D 157 19.73 42.64 -56.76
N PRO D 158 20.46 41.70 -56.16
CA PRO D 158 19.92 40.94 -55.03
C PRO D 158 19.72 41.83 -53.81
N VAL D 159 18.50 41.89 -53.32
CA VAL D 159 18.13 42.68 -52.15
C VAL D 159 17.72 41.71 -51.06
N LYS D 160 18.67 41.37 -50.19
CA LYS D 160 18.39 40.52 -49.03
C LYS D 160 18.35 41.32 -47.73
N ALA D 161 18.38 42.64 -47.81
CA ALA D 161 18.28 43.50 -46.64
C ALA D 161 16.80 43.88 -46.46
N GLY D 162 16.19 43.38 -45.38
CA GLY D 162 14.80 43.66 -45.11
C GLY D 162 13.83 42.61 -45.61
N VAL D 163 14.28 41.36 -45.78
CA VAL D 163 13.44 40.27 -46.25
C VAL D 163 13.06 39.38 -45.08
N GLU D 164 11.79 38.98 -45.03
CA GLU D 164 11.29 38.06 -44.03
C GLU D 164 10.35 37.08 -44.70
N THR D 165 10.59 35.78 -44.51
CA THR D 165 9.84 34.73 -45.17
C THR D 165 9.34 33.73 -44.15
N THR D 166 8.13 33.22 -44.36
CA THR D 166 7.54 32.22 -43.48
C THR D 166 7.98 30.82 -43.87
N LYS D 167 7.62 29.86 -43.03
CA LYS D 167 7.79 28.42 -43.24
C LYS D 167 6.55 27.85 -43.92
N PRO D 168 6.73 27.00 -44.93
CA PRO D 168 5.57 26.43 -45.62
C PRO D 168 4.62 25.70 -44.68
N SER D 169 3.33 25.91 -44.87
CA SER D 169 2.29 25.32 -44.04
C SER D 169 1.13 24.89 -44.92
N LYS D 170 0.42 23.84 -44.47
CA LYS D 170 -0.66 23.26 -45.26
C LYS D 170 -1.85 24.21 -45.36
N GLN D 171 -2.49 24.22 -46.52
CA GLN D 171 -3.65 25.06 -46.78
C GLN D 171 -4.94 24.29 -46.45
N SER D 172 -6.07 24.83 -46.88
CA SER D 172 -7.35 24.15 -46.74
C SER D 172 -7.52 22.99 -47.72
N ASN D 173 -6.55 22.79 -48.62
CA ASN D 173 -6.61 21.71 -49.60
C ASN D 173 -5.39 20.79 -49.50
N ASN D 174 -4.75 20.75 -48.34
CA ASN D 174 -3.58 19.92 -48.01
C ASN D 174 -2.33 20.35 -48.77
N LYS D 175 -2.41 21.32 -49.65
CA LYS D 175 -1.22 21.87 -50.27
C LYS D 175 -0.55 22.87 -49.34
N TYR D 176 0.73 23.15 -49.60
CA TYR D 176 1.51 24.05 -48.77
C TYR D 176 1.50 25.47 -49.31
N ALA D 177 1.82 26.41 -48.43
CA ALA D 177 1.85 27.83 -48.78
C ALA D 177 2.86 28.55 -47.93
N ALA D 178 3.38 29.67 -48.44
CA ALA D 178 4.35 30.48 -47.73
C ALA D 178 4.26 31.91 -48.23
N SER D 179 4.91 32.81 -47.50
CA SER D 179 4.85 34.23 -47.82
C SER D 179 6.18 34.88 -47.51
N SER D 180 6.49 35.95 -48.25
CA SER D 180 7.72 36.70 -48.06
C SER D 180 7.42 38.19 -48.14
N TYR D 181 7.92 38.94 -47.17
CA TYR D 181 7.70 40.38 -47.08
C TYR D 181 9.02 41.11 -47.28
N LEU D 182 8.96 42.26 -47.95
CA LEU D 182 10.12 43.11 -48.17
C LEU D 182 9.81 44.50 -47.62
N SER D 183 10.36 44.79 -46.44
CA SER D 183 10.14 46.09 -45.81
C SER D 183 11.06 47.13 -46.44
N LEU D 184 10.48 48.27 -46.85
CA LEU D 184 11.24 49.34 -47.48
C LEU D 184 10.69 50.68 -47.01
N THR D 185 11.47 51.72 -47.25
CA THR D 185 11.02 53.09 -47.03
C THR D 185 10.33 53.60 -48.29
N PRO D 186 9.38 54.53 -48.16
CA PRO D 186 8.69 55.05 -49.35
C PRO D 186 9.64 55.65 -50.38
N GLU D 187 10.81 56.12 -49.95
CA GLU D 187 11.80 56.65 -50.90
C GLU D 187 12.37 55.53 -51.77
N GLN D 188 12.73 54.41 -51.15
CA GLN D 188 13.25 53.27 -51.91
C GLN D 188 12.21 52.71 -52.87
N TRP D 189 10.93 52.75 -52.49
CA TRP D 189 9.89 52.21 -53.35
C TRP D 189 9.75 53.02 -54.63
N LYS D 190 9.94 54.34 -54.55
CA LYS D 190 9.81 55.19 -55.73
C LYS D 190 11.14 55.46 -56.43
N SER D 191 12.28 55.18 -55.78
CA SER D 191 13.59 55.39 -56.36
C SER D 191 14.07 54.19 -57.17
N HIS D 192 13.17 53.31 -57.59
CA HIS D 192 13.51 52.14 -58.39
C HIS D 192 12.54 52.02 -59.56
N ARG D 193 12.77 51.00 -60.38
CA ARG D 193 11.99 50.77 -61.59
C ARG D 193 10.91 49.72 -61.38
N SER D 194 11.31 48.51 -60.99
CA SER D 194 10.35 47.40 -60.82
C SER D 194 11.00 46.34 -59.94
N TYR D 195 10.34 46.01 -58.84
CA TYR D 195 10.84 44.98 -57.93
C TYR D 195 10.34 43.62 -58.37
N SER D 196 11.11 42.58 -58.03
CA SER D 196 10.85 41.23 -58.51
C SER D 196 10.88 40.26 -57.34
N CYS D 197 9.87 39.38 -57.27
CA CYS D 197 9.83 38.30 -56.30
C CYS D 197 10.09 36.99 -57.05
N GLN D 198 11.27 36.41 -56.82
CA GLN D 198 11.67 35.18 -57.48
C GLN D 198 11.40 34.00 -56.55
N VAL D 199 10.61 33.04 -57.03
CA VAL D 199 10.22 31.87 -56.25
C VAL D 199 10.62 30.62 -57.03
N THR D 200 11.29 29.69 -56.35
CA THR D 200 11.78 28.46 -56.96
C THR D 200 11.21 27.27 -56.21
N HIS D 201 10.65 26.32 -56.94
CA HIS D 201 10.06 25.11 -56.35
C HIS D 201 10.53 23.90 -57.15
N GLU D 202 11.19 22.96 -56.46
CA GLU D 202 11.69 21.72 -57.06
C GLU D 202 12.59 22.00 -58.27
N GLY D 203 13.26 23.16 -58.27
CA GLY D 203 14.12 23.56 -59.35
C GLY D 203 13.51 24.54 -60.31
N SER D 204 12.20 24.42 -60.57
CA SER D 204 11.53 25.35 -61.46
C SER D 204 11.33 26.70 -60.78
N THR D 205 11.50 27.77 -61.54
CA THR D 205 11.48 29.14 -61.02
C THR D 205 10.27 29.89 -61.53
N VAL D 206 9.49 30.45 -60.61
CA VAL D 206 8.37 31.32 -60.94
C VAL D 206 8.69 32.71 -60.40
N GLU D 207 8.18 33.74 -61.08
CA GLU D 207 8.53 35.10 -60.73
C GLU D 207 7.41 36.06 -61.10
N LYS D 208 7.17 37.04 -60.23
CA LYS D 208 6.23 38.13 -60.47
C LYS D 208 6.94 39.47 -60.31
N THR D 209 6.41 40.48 -60.97
CA THR D 209 7.02 41.81 -60.96
C THR D 209 5.96 42.88 -60.84
N VAL D 210 6.14 43.79 -59.89
CA VAL D 210 5.28 44.95 -59.74
C VAL D 210 6.13 46.21 -59.88
N ALA D 211 5.52 47.25 -60.45
CA ALA D 211 6.18 48.52 -60.66
C ALA D 211 5.35 49.65 -60.08
N PRO D 212 6.00 50.70 -59.54
CA PRO D 212 5.29 51.85 -58.97
C PRO D 212 4.45 52.60 -60.01
N GLY E 1 15.03 -4.99 19.80
CA GLY E 1 14.02 -4.26 19.06
C GLY E 1 14.37 -4.08 17.60
N SER E 2 15.50 -4.66 17.19
CA SER E 2 15.95 -4.51 15.81
C SER E 2 15.04 -5.25 14.85
N HIS E 3 14.75 -4.60 13.72
CA HIS E 3 14.25 -5.24 12.51
C HIS E 3 15.01 -4.64 11.35
N SER E 4 15.09 -5.39 10.26
CA SER E 4 15.89 -4.93 9.13
C SER E 4 15.27 -5.37 7.83
N MET E 5 15.46 -4.55 6.79
CA MET E 5 15.18 -4.92 5.42
C MET E 5 16.46 -4.79 4.62
N ARG E 6 16.82 -5.84 3.89
CA ARG E 6 18.09 -5.88 3.19
C ARG E 6 17.89 -6.44 1.79
N TYR E 7 18.61 -5.89 0.83
CA TYR E 7 18.61 -6.39 -0.53
C TYR E 7 20.03 -6.81 -0.91
N PHE E 8 20.15 -8.02 -1.44
CA PHE E 8 21.43 -8.58 -1.88
C PHE E 8 21.41 -8.72 -3.40
N PHE E 9 22.51 -8.30 -4.03
CA PHE E 9 22.63 -8.36 -5.49
C PHE E 9 23.95 -9.01 -5.85
N THR E 10 23.90 -10.00 -6.75
CA THR E 10 25.09 -10.66 -7.25
C THR E 10 25.03 -10.73 -8.77
N SER E 11 26.12 -10.34 -9.43
CA SER E 11 26.24 -10.48 -10.87
C SER E 11 27.58 -11.14 -11.18
N VAL E 12 27.54 -12.15 -12.04
CA VAL E 12 28.72 -12.93 -12.42
C VAL E 12 28.82 -12.92 -13.94
N SER E 13 29.91 -12.36 -14.47
CA SER E 13 30.08 -12.31 -15.91
C SER E 13 30.47 -13.69 -16.45
N ARG E 14 29.99 -13.99 -17.66
CA ARG E 14 30.27 -15.23 -18.35
C ARG E 14 30.87 -14.87 -19.71
N PRO E 15 32.19 -14.71 -19.81
CA PRO E 15 32.80 -14.28 -21.07
C PRO E 15 32.47 -15.22 -22.22
N GLY E 16 31.89 -14.67 -23.27
CA GLY E 16 31.50 -15.45 -24.42
C GLY E 16 30.39 -16.45 -24.19
N ARG E 17 29.79 -16.47 -22.99
CA ARG E 17 28.68 -17.35 -22.69
C ARG E 17 27.38 -16.58 -22.49
N GLY E 18 27.33 -15.32 -22.94
CA GLY E 18 26.09 -14.55 -22.90
C GLY E 18 26.03 -13.49 -21.83
N GLU E 19 24.83 -13.19 -21.36
CA GLU E 19 24.63 -12.16 -20.36
C GLU E 19 25.15 -12.61 -19.00
N PRO E 20 25.55 -11.66 -18.15
CA PRO E 20 25.98 -12.03 -16.81
C PRO E 20 24.83 -12.62 -16.00
N ARG E 21 25.14 -13.65 -15.21
CA ARG E 21 24.19 -14.19 -14.27
C ARG E 21 23.90 -13.15 -13.18
N PHE E 22 22.62 -12.88 -12.96
CA PHE E 22 22.22 -11.86 -11.99
C PHE E 22 21.16 -12.43 -11.07
N ILE E 23 21.38 -12.29 -9.76
CA ILE E 23 20.49 -12.83 -8.74
C ILE E 23 20.31 -11.77 -7.65
N ALA E 24 19.05 -11.44 -7.35
CA ALA E 24 18.73 -10.48 -6.30
C ALA E 24 17.73 -11.10 -5.35
N VAL E 25 17.95 -10.90 -4.05
CA VAL E 25 17.07 -11.43 -3.02
C VAL E 25 16.80 -10.34 -1.99
N GLY E 26 15.58 -10.29 -1.48
CA GLY E 26 15.19 -9.35 -0.45
C GLY E 26 14.86 -10.08 0.84
N TYR E 27 15.34 -9.53 1.95
CA TYR E 27 15.15 -10.13 3.27
C TYR E 27 14.46 -9.17 4.22
N VAL E 28 13.73 -9.74 5.18
CA VAL E 28 13.27 -9.04 6.36
C VAL E 28 13.56 -9.97 7.54
N ASP E 29 14.64 -9.69 8.27
CA ASP E 29 14.99 -10.42 9.50
C ASP E 29 15.10 -11.92 9.24
N ASP E 30 16.08 -12.30 8.41
CA ASP E 30 16.40 -13.70 8.11
C ASP E 30 15.29 -14.40 7.32
N THR E 31 14.27 -13.68 6.87
CA THR E 31 13.17 -14.27 6.10
C THR E 31 13.20 -13.67 4.70
N GLN E 32 13.59 -14.47 3.72
CA GLN E 32 13.55 -14.03 2.34
C GLN E 32 12.11 -13.84 1.89
N PHE E 33 11.85 -12.75 1.17
CA PHE E 33 10.50 -12.47 0.70
C PHE E 33 10.38 -12.16 -0.79
N VAL E 34 11.45 -11.73 -1.47
CA VAL E 34 11.42 -11.52 -2.91
C VAL E 34 12.72 -12.05 -3.52
N ARG E 35 12.64 -12.40 -4.81
CA ARG E 35 13.78 -12.92 -5.54
C ARG E 35 13.70 -12.46 -6.99
N PHE E 36 14.85 -12.43 -7.64
CA PHE E 36 14.94 -12.28 -9.09
C PHE E 36 16.15 -13.05 -9.58
N ASP E 37 15.96 -13.83 -10.64
CA ASP E 37 17.03 -14.63 -11.24
C ASP E 37 16.99 -14.41 -12.75
N SER E 38 18.07 -13.86 -13.29
CA SER E 38 18.14 -13.59 -14.73
C SER E 38 17.88 -14.84 -15.56
N ASP E 39 18.25 -16.01 -15.05
CA ASP E 39 18.07 -17.25 -15.78
C ASP E 39 16.70 -17.89 -15.57
N ALA E 40 15.82 -17.25 -14.80
CA ALA E 40 14.47 -17.78 -14.63
C ALA E 40 13.60 -17.37 -15.81
N ALA E 41 12.46 -18.06 -15.96
CA ALA E 41 11.59 -17.83 -17.10
C ALA E 41 10.74 -16.58 -16.96
N SER E 42 10.37 -16.21 -15.73
CA SER E 42 9.39 -15.14 -15.55
C SER E 42 9.95 -13.78 -15.92
N GLN E 43 11.25 -13.56 -15.72
CA GLN E 43 11.88 -12.24 -15.93
C GLN E 43 11.17 -11.17 -15.11
N ARG E 44 10.70 -11.53 -13.93
CA ARG E 44 10.00 -10.61 -13.04
C ARG E 44 10.45 -10.86 -11.61
N MET E 45 10.26 -9.84 -10.76
CA MET E 45 10.46 -10.03 -9.34
C MET E 45 9.38 -10.95 -8.78
N GLU E 46 9.79 -12.01 -8.08
CA GLU E 46 8.83 -13.00 -7.67
C GLU E 46 8.70 -13.04 -6.15
N PRO E 47 7.49 -13.28 -5.64
CA PRO E 47 7.32 -13.40 -4.19
C PRO E 47 7.94 -14.69 -3.67
N ARG E 48 8.41 -14.64 -2.42
CA ARG E 48 8.92 -15.81 -1.72
C ARG E 48 8.39 -15.89 -0.29
N ALA E 49 7.38 -15.09 0.04
CA ALA E 49 6.71 -15.11 1.33
C ALA E 49 5.22 -14.85 1.09
N PRO E 50 4.34 -15.45 1.90
CA PRO E 50 2.90 -15.28 1.64
C PRO E 50 2.39 -13.87 1.88
N TRP E 51 2.99 -13.12 2.81
CA TRP E 51 2.47 -11.80 3.12
C TRP E 51 2.80 -10.76 2.04
N ILE E 52 3.81 -11.02 1.21
CA ILE E 52 4.10 -10.11 0.10
C ILE E 52 3.26 -10.42 -1.12
N GLU E 53 2.64 -11.61 -1.18
CA GLU E 53 1.83 -11.96 -2.34
C GLU E 53 0.57 -11.12 -2.45
N GLN E 54 0.09 -10.55 -1.35
CA GLN E 54 -1.10 -9.71 -1.39
C GLN E 54 -0.87 -8.35 -2.05
N GLU E 55 0.36 -8.03 -2.45
CA GLU E 55 0.61 -6.76 -3.11
C GLU E 55 0.08 -6.79 -4.54
N GLY E 56 -0.36 -5.62 -5.01
CA GLY E 56 -1.06 -5.53 -6.27
C GLY E 56 -0.12 -5.53 -7.47
N PRO E 57 -0.71 -5.46 -8.66
CA PRO E 57 0.09 -5.52 -9.89
C PRO E 57 1.09 -4.38 -10.03
N GLU E 58 0.76 -3.17 -9.57
CA GLU E 58 1.69 -2.06 -9.70
C GLU E 58 2.92 -2.27 -8.83
N TYR E 59 2.74 -2.88 -7.65
CA TYR E 59 3.90 -3.20 -6.81
C TYR E 59 4.88 -4.10 -7.55
N TRP E 60 4.37 -5.18 -8.15
CA TRP E 60 5.24 -6.14 -8.83
C TRP E 60 5.85 -5.55 -10.09
N ASP E 61 5.12 -4.68 -10.79
CA ASP E 61 5.71 -3.98 -11.94
C ASP E 61 6.83 -3.05 -11.48
N GLY E 62 6.60 -2.29 -10.40
CA GLY E 62 7.62 -1.37 -9.93
C GLY E 62 8.87 -2.07 -9.45
N GLU E 63 8.71 -3.14 -8.67
CA GLU E 63 9.87 -3.91 -8.23
C GLU E 63 10.60 -4.55 -9.42
N THR E 64 9.87 -4.93 -10.47
CA THR E 64 10.51 -5.56 -11.62
C THR E 64 11.35 -4.55 -12.39
N ARG E 65 10.84 -3.34 -12.59
CA ARG E 65 11.63 -2.31 -13.27
C ARG E 65 12.88 -1.97 -12.47
N LYS E 66 12.72 -1.79 -11.16
CA LYS E 66 13.86 -1.40 -10.32
C LYS E 66 14.94 -2.48 -10.30
N VAL E 67 14.55 -3.75 -10.24
CA VAL E 67 15.57 -4.79 -10.17
C VAL E 67 16.25 -4.96 -11.53
N LYS E 68 15.54 -4.70 -12.62
CA LYS E 68 16.17 -4.74 -13.93
C LYS E 68 17.10 -3.56 -14.14
N ALA E 69 16.79 -2.40 -13.54
CA ALA E 69 17.74 -1.29 -13.58
C ALA E 69 19.00 -1.63 -12.81
N HIS E 70 18.85 -2.28 -11.64
CA HIS E 70 20.03 -2.77 -10.91
C HIS E 70 20.80 -3.77 -11.75
N SER E 71 20.10 -4.72 -12.38
CA SER E 71 20.75 -5.71 -13.23
C SER E 71 21.56 -5.04 -14.34
N GLN E 72 20.97 -4.07 -15.02
CA GLN E 72 21.67 -3.43 -16.14
C GLN E 72 22.81 -2.57 -15.64
N THR E 73 22.66 -1.94 -14.47
CA THR E 73 23.78 -1.21 -13.88
C THR E 73 24.95 -2.15 -13.60
N HIS E 74 24.67 -3.33 -13.03
CA HIS E 74 25.73 -4.29 -12.76
C HIS E 74 26.38 -4.79 -14.03
N ARG E 75 25.60 -4.96 -15.09
CA ARG E 75 26.17 -5.31 -16.38
C ARG E 75 27.18 -4.27 -16.83
N VAL E 76 26.89 -2.99 -16.62
CA VAL E 76 27.82 -1.93 -16.96
C VAL E 76 28.99 -1.91 -15.97
N ASP E 77 28.70 -2.05 -14.68
CA ASP E 77 29.73 -2.00 -13.65
C ASP E 77 30.84 -3.02 -13.92
N LEU E 78 30.47 -4.24 -14.32
CA LEU E 78 31.46 -5.26 -14.65
C LEU E 78 32.44 -4.77 -15.71
N GLY E 79 31.93 -4.08 -16.74
CA GLY E 79 32.82 -3.53 -17.73
C GLY E 79 33.66 -2.40 -17.19
N THR E 80 33.05 -1.52 -16.39
CA THR E 80 33.79 -0.40 -15.80
C THR E 80 34.94 -0.91 -14.94
N LEU E 81 34.66 -1.87 -14.07
CA LEU E 81 35.68 -2.33 -13.12
C LEU E 81 36.81 -3.04 -13.84
N ARG E 82 36.50 -3.81 -14.88
CA ARG E 82 37.55 -4.41 -15.70
C ARG E 82 38.45 -3.34 -16.31
N GLY E 83 37.91 -2.16 -16.60
CA GLY E 83 38.70 -1.06 -17.10
C GLY E 83 39.50 -0.35 -16.01
N TYR E 84 38.90 -0.18 -14.83
CA TYR E 84 39.61 0.41 -13.70
C TYR E 84 40.85 -0.38 -13.36
N TYR E 85 40.75 -1.71 -13.34
CA TYR E 85 41.85 -2.58 -12.96
C TYR E 85 42.62 -3.12 -14.15
N ASN E 86 42.26 -2.71 -15.37
CA ASN E 86 43.02 -3.07 -16.57
C ASN E 86 43.14 -4.58 -16.72
N GLN E 87 42.01 -5.27 -16.61
CA GLN E 87 41.97 -6.71 -16.73
C GLN E 87 41.52 -7.12 -18.13
N SER E 88 41.88 -8.34 -18.51
CA SER E 88 41.43 -8.87 -19.78
C SER E 88 39.94 -9.22 -19.71
N GLU E 89 39.39 -9.58 -20.86
CA GLU E 89 37.97 -9.91 -20.97
C GLU E 89 37.73 -11.41 -21.01
N ALA E 90 38.76 -12.22 -20.80
CA ALA E 90 38.64 -13.67 -20.82
C ALA E 90 38.24 -14.27 -19.47
N GLY E 91 38.26 -13.48 -18.41
CA GLY E 91 38.01 -13.98 -17.07
C GLY E 91 36.63 -13.67 -16.54
N SER E 92 36.13 -14.57 -15.69
CA SER E 92 34.87 -14.35 -15.01
C SER E 92 35.11 -13.50 -13.77
N HIS E 93 34.16 -12.60 -13.49
CA HIS E 93 34.28 -11.68 -12.37
C HIS E 93 32.93 -11.54 -11.68
N THR E 94 32.97 -11.04 -10.45
CA THR E 94 31.80 -10.98 -9.58
C THR E 94 31.63 -9.59 -9.01
N VAL E 95 30.40 -9.09 -9.03
CA VAL E 95 30.02 -7.84 -8.39
C VAL E 95 28.92 -8.16 -7.38
N GLN E 96 29.10 -7.70 -6.15
CA GLN E 96 28.10 -7.89 -5.10
C GLN E 96 27.73 -6.55 -4.49
N ARG E 97 26.44 -6.36 -4.26
CA ARG E 97 25.89 -5.15 -3.66
C ARG E 97 24.89 -5.53 -2.60
N MET E 98 24.94 -4.82 -1.48
CA MET E 98 24.00 -5.04 -0.39
C MET E 98 23.67 -3.70 0.22
N TYR E 99 22.38 -3.43 0.42
CA TYR E 99 21.98 -2.23 1.15
C TYR E 99 20.70 -2.52 1.93
N GLY E 100 20.46 -1.70 2.94
CA GLY E 100 19.26 -1.83 3.72
C GLY E 100 19.27 -0.90 4.91
N CYS E 101 18.31 -1.13 5.81
CA CYS E 101 18.14 -0.28 6.97
C CYS E 101 17.73 -1.13 8.17
N ASP E 102 18.15 -0.69 9.35
CA ASP E 102 17.68 -1.25 10.62
C ASP E 102 16.78 -0.23 11.30
N VAL E 103 15.82 -0.73 12.07
CA VAL E 103 14.97 0.13 12.88
C VAL E 103 15.11 -0.30 14.33
N GLY E 104 14.80 0.64 15.23
CA GLY E 104 14.87 0.38 16.66
C GLY E 104 13.62 -0.33 17.15
N SER E 105 13.52 -0.42 18.48
CA SER E 105 12.34 -1.04 19.07
C SER E 105 11.09 -0.25 18.77
N ASP E 106 11.23 1.06 18.55
CA ASP E 106 10.12 1.93 18.23
C ASP E 106 9.84 1.98 16.73
N TRP E 107 10.45 1.09 15.94
CA TRP E 107 10.31 1.00 14.49
C TRP E 107 10.76 2.27 13.78
N ARG E 108 11.47 3.17 14.46
CA ARG E 108 12.08 4.32 13.81
C ARG E 108 13.48 3.96 13.33
N PHE E 109 13.96 4.72 12.33
CA PHE E 109 15.28 4.49 11.76
C PHE E 109 16.35 4.37 12.84
N LEU E 110 17.24 3.40 12.66
CA LEU E 110 18.40 3.25 13.53
C LEU E 110 19.70 3.38 12.76
N ARG E 111 19.84 2.67 11.64
CA ARG E 111 21.06 2.71 10.85
C ARG E 111 20.75 2.29 9.42
N GLY E 112 21.56 2.78 8.49
CA GLY E 112 21.49 2.35 7.11
C GLY E 112 22.88 1.99 6.61
N TYR E 113 22.90 1.23 5.52
CA TYR E 113 24.17 0.74 5.00
C TYR E 113 24.06 0.47 3.51
N HIS E 114 25.18 0.63 2.81
CA HIS E 114 25.26 0.37 1.38
C HIS E 114 26.67 -0.13 1.09
N GLN E 115 26.80 -1.40 0.75
CA GLN E 115 28.08 -2.05 0.59
C GLN E 115 28.24 -2.55 -0.84
N TYR E 116 29.48 -2.53 -1.34
CA TYR E 116 29.77 -2.90 -2.70
C TYR E 116 31.10 -3.64 -2.75
N ALA E 117 31.12 -4.80 -3.41
CA ALA E 117 32.33 -5.61 -3.51
C ALA E 117 32.59 -5.99 -4.95
N TYR E 118 33.87 -6.22 -5.25
CA TYR E 118 34.31 -6.69 -6.56
C TYR E 118 35.24 -7.88 -6.35
N ASP E 119 34.90 -9.00 -6.98
CA ASP E 119 35.69 -10.24 -6.87
C ASP E 119 35.90 -10.65 -5.41
N GLY E 120 34.87 -10.44 -4.59
CA GLY E 120 34.87 -10.91 -3.23
C GLY E 120 35.60 -10.04 -2.23
N LYS E 121 36.01 -8.82 -2.61
CA LYS E 121 36.70 -7.92 -1.70
C LYS E 121 35.95 -6.60 -1.61
N ASP E 122 36.07 -5.94 -0.45
CA ASP E 122 35.50 -4.62 -0.27
C ASP E 122 35.99 -3.68 -1.35
N TYR E 123 35.07 -2.98 -1.99
CA TYR E 123 35.42 -1.99 -3.00
C TYR E 123 35.09 -0.57 -2.54
N ILE E 124 33.83 -0.29 -2.22
CA ILE E 124 33.44 1.01 -1.70
C ILE E 124 32.23 0.81 -0.80
N ALA E 125 32.20 1.55 0.30
CA ALA E 125 31.14 1.38 1.30
C ALA E 125 30.69 2.75 1.81
N LEU E 126 29.39 2.88 2.02
CA LEU E 126 28.84 4.07 2.64
C LEU E 126 29.13 4.05 4.14
N LYS E 127 29.73 5.13 4.65
CA LYS E 127 29.98 5.19 6.08
C LYS E 127 28.65 5.35 6.83
N GLU E 128 28.72 5.11 8.14
CA GLU E 128 27.51 5.00 8.95
C GLU E 128 26.73 6.30 9.04
N ASP E 129 27.38 7.44 8.80
CA ASP E 129 26.65 8.70 8.76
C ASP E 129 25.85 8.90 7.48
N LEU E 130 25.96 7.98 6.52
CA LEU E 130 25.26 8.06 5.24
C LEU E 130 25.58 9.37 4.50
N ARG E 131 26.80 9.88 4.70
CA ARG E 131 27.24 11.12 4.09
C ARG E 131 28.61 11.04 3.41
N SER E 132 29.40 10.02 3.68
CA SER E 132 30.75 9.92 3.14
C SER E 132 31.06 8.48 2.79
N TRP E 133 32.12 8.28 2.01
CA TRP E 133 32.46 7.00 1.43
C TRP E 133 33.81 6.51 1.93
N THR E 134 33.95 5.19 1.98
CA THR E 134 35.21 4.53 2.31
C THR E 134 35.67 3.78 1.07
N ALA E 135 36.71 4.31 0.43
CA ALA E 135 37.27 3.70 -0.77
C ALA E 135 38.38 2.72 -0.38
N ALA E 136 38.31 1.50 -0.91
CA ALA E 136 39.24 0.46 -0.49
C ALA E 136 40.61 0.60 -1.15
N ASP E 137 40.67 1.10 -2.38
CA ASP E 137 41.95 1.19 -3.09
C ASP E 137 41.89 2.36 -4.06
N MET E 138 42.87 2.42 -4.97
CA MET E 138 42.93 3.51 -5.95
C MET E 138 41.70 3.52 -6.85
N ALA E 139 41.33 2.35 -7.39
CA ALA E 139 40.19 2.30 -8.30
C ALA E 139 38.92 2.74 -7.61
N ALA E 140 38.77 2.41 -6.32
CA ALA E 140 37.59 2.84 -5.58
C ALA E 140 37.52 4.36 -5.44
N GLN E 141 38.67 5.03 -5.39
CA GLN E 141 38.66 6.48 -5.27
C GLN E 141 38.10 7.13 -6.53
N THR E 142 38.34 6.54 -7.70
CA THR E 142 37.71 7.02 -8.92
C THR E 142 36.19 7.00 -8.79
N THR E 143 35.65 5.90 -8.27
CA THR E 143 34.21 5.83 -8.03
C THR E 143 33.79 6.84 -6.97
N LYS E 144 34.59 7.00 -5.92
CA LYS E 144 34.24 7.92 -4.85
C LYS E 144 34.15 9.36 -5.36
N HIS E 145 35.11 9.79 -6.17
CA HIS E 145 35.06 11.13 -6.75
C HIS E 145 33.81 11.30 -7.61
N LYS E 146 33.52 10.31 -8.46
CA LYS E 146 32.33 10.40 -9.30
C LYS E 146 31.07 10.40 -8.46
N TRP E 147 30.99 9.53 -7.46
CA TRP E 147 29.80 9.46 -6.61
C TRP E 147 29.63 10.71 -5.76
N GLU E 148 30.73 11.35 -5.36
CA GLU E 148 30.62 12.60 -4.62
C GLU E 148 30.16 13.74 -5.51
N ALA E 149 30.56 13.73 -6.78
CA ALA E 149 30.12 14.78 -7.70
C ALA E 149 28.64 14.64 -8.05
N ALA E 150 28.13 13.41 -8.15
CA ALA E 150 26.74 13.18 -8.49
C ALA E 150 25.83 13.15 -7.27
N HIS E 151 26.36 13.43 -6.08
CA HIS E 151 25.58 13.46 -4.84
C HIS E 151 24.87 12.12 -4.61
N VAL E 152 25.59 11.03 -4.82
CA VAL E 152 25.00 9.71 -4.67
C VAL E 152 24.66 9.43 -3.21
N ALA E 153 25.50 9.88 -2.28
CA ALA E 153 25.26 9.59 -0.88
C ALA E 153 23.98 10.26 -0.39
N GLU E 154 23.72 11.49 -0.83
CA GLU E 154 22.49 12.17 -0.44
C GLU E 154 21.26 11.42 -0.92
N GLN E 155 21.30 10.88 -2.15
CA GLN E 155 20.13 10.23 -2.70
C GLN E 155 19.96 8.80 -2.19
N LEU E 156 21.06 8.15 -1.80
CA LEU E 156 20.93 6.89 -1.08
C LEU E 156 20.43 7.12 0.34
N ARG E 157 20.91 8.18 1.00
CA ARG E 157 20.48 8.48 2.36
C ARG E 157 18.99 8.74 2.42
N ALA E 158 18.43 9.38 1.38
CA ALA E 158 16.99 9.65 1.37
C ALA E 158 16.18 8.36 1.36
N TYR E 159 16.69 7.33 0.68
CA TYR E 159 16.01 6.04 0.66
C TYR E 159 16.23 5.28 1.97
N LEU E 160 17.48 5.22 2.44
CA LEU E 160 17.80 4.41 3.61
C LEU E 160 17.12 4.94 4.87
N GLU E 161 17.10 6.26 5.05
CA GLU E 161 16.48 6.83 6.24
C GLU E 161 14.97 6.93 6.10
N GLY E 162 14.47 7.33 4.92
CA GLY E 162 13.04 7.50 4.76
C GLY E 162 12.26 6.35 4.16
N THR E 163 12.63 5.93 2.95
CA THR E 163 11.79 4.99 2.20
C THR E 163 11.95 3.56 2.71
N CYS E 164 13.19 3.15 2.96
CA CYS E 164 13.45 1.81 3.47
C CYS E 164 12.67 1.54 4.75
N VAL E 165 12.62 2.54 5.66
CA VAL E 165 11.95 2.35 6.94
C VAL E 165 10.44 2.29 6.77
N GLU E 166 9.87 3.16 5.96
CA GLU E 166 8.41 3.16 5.76
C GLU E 166 7.92 1.80 5.27
N TRP E 167 8.61 1.18 4.34
CA TRP E 167 8.14 -0.08 3.79
C TRP E 167 8.48 -1.25 4.68
N LEU E 168 9.57 -1.16 5.45
CA LEU E 168 9.83 -2.17 6.48
C LEU E 168 8.67 -2.23 7.47
N ARG E 169 8.14 -1.07 7.87
CA ARG E 169 7.01 -1.06 8.79
C ARG E 169 5.77 -1.66 8.15
N ARG E 170 5.54 -1.37 6.87
CA ARG E 170 4.43 -1.98 6.14
C ARG E 170 4.55 -3.50 6.13
N TYR E 171 5.75 -4.01 5.84
CA TYR E 171 5.96 -5.45 5.79
C TYR E 171 5.79 -6.07 7.17
N LEU E 172 6.41 -5.48 8.20
CA LEU E 172 6.31 -6.02 9.55
C LEU E 172 4.86 -6.17 10.00
N GLU E 173 3.98 -5.25 9.58
CA GLU E 173 2.58 -5.34 9.98
C GLU E 173 1.82 -6.34 9.12
N ASN E 174 2.04 -6.32 7.80
CA ASN E 174 1.32 -7.25 6.93
C ASN E 174 1.75 -8.69 7.15
N GLY E 175 2.98 -8.89 7.64
CA GLY E 175 3.47 -10.23 7.90
C GLY E 175 3.83 -10.45 9.35
N LYS E 176 3.04 -9.88 10.27
CA LYS E 176 3.33 -10.02 11.69
C LYS E 176 3.37 -11.48 12.13
N GLU E 177 2.52 -12.32 11.52
CA GLU E 177 2.45 -13.73 11.91
C GLU E 177 3.78 -14.43 11.66
N THR E 178 4.48 -14.05 10.59
CA THR E 178 5.74 -14.65 10.21
C THR E 178 6.95 -13.88 10.71
N LEU E 179 6.95 -12.55 10.58
CA LEU E 179 8.13 -11.75 10.83
C LEU E 179 8.31 -11.37 12.30
N GLN E 180 7.22 -11.22 13.04
CA GLN E 180 7.29 -10.84 14.45
C GLN E 180 7.13 -12.04 15.38
N ARG E 181 7.27 -13.26 14.87
CA ARG E 181 7.25 -14.42 15.72
C ARG E 181 8.64 -14.64 16.34
N THR E 182 8.66 -15.48 17.38
CA THR E 182 9.91 -15.87 18.01
C THR E 182 9.76 -17.33 18.42
N ASP E 183 10.38 -18.23 17.65
CA ASP E 183 10.36 -19.66 17.94
C ASP E 183 11.57 -19.99 18.80
N ALA E 184 11.33 -20.27 20.08
CA ALA E 184 12.41 -20.68 20.96
C ALA E 184 12.98 -22.02 20.50
N PRO E 185 14.27 -22.26 20.71
CA PRO E 185 14.88 -23.50 20.23
C PRO E 185 14.33 -24.73 20.95
N LYS E 186 14.21 -25.82 20.20
CA LYS E 186 13.97 -27.14 20.76
C LYS E 186 15.32 -27.81 20.97
N THR E 187 15.69 -28.02 22.22
CA THR E 187 17.03 -28.48 22.56
C THR E 187 17.00 -29.93 23.06
N HIS E 188 18.07 -30.64 22.76
CA HIS E 188 18.33 -31.97 23.33
C HIS E 188 19.83 -32.23 23.21
N MET E 189 20.27 -33.36 23.76
CA MET E 189 21.69 -33.68 23.77
C MET E 189 21.90 -35.16 23.47
N THR E 190 22.95 -35.45 22.70
CA THR E 190 23.32 -36.81 22.35
C THR E 190 24.71 -37.13 22.90
N HIS E 191 24.98 -38.42 23.02
CA HIS E 191 26.21 -38.94 23.57
C HIS E 191 26.79 -39.97 22.61
N HIS E 192 28.04 -39.76 22.19
CA HIS E 192 28.70 -40.65 21.24
C HIS E 192 30.09 -40.99 21.77
N ALA E 193 30.31 -42.27 22.06
CA ALA E 193 31.60 -42.70 22.58
C ALA E 193 32.60 -42.85 21.44
N VAL E 194 33.77 -42.23 21.61
CA VAL E 194 34.82 -42.30 20.59
C VAL E 194 35.90 -43.33 20.94
N SER E 195 36.05 -43.70 22.21
CA SER E 195 36.96 -44.74 22.63
C SER E 195 36.51 -45.23 24.00
N ASP E 196 37.34 -46.05 24.63
CA ASP E 196 37.03 -46.48 26.00
C ASP E 196 37.30 -45.39 27.02
N HIS E 197 38.07 -44.36 26.66
CA HIS E 197 38.45 -43.32 27.60
C HIS E 197 37.77 -41.98 27.36
N GLU E 198 37.22 -41.73 26.18
CA GLU E 198 36.60 -40.46 25.86
C GLU E 198 35.22 -40.68 25.26
N ALA E 199 34.45 -39.60 25.17
CA ALA E 199 33.13 -39.62 24.56
C ALA E 199 32.76 -38.20 24.15
N THR E 200 31.90 -38.10 23.14
CA THR E 200 31.46 -36.81 22.61
C THR E 200 30.05 -36.51 23.10
N LEU E 201 29.85 -35.32 23.63
CA LEU E 201 28.53 -34.79 23.96
C LEU E 201 28.18 -33.71 22.95
N ARG E 202 27.02 -33.86 22.31
CA ARG E 202 26.57 -32.93 21.28
C ARG E 202 25.28 -32.26 21.75
N CYS E 203 25.32 -30.93 21.84
CA CYS E 203 24.19 -30.12 22.30
C CYS E 203 23.46 -29.57 21.07
N TRP E 204 22.17 -29.87 20.96
CA TRP E 204 21.38 -29.56 19.78
C TRP E 204 20.42 -28.41 20.04
N ALA E 205 20.30 -27.51 19.07
CA ALA E 205 19.28 -26.47 19.06
C ALA E 205 18.61 -26.48 17.69
N LEU E 206 17.29 -26.66 17.67
CA LEU E 206 16.56 -26.84 16.42
C LEU E 206 15.31 -25.97 16.39
N SER E 207 14.82 -25.75 15.17
CA SER E 207 13.51 -25.13 14.92
C SER E 207 13.36 -23.79 15.63
N PHE E 208 14.39 -22.95 15.53
CA PHE E 208 14.36 -21.65 16.18
C PHE E 208 14.43 -20.53 15.17
N TYR E 209 13.83 -19.39 15.53
CA TYR E 209 13.81 -18.19 14.73
C TYR E 209 13.74 -17.01 15.69
N PRO E 210 14.50 -15.93 15.46
CA PRO E 210 15.45 -15.74 14.36
C PRO E 210 16.74 -16.56 14.52
N ALA E 211 17.69 -16.35 13.59
CA ALA E 211 18.85 -17.22 13.51
C ALA E 211 19.88 -16.96 14.60
N GLU E 212 19.93 -15.74 15.13
CA GLU E 212 20.92 -15.40 16.15
C GLU E 212 20.74 -16.29 17.39
N ILE E 213 21.82 -17.00 17.76
CA ILE E 213 21.79 -17.91 18.90
C ILE E 213 23.22 -18.09 19.38
N THR E 214 23.38 -18.51 20.63
CA THR E 214 24.69 -18.79 21.20
C THR E 214 24.65 -20.13 21.93
N LEU E 215 25.63 -20.97 21.67
CA LEU E 215 25.81 -22.25 22.35
C LEU E 215 27.22 -22.28 22.94
N THR E 216 27.31 -22.46 24.26
CA THR E 216 28.58 -22.51 24.94
C THR E 216 28.62 -23.72 25.86
N TRP E 217 29.78 -24.34 25.94
CA TRP E 217 30.01 -25.45 26.86
C TRP E 217 30.77 -24.97 28.09
N GLN E 218 30.46 -25.60 29.22
CA GLN E 218 31.12 -25.28 30.49
C GLN E 218 31.45 -26.57 31.22
N ARG E 219 32.63 -26.62 31.83
CA ARG E 219 33.01 -27.68 32.75
C ARG E 219 33.17 -27.07 34.14
N ASP E 220 32.47 -27.64 35.12
CA ASP E 220 32.42 -27.08 36.48
C ASP E 220 31.97 -25.62 36.46
N GLY E 221 31.19 -25.25 35.45
CA GLY E 221 30.75 -23.88 35.30
C GLY E 221 31.76 -22.93 34.69
N GLU E 222 32.82 -23.45 34.08
CA GLU E 222 33.86 -22.63 33.45
C GLU E 222 33.79 -22.81 31.94
N ASP E 223 33.85 -21.69 31.21
CA ASP E 223 33.69 -21.72 29.76
C ASP E 223 34.71 -22.62 29.11
N GLN E 224 34.23 -23.64 28.41
CA GLN E 224 35.08 -24.50 27.58
C GLN E 224 35.02 -24.04 26.12
N THR E 225 35.47 -22.81 25.89
CA THR E 225 35.47 -22.26 24.54
C THR E 225 36.38 -23.06 23.62
N GLN E 226 37.59 -23.37 24.08
CA GLN E 226 38.48 -24.25 23.35
C GLN E 226 38.06 -25.70 23.57
N ASP E 227 38.40 -26.55 22.60
CA ASP E 227 38.02 -27.96 22.54
C ASP E 227 36.53 -28.16 22.27
N THR E 228 35.80 -27.08 22.02
CA THR E 228 34.38 -27.17 21.68
C THR E 228 34.22 -26.95 20.18
N GLU E 229 33.65 -27.93 19.50
CA GLU E 229 33.33 -27.81 18.07
C GLU E 229 31.89 -27.40 17.92
N LEU E 230 31.66 -26.30 17.20
CA LEU E 230 30.32 -25.84 16.91
C LEU E 230 30.23 -25.45 15.45
N VAL E 231 29.15 -25.87 14.79
CA VAL E 231 28.97 -25.64 13.37
C VAL E 231 28.20 -24.35 13.16
N GLU E 232 28.33 -23.79 11.95
CA GLU E 232 27.57 -22.60 11.60
C GLU E 232 26.07 -22.86 11.74
N THR E 233 25.35 -21.81 12.13
CA THR E 233 23.90 -21.86 12.08
C THR E 233 23.45 -22.18 10.65
N ARG E 234 22.56 -23.15 10.52
CA ARG E 234 22.16 -23.64 9.21
C ARG E 234 20.64 -23.57 9.07
N PRO E 235 20.15 -23.34 7.85
CA PRO E 235 18.70 -23.28 7.65
C PRO E 235 18.09 -24.67 7.58
N ALA E 236 16.95 -24.84 8.25
CA ALA E 236 16.23 -26.10 8.19
C ALA E 236 15.46 -26.25 6.89
N GLY E 237 15.08 -25.14 6.26
CA GLY E 237 14.30 -25.17 5.04
C GLY E 237 12.85 -24.80 5.20
N ASP E 238 12.39 -24.54 6.44
CA ASP E 238 11.02 -24.15 6.70
C ASP E 238 10.93 -22.79 7.38
N GLY E 239 11.98 -21.97 7.26
CA GLY E 239 12.03 -20.70 7.95
C GLY E 239 12.74 -20.72 9.29
N THR E 240 12.94 -21.89 9.88
CA THR E 240 13.66 -22.00 11.15
C THR E 240 15.11 -22.39 10.88
N PHE E 241 15.88 -22.48 11.97
CA PHE E 241 17.33 -22.70 11.87
C PHE E 241 17.75 -23.76 12.87
N GLN E 242 18.98 -24.26 12.66
CA GLN E 242 19.55 -25.32 13.48
C GLN E 242 20.99 -24.98 13.82
N LYS E 243 21.48 -25.53 14.93
CA LYS E 243 22.86 -25.38 15.34
C LYS E 243 23.18 -26.44 16.39
N TRP E 244 24.43 -26.89 16.41
CA TRP E 244 24.87 -27.76 17.48
C TRP E 244 26.32 -27.44 17.85
N ALA E 245 26.66 -27.80 19.08
CA ALA E 245 28.00 -27.63 19.62
C ALA E 245 28.39 -28.90 20.36
N ALA E 246 29.64 -29.33 20.19
CA ALA E 246 30.10 -30.59 20.73
C ALA E 246 31.42 -30.41 21.46
N VAL E 247 31.63 -31.25 22.48
CA VAL E 247 32.87 -31.24 23.24
C VAL E 247 33.25 -32.68 23.55
N VAL E 248 34.55 -32.97 23.49
CA VAL E 248 35.06 -34.30 23.77
C VAL E 248 35.41 -34.39 25.25
N VAL E 249 34.74 -35.28 25.97
CA VAL E 249 34.85 -35.36 27.42
C VAL E 249 35.46 -36.70 27.82
N PRO E 250 36.10 -36.79 28.98
CA PRO E 250 36.54 -38.09 29.48
C PRO E 250 35.37 -38.90 30.02
N SER E 251 35.40 -40.20 29.76
CA SER E 251 34.30 -41.07 30.18
C SER E 251 34.18 -41.08 31.69
N GLY E 252 32.99 -40.79 32.20
CA GLY E 252 32.70 -40.74 33.61
C GLY E 252 32.46 -39.34 34.13
N GLN E 253 33.05 -38.33 33.50
CA GLN E 253 32.94 -36.94 33.93
C GLN E 253 31.84 -36.18 33.19
N GLU E 254 30.87 -36.88 32.61
CA GLU E 254 29.89 -36.21 31.76
C GLU E 254 29.06 -35.21 32.55
N GLN E 255 28.76 -35.50 33.82
CA GLN E 255 27.95 -34.61 34.61
C GLN E 255 28.68 -33.33 35.01
N ARG E 256 29.98 -33.23 34.72
CA ARG E 256 30.70 -31.99 34.95
C ARG E 256 30.51 -30.98 33.82
N TYR E 257 29.96 -31.41 32.69
CA TYR E 257 29.79 -30.56 31.52
C TYR E 257 28.34 -30.11 31.40
N THR E 258 28.16 -28.84 31.02
CA THR E 258 26.85 -28.25 30.82
C THR E 258 26.85 -27.41 29.57
N CYS E 259 25.74 -27.43 28.84
CA CYS E 259 25.54 -26.64 27.65
C CYS E 259 24.55 -25.52 27.93
N HIS E 260 24.83 -24.33 27.39
CA HIS E 260 24.02 -23.16 27.65
C HIS E 260 23.55 -22.54 26.34
N VAL E 261 22.24 -22.35 26.22
CA VAL E 261 21.60 -21.85 25.01
C VAL E 261 21.05 -20.47 25.29
N GLN E 262 21.42 -19.49 24.46
CA GLN E 262 20.92 -18.13 24.55
C GLN E 262 20.20 -17.78 23.26
N HIS E 263 18.95 -17.31 23.39
CA HIS E 263 18.14 -17.00 22.22
C HIS E 263 17.07 -15.99 22.61
N GLU E 264 16.62 -15.22 21.61
CA GLU E 264 15.60 -14.21 21.85
C GLU E 264 14.34 -14.82 22.43
N GLY E 265 14.00 -16.04 22.02
CA GLY E 265 12.82 -16.73 22.50
C GLY E 265 12.93 -17.37 23.85
N LEU E 266 14.05 -17.17 24.56
CA LEU E 266 14.25 -17.73 25.89
C LEU E 266 14.36 -16.59 26.89
N PRO E 267 13.51 -16.54 27.91
CA PRO E 267 13.64 -15.46 28.91
C PRO E 267 14.98 -15.46 29.62
N LYS E 268 15.47 -16.63 30.01
CA LYS E 268 16.77 -16.79 30.63
C LYS E 268 17.53 -17.89 29.89
N PRO E 269 18.86 -17.87 29.95
CA PRO E 269 19.64 -18.90 29.26
C PRO E 269 19.27 -20.30 29.73
N LEU E 270 19.31 -21.25 28.79
CA LEU E 270 18.82 -22.60 29.01
C LEU E 270 20.01 -23.52 29.30
N THR E 271 19.87 -24.33 30.34
CA THR E 271 20.92 -25.26 30.75
C THR E 271 20.59 -26.66 30.25
N LEU E 272 21.56 -27.28 29.57
CA LEU E 272 21.40 -28.62 29.03
C LEU E 272 22.47 -29.53 29.62
N ARG E 273 22.05 -30.71 30.07
CA ARG E 273 22.96 -31.72 30.60
C ARG E 273 22.73 -33.02 29.88
N TRP E 274 23.66 -33.95 30.07
CA TRP E 274 23.50 -35.32 29.54
C TRP E 274 22.58 -35.99 30.54
N GLU E 275 21.32 -36.10 30.14
CA GLU E 275 20.17 -36.57 30.95
C GLU E 275 20.34 -37.74 31.90
N PRO E 276 21.02 -38.83 31.50
CA PRO E 276 21.18 -40.05 32.29
C PRO E 276 21.89 -39.80 33.64
N MET F 1 41.50 -10.62 -6.06
CA MET F 1 40.84 -11.90 -6.25
C MET F 1 41.08 -12.83 -5.06
N ILE F 2 40.00 -13.20 -4.38
CA ILE F 2 40.05 -14.14 -3.27
C ILE F 2 39.14 -15.32 -3.58
N GLN F 3 39.62 -16.52 -3.29
CA GLN F 3 38.85 -17.75 -3.44
C GLN F 3 38.77 -18.43 -2.08
N ARG F 4 37.58 -18.88 -1.70
CA ARG F 4 37.36 -19.49 -0.41
C ARG F 4 36.70 -20.84 -0.59
N THR F 5 37.14 -21.81 0.20
CA THR F 5 36.68 -23.19 0.14
C THR F 5 35.29 -23.31 0.78
N PRO F 6 34.37 -24.04 0.16
CA PRO F 6 33.05 -24.20 0.76
C PRO F 6 33.07 -25.05 2.01
N LYS F 7 32.16 -24.71 2.93
CA LYS F 7 31.87 -25.54 4.08
C LYS F 7 30.58 -26.32 3.81
N ILE F 8 30.57 -27.60 4.17
CA ILE F 8 29.52 -28.52 3.77
C ILE F 8 28.88 -29.13 5.02
N GLN F 9 27.56 -29.11 5.08
CA GLN F 9 26.80 -29.79 6.13
C GLN F 9 25.63 -30.52 5.50
N VAL F 10 25.56 -31.83 5.73
CA VAL F 10 24.44 -32.65 5.30
C VAL F 10 23.61 -32.99 6.53
N TYR F 11 22.30 -32.80 6.44
CA TYR F 11 21.42 -32.97 7.60
C TYR F 11 19.99 -32.99 7.11
N SER F 12 19.07 -33.29 8.01
CA SER F 12 17.65 -33.35 7.71
C SER F 12 16.92 -32.20 8.40
N ARG F 13 15.78 -31.82 7.82
CA ARG F 13 15.00 -30.71 8.37
C ARG F 13 14.45 -31.05 9.76
N HIS F 14 14.09 -32.32 9.97
CA HIS F 14 13.57 -32.80 11.24
C HIS F 14 14.40 -33.98 11.69
N PRO F 15 14.43 -34.26 13.00
CA PRO F 15 15.12 -35.47 13.47
C PRO F 15 14.62 -36.72 12.75
N ALA F 16 15.57 -37.49 12.22
CA ALA F 16 15.23 -38.58 11.32
C ALA F 16 14.53 -39.71 12.07
N GLU F 17 13.42 -40.19 11.49
CA GLU F 17 12.71 -41.36 11.97
C GLU F 17 12.47 -42.29 10.80
N ASN F 18 12.94 -43.53 10.90
CA ASN F 18 12.85 -44.48 9.81
C ASN F 18 11.40 -44.73 9.44
N GLY F 19 11.04 -44.42 8.20
CA GLY F 19 9.69 -44.62 7.70
C GLY F 19 8.84 -43.37 7.62
N LYS F 20 9.31 -42.25 8.17
CA LYS F 20 8.58 -41.00 8.15
C LYS F 20 9.17 -40.05 7.13
N SER F 21 8.31 -39.32 6.42
CA SER F 21 8.77 -38.42 5.38
C SER F 21 9.51 -37.22 5.97
N ASN F 22 10.54 -36.76 5.27
CA ASN F 22 11.45 -35.75 5.78
C ASN F 22 12.06 -35.01 4.59
N PHE F 23 12.97 -34.07 4.90
CA PHE F 23 13.69 -33.31 3.89
C PHE F 23 15.19 -33.46 4.11
N LEU F 24 15.92 -33.77 3.05
CA LEU F 24 17.37 -33.92 3.10
C LEU F 24 18.01 -32.61 2.63
N ASN F 25 18.82 -32.00 3.48
CA ASN F 25 19.44 -30.71 3.22
C ASN F 25 20.94 -30.86 3.03
N CYS F 26 21.49 -30.02 2.14
CA CYS F 26 22.93 -29.83 2.01
C CYS F 26 23.18 -28.33 1.96
N TYR F 27 23.84 -27.81 3.00
CA TYR F 27 24.09 -26.39 3.15
C TYR F 27 25.57 -26.12 2.86
N VAL F 28 25.84 -25.47 1.74
CA VAL F 28 27.20 -25.05 1.38
C VAL F 28 27.33 -23.56 1.66
N SER F 29 28.43 -23.18 2.28
CA SER F 29 28.61 -21.79 2.71
C SER F 29 30.08 -21.43 2.72
N GLY F 30 30.35 -20.13 2.78
CA GLY F 30 31.70 -19.63 2.89
C GLY F 30 32.55 -19.74 1.66
N PHE F 31 31.96 -19.93 0.48
CA PHE F 31 32.74 -20.16 -0.73
C PHE F 31 32.72 -18.94 -1.64
N HIS F 32 33.73 -18.85 -2.50
CA HIS F 32 33.86 -17.81 -3.51
C HIS F 32 34.82 -18.29 -4.59
N PRO F 33 34.48 -18.18 -5.88
CA PRO F 33 33.27 -17.55 -6.41
C PRO F 33 32.01 -18.42 -6.34
N SER F 34 30.92 -17.90 -6.89
CA SER F 34 29.60 -18.49 -6.68
C SER F 34 29.43 -19.82 -7.42
N ASP F 35 30.17 -20.03 -8.51
CA ASP F 35 30.04 -21.25 -9.30
C ASP F 35 30.30 -22.49 -8.45
N ILE F 36 29.27 -23.30 -8.24
CA ILE F 36 29.39 -24.46 -7.37
C ILE F 36 28.46 -25.56 -7.85
N GLU F 37 28.90 -26.80 -7.71
CA GLU F 37 28.13 -27.97 -8.11
C GLU F 37 27.81 -28.78 -6.87
N VAL F 38 26.53 -29.03 -6.62
CA VAL F 38 26.07 -29.75 -5.44
C VAL F 38 25.07 -30.81 -5.88
N ASP F 39 25.31 -32.05 -5.47
CA ASP F 39 24.41 -33.17 -5.77
C ASP F 39 24.09 -33.92 -4.49
N LEU F 40 22.84 -34.39 -4.39
CA LEU F 40 22.42 -35.25 -3.28
C LEU F 40 22.38 -36.69 -3.77
N LEU F 41 22.88 -37.60 -2.94
CA LEU F 41 23.05 -38.99 -3.32
C LEU F 41 22.19 -39.90 -2.44
N LYS F 42 21.58 -40.90 -3.07
CA LYS F 42 20.88 -41.98 -2.37
C LYS F 42 21.51 -43.30 -2.80
N ASN F 43 22.30 -43.89 -1.91
CA ASN F 43 23.07 -45.11 -2.20
C ASN F 43 24.02 -44.90 -3.38
N GLY F 44 24.67 -43.72 -3.40
CA GLY F 44 25.66 -43.42 -4.42
C GLY F 44 25.10 -42.86 -5.71
N GLU F 45 23.80 -42.92 -5.93
CA GLU F 45 23.18 -42.44 -7.16
C GLU F 45 22.57 -41.06 -6.94
N ARG F 46 22.71 -40.19 -7.93
CA ARG F 46 22.24 -38.83 -7.82
C ARG F 46 20.72 -38.77 -7.80
N ILE F 47 20.19 -37.97 -6.88
CA ILE F 47 18.75 -37.71 -6.84
C ILE F 47 18.44 -36.60 -7.84
N GLU F 48 17.39 -36.79 -8.62
CA GLU F 48 17.12 -35.87 -9.73
C GLU F 48 16.38 -34.61 -9.26
N LYS F 49 15.19 -34.78 -8.68
CA LYS F 49 14.39 -33.63 -8.26
C LYS F 49 15.01 -33.06 -6.99
N VAL F 50 15.90 -32.08 -7.17
CA VAL F 50 16.62 -31.46 -6.08
C VAL F 50 16.50 -29.95 -6.27
N GLU F 51 15.82 -29.28 -5.34
CA GLU F 51 15.66 -27.84 -5.39
C GLU F 51 16.78 -27.16 -4.60
N HIS F 52 17.01 -25.89 -4.92
CA HIS F 52 18.04 -25.10 -4.26
C HIS F 52 17.49 -23.73 -3.93
N SER F 53 18.19 -23.01 -3.06
CA SER F 53 17.80 -21.68 -2.65
C SER F 53 18.41 -20.63 -3.57
N ASP F 54 18.02 -19.38 -3.34
CA ASP F 54 18.54 -18.26 -4.13
C ASP F 54 19.84 -17.74 -3.52
N LEU F 55 20.84 -17.53 -4.38
CA LEU F 55 22.18 -17.14 -3.95
C LEU F 55 22.14 -15.90 -3.07
N SER F 56 22.86 -15.97 -1.94
CA SER F 56 23.06 -14.83 -1.07
C SER F 56 24.47 -14.94 -0.49
N PHE F 57 24.85 -13.98 0.36
CA PHE F 57 26.20 -13.94 0.87
C PHE F 57 26.23 -13.31 2.26
N SER F 58 27.39 -13.43 2.90
CA SER F 58 27.60 -13.06 4.30
C SER F 58 28.45 -11.79 4.40
N LYS F 59 28.81 -11.42 5.64
CA LYS F 59 29.57 -10.20 5.88
C LYS F 59 30.90 -10.19 5.13
N ASP F 60 31.54 -11.34 4.98
CA ASP F 60 32.81 -11.44 4.27
C ASP F 60 32.64 -11.61 2.76
N TRP F 61 31.42 -11.45 2.25
CA TRP F 61 31.05 -11.59 0.85
C TRP F 61 31.09 -13.03 0.35
N SER F 62 31.37 -14.01 1.20
CA SER F 62 31.31 -15.40 0.79
C SER F 62 29.86 -15.84 0.64
N PHE F 63 29.62 -16.75 -0.31
CA PHE F 63 28.28 -17.15 -0.70
C PHE F 63 27.77 -18.33 0.14
N TYR F 64 26.47 -18.59 0.03
CA TYR F 64 25.87 -19.77 0.65
C TYR F 64 24.63 -20.19 -0.11
N LEU F 65 24.36 -21.50 -0.09
CA LEU F 65 23.23 -22.09 -0.79
C LEU F 65 22.72 -23.29 -0.01
N LEU F 66 21.42 -23.52 -0.09
CA LEU F 66 20.78 -24.71 0.47
C LEU F 66 20.22 -25.54 -0.67
N TYR F 67 20.62 -26.81 -0.73
CA TYR F 67 20.04 -27.80 -1.63
C TYR F 67 19.21 -28.76 -0.80
N TYR F 68 18.00 -29.06 -1.26
CA TYR F 68 17.09 -29.89 -0.47
C TYR F 68 16.23 -30.74 -1.39
N THR F 69 15.80 -31.88 -0.84
CA THR F 69 14.89 -32.78 -1.53
C THR F 69 14.13 -33.59 -0.49
N GLU F 70 12.93 -34.03 -0.86
CA GLU F 70 12.16 -34.90 0.01
C GLU F 70 12.81 -36.28 0.06
N PHE F 71 12.79 -36.89 1.24
CA PHE F 71 13.25 -38.27 1.38
C PHE F 71 12.61 -38.89 2.60
N THR F 72 12.55 -40.21 2.59
CA THR F 72 12.09 -40.98 3.75
C THR F 72 13.25 -41.84 4.22
N PRO F 73 13.91 -41.50 5.32
CA PRO F 73 15.06 -42.30 5.76
C PRO F 73 14.65 -43.68 6.23
N THR F 74 15.59 -44.61 6.11
CA THR F 74 15.46 -45.96 6.64
C THR F 74 16.78 -46.31 7.33
N GLU F 75 16.86 -47.51 7.87
CA GLU F 75 18.10 -47.99 8.45
C GLU F 75 19.01 -48.66 7.43
N LYS F 76 18.60 -48.72 6.16
CA LYS F 76 19.38 -49.36 5.12
C LYS F 76 19.88 -48.41 4.04
N ASP F 77 19.29 -47.23 3.92
CA ASP F 77 19.64 -46.30 2.85
C ASP F 77 20.71 -45.33 3.32
N GLU F 78 21.77 -45.18 2.52
CA GLU F 78 22.82 -44.21 2.77
C GLU F 78 22.60 -42.98 1.90
N TYR F 79 22.68 -41.80 2.50
CA TYR F 79 22.54 -40.55 1.78
C TYR F 79 23.81 -39.72 1.96
N ALA F 80 24.09 -38.87 0.98
CA ALA F 80 25.31 -38.07 1.01
C ALA F 80 25.11 -36.84 0.14
N CYS F 81 26.02 -35.87 0.30
CA CYS F 81 26.09 -34.68 -0.53
C CYS F 81 27.44 -34.67 -1.23
N ARG F 82 27.44 -34.37 -2.52
CA ARG F 82 28.66 -34.28 -3.31
C ARG F 82 28.81 -32.86 -3.82
N VAL F 83 29.88 -32.19 -3.38
CA VAL F 83 30.11 -30.79 -3.71
C VAL F 83 31.38 -30.70 -4.55
N ASN F 84 31.32 -29.88 -5.60
CA ASN F 84 32.48 -29.59 -6.43
C ASN F 84 32.62 -28.09 -6.57
N HIS F 85 33.85 -27.61 -6.60
CA HIS F 85 34.14 -26.18 -6.60
C HIS F 85 35.56 -26.00 -7.11
N VAL F 86 35.86 -24.77 -7.56
CA VAL F 86 37.17 -24.50 -8.16
C VAL F 86 38.28 -24.71 -7.14
N THR F 87 38.01 -24.51 -5.85
CA THR F 87 39.00 -24.67 -4.81
C THR F 87 39.17 -26.12 -4.34
N LEU F 88 38.48 -27.07 -4.98
CA LEU F 88 38.58 -28.47 -4.62
C LEU F 88 39.23 -29.24 -5.77
N SER F 89 40.35 -29.91 -5.46
CA SER F 89 41.04 -30.68 -6.49
C SER F 89 40.17 -31.82 -7.01
N GLN F 90 39.28 -32.34 -6.19
CA GLN F 90 38.34 -33.38 -6.56
C GLN F 90 37.04 -33.13 -5.82
N PRO F 91 35.92 -33.68 -6.30
CA PRO F 91 34.65 -33.49 -5.59
C PRO F 91 34.70 -34.11 -4.20
N LYS F 92 34.09 -33.41 -3.24
CA LYS F 92 34.02 -33.87 -1.86
C LYS F 92 32.66 -34.50 -1.60
N ILE F 93 32.67 -35.69 -1.02
CA ILE F 93 31.46 -36.40 -0.64
C ILE F 93 31.38 -36.40 0.87
N VAL F 94 30.28 -35.88 1.41
CA VAL F 94 30.02 -35.87 2.84
C VAL F 94 28.79 -36.72 3.07
N LYS F 95 28.94 -37.78 3.87
CA LYS F 95 27.83 -38.69 4.15
C LYS F 95 26.92 -38.10 5.23
N TRP F 96 25.63 -38.38 5.10
CA TRP F 96 24.64 -37.90 6.06
C TRP F 96 24.69 -38.75 7.32
N ASP F 97 24.94 -38.12 8.46
CA ASP F 97 24.97 -38.78 9.76
C ASP F 97 23.73 -38.34 10.54
N ARG F 98 22.87 -39.32 10.85
CA ARG F 98 21.66 -39.04 11.62
C ARG F 98 21.95 -38.23 12.88
N ASP F 99 23.14 -38.38 13.45
CA ASP F 99 23.54 -37.70 14.68
C ASP F 99 24.24 -36.38 14.44
N MET F 100 24.25 -35.88 13.20
CA MET F 100 24.89 -34.60 12.88
C MET F 100 24.03 -33.77 11.92
N GLY G 1 -10.89 -49.90 22.65
CA GLY G 1 -11.84 -50.68 23.42
C GLY G 1 -13.22 -50.05 23.51
N SER G 2 -14.26 -50.88 23.48
CA SER G 2 -15.63 -50.37 23.53
C SER G 2 -15.96 -49.85 24.92
N HIS G 3 -15.56 -50.58 25.97
CA HIS G 3 -15.79 -50.15 27.34
C HIS G 3 -14.59 -50.51 28.20
N SER G 4 -14.46 -49.80 29.31
CA SER G 4 -13.29 -49.96 30.17
C SER G 4 -13.68 -49.69 31.62
N MET G 5 -13.01 -50.39 32.53
CA MET G 5 -13.05 -50.10 33.95
C MET G 5 -11.64 -49.87 34.43
N ARG G 6 -11.42 -48.73 35.09
CA ARG G 6 -10.08 -48.35 35.52
C ARG G 6 -10.11 -47.85 36.96
N TYR G 7 -9.04 -48.14 37.69
CA TYR G 7 -8.85 -47.63 39.05
C TYR G 7 -7.56 -46.82 39.10
N PHE G 8 -7.64 -45.64 39.70
CA PHE G 8 -6.51 -44.73 39.82
C PHE G 8 -6.19 -44.52 41.29
N PHE G 9 -4.92 -44.64 41.65
CA PHE G 9 -4.47 -44.47 43.03
C PHE G 9 -3.33 -43.46 43.06
N THR G 10 -3.46 -42.45 43.92
CA THR G 10 -2.41 -41.47 44.11
C THR G 10 -2.02 -41.43 45.59
N SER G 11 -0.72 -41.48 45.86
CA SER G 11 -0.18 -41.43 47.20
C SER G 11 0.87 -40.33 47.25
N VAL G 12 0.73 -39.41 48.19
CA VAL G 12 1.57 -38.22 48.28
C VAL G 12 2.07 -38.09 49.72
N SER G 13 3.37 -38.28 49.92
CA SER G 13 3.93 -38.14 51.26
C SER G 13 3.92 -36.67 51.67
N ARG G 14 3.63 -36.43 52.96
CA ARG G 14 3.52 -35.08 53.51
C ARG G 14 4.49 -34.93 54.66
N PRO G 15 5.73 -34.52 54.40
CA PRO G 15 6.70 -34.36 55.49
C PRO G 15 6.26 -33.29 56.48
N GLY G 16 6.23 -33.67 57.76
CA GLY G 16 5.87 -32.76 58.82
C GLY G 16 4.39 -32.58 59.07
N ARG G 17 3.52 -33.19 58.26
CA ARG G 17 2.09 -32.94 58.35
C ARG G 17 1.26 -34.21 58.52
N GLY G 18 1.89 -35.31 58.95
CA GLY G 18 1.14 -36.51 59.28
C GLY G 18 1.15 -37.61 58.25
N GLU G 19 0.04 -38.33 58.14
CA GLU G 19 -0.06 -39.46 57.24
C GLU G 19 -0.04 -39.00 55.78
N PRO G 20 0.38 -39.86 54.87
CA PRO G 20 0.38 -39.47 53.45
C PRO G 20 -1.04 -39.37 52.92
N ARG G 21 -1.23 -38.44 51.99
CA ARG G 21 -2.50 -38.36 51.28
C ARG G 21 -2.68 -39.59 50.42
N PHE G 22 -3.92 -40.11 50.39
CA PHE G 22 -4.26 -41.22 49.53
C PHE G 22 -5.62 -40.93 48.90
N ILE G 23 -5.66 -40.91 47.56
CA ILE G 23 -6.89 -40.65 46.82
C ILE G 23 -7.04 -41.74 45.77
N ALA G 24 -8.17 -42.46 45.81
CA ALA G 24 -8.47 -43.50 44.83
C ALA G 24 -9.80 -43.20 44.16
N VAL G 25 -9.84 -43.39 42.84
CA VAL G 25 -11.04 -43.19 42.04
C VAL G 25 -11.19 -44.35 41.07
N GLY G 26 -12.43 -44.76 40.84
CA GLY G 26 -12.74 -45.78 39.84
C GLY G 26 -13.61 -45.19 38.75
N TYR G 27 -13.35 -45.60 37.50
CA TYR G 27 -14.07 -45.08 36.34
C TYR G 27 -14.68 -46.21 35.53
N VAL G 28 -15.85 -45.94 34.99
CA VAL G 28 -16.38 -46.84 33.93
C VAL G 28 -16.41 -45.94 32.71
N ASP G 29 -15.53 -46.19 31.78
CA ASP G 29 -15.31 -45.33 30.60
C ASP G 29 -14.92 -43.95 31.11
N ASP G 30 -15.71 -42.93 30.83
CA ASP G 30 -15.36 -41.57 31.25
C ASP G 30 -16.27 -41.14 32.38
N THR G 31 -16.65 -42.06 33.24
CA THR G 31 -17.60 -41.75 34.33
C THR G 31 -17.06 -42.30 35.64
N GLN G 32 -16.71 -41.40 36.54
CA GLN G 32 -16.30 -41.79 37.88
C GLN G 32 -17.52 -42.32 38.64
N PHE G 33 -17.36 -43.49 39.27
CA PHE G 33 -18.44 -44.06 40.05
C PHE G 33 -18.10 -44.34 41.51
N VAL G 34 -16.81 -44.44 41.87
CA VAL G 34 -16.41 -44.58 43.27
C VAL G 34 -15.19 -43.72 43.55
N ARG G 35 -15.04 -43.34 44.82
CA ARG G 35 -13.92 -42.55 45.28
C ARG G 35 -13.54 -42.98 46.68
N PHE G 36 -12.29 -42.67 47.05
CA PHE G 36 -11.85 -42.75 48.44
C PHE G 36 -10.82 -41.66 48.66
N ASP G 37 -10.96 -40.92 49.76
CA ASP G 37 -10.04 -39.86 50.14
C ASP G 37 -9.61 -40.08 51.57
N SER G 38 -8.31 -40.20 51.81
CA SER G 38 -7.81 -40.43 53.16
C SER G 38 -8.20 -39.29 54.09
N ASP G 39 -8.25 -38.06 53.59
CA ASP G 39 -8.63 -36.92 54.41
C ASP G 39 -10.13 -36.74 54.56
N ALA G 40 -10.93 -37.51 53.82
CA ALA G 40 -12.38 -37.43 53.97
C ALA G 40 -12.79 -37.98 55.33
N ALA G 41 -14.01 -37.62 55.75
CA ALA G 41 -14.47 -37.95 57.09
C ALA G 41 -14.93 -39.40 57.22
N SER G 42 -15.52 -39.96 56.15
CA SER G 42 -16.18 -41.26 56.29
C SER G 42 -15.20 -42.41 56.41
N GLN G 43 -14.01 -42.27 55.81
CA GLN G 43 -13.02 -43.35 55.75
C GLN G 43 -13.59 -44.61 55.10
N ARG G 44 -14.52 -44.44 54.15
CA ARG G 44 -15.10 -45.55 53.41
C ARG G 44 -15.07 -45.23 51.93
N MET G 45 -15.21 -46.27 51.12
CA MET G 45 -15.37 -46.06 49.68
C MET G 45 -16.74 -45.47 49.41
N GLU G 46 -16.78 -44.35 48.70
CA GLU G 46 -18.02 -43.63 48.51
C GLU G 46 -18.48 -43.70 47.05
N PRO G 47 -19.80 -43.71 46.82
CA PRO G 47 -20.31 -43.70 45.45
C PRO G 47 -20.27 -42.31 44.83
N ARG G 48 -20.06 -42.29 43.52
CA ARG G 48 -20.09 -41.04 42.76
C ARG G 48 -20.93 -41.14 41.50
N ALA G 49 -21.71 -42.20 41.36
CA ALA G 49 -22.65 -42.41 40.26
C ALA G 49 -23.89 -43.08 40.84
N PRO G 50 -25.07 -42.80 40.26
CA PRO G 50 -26.31 -43.29 40.88
C PRO G 50 -26.48 -44.80 40.82
N TRP G 51 -25.93 -45.47 39.80
CA TRP G 51 -26.19 -46.90 39.63
C TRP G 51 -25.38 -47.76 40.59
N ILE G 52 -24.21 -47.29 41.02
CA ILE G 52 -23.44 -48.06 42.00
C ILE G 52 -24.04 -47.96 43.39
N GLU G 53 -24.92 -46.98 43.62
CA GLU G 53 -25.54 -46.83 44.93
C GLU G 53 -26.51 -47.97 45.25
N GLN G 54 -26.98 -48.69 44.24
CA GLN G 54 -27.85 -49.82 44.48
C GLN G 54 -27.13 -51.03 45.07
N GLU G 55 -25.79 -51.02 45.07
CA GLU G 55 -25.04 -52.10 45.67
C GLU G 55 -25.24 -52.11 47.18
N GLY G 56 -25.27 -53.32 47.74
CA GLY G 56 -25.61 -53.51 49.13
C GLY G 56 -24.44 -53.35 50.09
N PRO G 57 -24.66 -53.71 51.35
CA PRO G 57 -23.62 -53.46 52.38
C PRO G 57 -22.35 -54.25 52.16
N GLU G 58 -22.44 -55.50 51.70
CA GLU G 58 -21.22 -56.29 51.55
C GLU G 58 -20.34 -55.74 50.43
N TYR G 59 -20.95 -55.24 49.35
CA TYR G 59 -20.16 -54.62 48.30
C TYR G 59 -19.32 -53.47 48.84
N TRP G 60 -19.94 -52.60 49.63
CA TRP G 60 -19.24 -51.42 50.12
C TRP G 60 -18.23 -51.75 51.20
N ASP G 61 -18.53 -52.76 52.04
CA ASP G 61 -17.53 -53.22 52.99
C ASP G 61 -16.34 -53.84 52.28
N GLY G 62 -16.59 -54.60 51.20
CA GLY G 62 -15.51 -55.19 50.46
C GLY G 62 -14.63 -54.16 49.77
N GLU G 63 -15.26 -53.20 49.09
CA GLU G 63 -14.49 -52.16 48.41
C GLU G 63 -13.70 -51.32 49.41
N THR G 64 -14.31 -50.99 50.55
CA THR G 64 -13.61 -50.24 51.58
C THR G 64 -12.39 -51.00 52.09
N ARG G 65 -12.53 -52.31 52.31
CA ARG G 65 -11.39 -53.11 52.75
C ARG G 65 -10.31 -53.17 51.68
N LYS G 66 -10.70 -53.32 50.41
CA LYS G 66 -9.71 -53.39 49.34
C LYS G 66 -8.98 -52.08 49.16
N VAL G 67 -9.69 -50.95 49.24
CA VAL G 67 -9.03 -49.67 49.03
C VAL G 67 -8.17 -49.31 50.23
N LYS G 68 -8.56 -49.74 51.43
CA LYS G 68 -7.69 -49.52 52.59
C LYS G 68 -6.46 -50.42 52.53
N ALA G 69 -6.57 -51.61 51.95
CA ALA G 69 -5.39 -52.44 51.72
C ALA G 69 -4.44 -51.78 50.73
N HIS G 70 -5.00 -51.16 49.68
CA HIS G 70 -4.17 -50.39 48.77
C HIS G 70 -3.58 -49.17 49.46
N SER G 71 -4.36 -48.51 50.32
CA SER G 71 -3.86 -47.33 51.03
C SER G 71 -2.68 -47.69 51.92
N GLN G 72 -2.78 -48.79 52.66
CA GLN G 72 -1.70 -49.17 53.57
C GLN G 72 -0.51 -49.74 52.82
N THR G 73 -0.73 -50.41 51.69
CA THR G 73 0.39 -50.87 50.87
C THR G 73 1.16 -49.69 50.31
N HIS G 74 0.46 -48.64 49.86
CA HIS G 74 1.13 -47.46 49.36
C HIS G 74 1.91 -46.74 50.46
N ARG G 75 1.41 -46.80 51.71
CA ARG G 75 2.15 -46.20 52.81
C ARG G 75 3.51 -46.87 53.00
N VAL G 76 3.55 -48.20 52.84
CA VAL G 76 4.82 -48.91 52.93
C VAL G 76 5.67 -48.64 51.70
N ASP G 77 5.04 -48.54 50.52
CA ASP G 77 5.77 -48.30 49.29
C ASP G 77 6.58 -47.01 49.34
N LEU G 78 5.97 -45.94 49.86
CA LEU G 78 6.67 -44.66 49.99
C LEU G 78 7.99 -44.82 50.74
N GLY G 79 7.96 -45.55 51.87
CA GLY G 79 9.19 -45.78 52.60
C GLY G 79 10.15 -46.68 51.85
N THR G 80 9.64 -47.73 51.21
CA THR G 80 10.50 -48.64 50.45
C THR G 80 11.20 -47.91 49.32
N LEU G 81 10.45 -47.11 48.55
CA LEU G 81 11.03 -46.41 47.42
C LEU G 81 12.09 -45.41 47.86
N ARG G 82 11.81 -44.65 48.91
CA ARG G 82 12.81 -43.77 49.49
C ARG G 82 14.07 -44.54 49.87
N GLY G 83 13.91 -45.78 50.34
CA GLY G 83 15.06 -46.61 50.62
C GLY G 83 15.80 -47.02 49.36
N TYR G 84 15.06 -47.30 48.28
CA TYR G 84 15.70 -47.68 47.02
C TYR G 84 16.58 -46.56 46.48
N TYR G 85 16.08 -45.32 46.53
CA TYR G 85 16.76 -44.18 45.93
C TYR G 85 17.53 -43.33 46.93
N ASN G 86 17.59 -43.74 48.21
CA ASN G 86 18.38 -43.05 49.23
C ASN G 86 17.92 -41.60 49.40
N GLN G 87 16.65 -41.45 49.79
CA GLN G 87 16.02 -40.15 49.95
C GLN G 87 15.62 -39.94 51.41
N SER G 88 15.78 -38.72 51.89
CA SER G 88 15.88 -38.44 53.32
C SER G 88 14.58 -37.99 53.95
N GLU G 89 13.44 -38.49 53.48
CA GLU G 89 12.11 -38.32 54.12
C GLU G 89 11.82 -36.86 54.47
N ALA G 90 12.50 -35.92 53.84
CA ALA G 90 12.22 -34.51 54.04
C ALA G 90 11.45 -33.90 52.89
N GLY G 91 11.42 -34.56 51.73
CA GLY G 91 10.69 -34.05 50.60
C GLY G 91 9.41 -34.81 50.35
N SER G 92 8.48 -34.18 49.64
CA SER G 92 7.23 -34.83 49.27
C SER G 92 7.45 -35.67 48.02
N HIS G 93 7.04 -36.94 48.08
CA HIS G 93 7.15 -37.85 46.95
C HIS G 93 5.77 -38.37 46.58
N THR G 94 5.62 -38.71 45.30
CA THR G 94 4.35 -39.12 44.73
C THR G 94 4.47 -40.55 44.20
N VAL G 95 3.46 -41.36 44.52
CA VAL G 95 3.31 -42.69 43.95
C VAL G 95 1.94 -42.76 43.26
N GLN G 96 1.91 -43.31 42.06
CA GLN G 96 0.68 -43.45 41.30
C GLN G 96 0.57 -44.87 40.76
N ARG G 97 -0.63 -45.43 40.86
CA ARG G 97 -0.93 -46.78 40.39
C ARG G 97 -2.22 -46.74 39.59
N MET G 98 -2.24 -47.48 38.48
CA MET G 98 -3.41 -47.57 37.62
C MET G 98 -3.52 -48.98 37.07
N TYR G 99 -4.68 -49.59 37.22
CA TYR G 99 -4.95 -50.87 36.58
C TYR G 99 -6.40 -50.93 36.11
N GLY G 100 -6.68 -51.89 35.24
CA GLY G 100 -8.02 -52.09 34.74
C GLY G 100 -8.01 -52.91 33.47
N CYS G 101 -9.15 -52.94 32.80
CA CYS G 101 -9.37 -53.78 31.64
C CYS G 101 -10.23 -53.07 30.61
N ASP G 102 -10.08 -53.47 29.35
CA ASP G 102 -10.95 -53.06 28.26
C ASP G 102 -11.68 -54.28 27.72
N VAL G 103 -12.90 -54.05 27.22
CA VAL G 103 -13.66 -55.10 26.56
C VAL G 103 -14.02 -54.63 25.16
N GLY G 104 -14.24 -55.60 24.28
CA GLY G 104 -14.66 -55.32 22.92
C GLY G 104 -16.14 -55.06 22.83
N SER G 105 -16.63 -54.92 21.60
CA SER G 105 -18.04 -54.65 21.37
C SER G 105 -18.93 -55.78 21.88
N ASP G 106 -18.37 -56.97 22.08
CA ASP G 106 -19.10 -58.10 22.65
C ASP G 106 -18.93 -58.23 24.16
N TRP G 107 -18.42 -57.18 24.82
CA TRP G 107 -18.23 -57.13 26.26
C TRP G 107 -17.32 -58.25 26.78
N ARG G 108 -16.48 -58.80 25.91
CA ARG G 108 -15.51 -59.81 26.30
C ARG G 108 -14.11 -59.21 26.32
N PHE G 109 -13.23 -59.84 27.10
CA PHE G 109 -11.91 -59.29 27.38
C PHE G 109 -11.17 -58.91 26.10
N LEU G 110 -10.58 -57.72 26.11
CA LEU G 110 -9.74 -57.25 25.02
C LEU G 110 -8.31 -57.00 25.46
N ARG G 111 -8.10 -56.22 26.51
CA ARG G 111 -6.76 -55.93 26.99
C ARG G 111 -6.81 -55.59 28.47
N GLY G 112 -5.69 -55.82 29.16
CA GLY G 112 -5.56 -55.45 30.55
C GLY G 112 -4.24 -54.75 30.77
N TYR G 113 -4.16 -54.04 31.89
CA TYR G 113 -2.99 -53.22 32.15
C TYR G 113 -2.84 -52.96 33.65
N HIS G 114 -1.60 -52.74 34.07
CA HIS G 114 -1.28 -52.43 35.46
C HIS G 114 0.00 -51.61 35.45
N GLN G 115 -0.12 -50.31 35.72
CA GLN G 115 0.98 -49.37 35.62
C GLN G 115 1.31 -48.82 37.00
N TYR G 116 2.59 -48.54 37.22
CA TYR G 116 3.07 -48.02 38.50
C TYR G 116 4.13 -46.96 38.24
N ALA G 117 3.98 -45.81 38.87
CA ALA G 117 4.88 -44.69 38.65
C ALA G 117 5.37 -44.13 39.98
N TYR G 118 6.59 -43.60 39.97
CA TYR G 118 7.20 -42.96 41.13
C TYR G 118 7.67 -41.57 40.73
N ASP G 119 7.16 -40.54 41.41
CA ASP G 119 7.51 -39.15 41.14
C ASP G 119 7.28 -38.78 39.68
N GLY G 120 6.11 -39.15 39.17
CA GLY G 120 5.71 -38.78 37.83
C GLY G 120 6.45 -39.49 36.72
N LYS G 121 7.19 -40.55 37.02
CA LYS G 121 7.99 -41.26 36.04
C LYS G 121 7.65 -42.74 36.09
N ASP G 122 7.67 -43.40 34.94
CA ASP G 122 7.42 -44.84 34.87
C ASP G 122 8.37 -45.58 35.80
N TYR G 123 7.82 -46.51 36.59
CA TYR G 123 8.64 -47.34 37.46
C TYR G 123 8.59 -48.80 37.05
N ILE G 124 7.41 -49.42 37.04
CA ILE G 124 7.27 -50.80 36.60
C ILE G 124 5.87 -50.97 36.00
N ALA G 125 5.80 -51.73 34.92
CA ALA G 125 4.54 -51.89 34.21
C ALA G 125 4.37 -53.32 33.74
N LEU G 126 3.14 -53.81 33.81
CA LEU G 126 2.80 -55.12 33.30
C LEU G 126 2.70 -55.06 31.77
N LYS G 127 3.41 -55.94 31.09
CA LYS G 127 3.37 -55.95 29.63
C LYS G 127 2.00 -56.41 29.15
N GLU G 128 1.74 -56.18 27.86
CA GLU G 128 0.42 -56.42 27.30
C GLU G 128 0.02 -57.88 27.43
N ASP G 129 0.96 -58.80 27.36
CA ASP G 129 0.66 -60.22 27.51
C ASP G 129 0.27 -60.59 28.94
N LEU G 130 0.34 -59.66 29.88
CA LEU G 130 0.02 -59.87 31.29
C LEU G 130 0.88 -60.97 31.93
N ARG G 131 2.08 -61.21 31.39
CA ARG G 131 2.95 -62.27 31.86
C ARG G 131 4.30 -61.78 32.35
N SER G 132 4.79 -60.65 31.86
CA SER G 132 6.12 -60.16 32.19
C SER G 132 6.05 -58.68 32.57
N TRP G 133 7.18 -58.18 33.07
CA TRP G 133 7.27 -56.82 33.59
C TRP G 133 8.28 -56.01 32.80
N THR G 134 8.03 -54.70 32.72
CA THR G 134 8.97 -53.74 32.14
C THR G 134 9.47 -52.84 33.27
N ALA G 135 10.72 -53.04 33.66
CA ALA G 135 11.32 -52.29 34.76
C ALA G 135 12.11 -51.10 34.21
N ALA G 136 11.92 -49.94 34.82
CA ALA G 136 12.46 -48.71 34.25
C ALA G 136 13.91 -48.45 34.61
N ASP G 137 14.34 -48.85 35.80
CA ASP G 137 15.70 -48.57 36.24
C ASP G 137 16.16 -49.71 37.15
N MET G 138 17.26 -49.47 37.87
CA MET G 138 17.82 -50.50 38.73
C MET G 138 16.94 -50.77 39.95
N ALA G 139 16.28 -49.74 40.47
CA ALA G 139 15.38 -49.92 41.60
C ALA G 139 14.17 -50.77 41.20
N ALA G 140 13.65 -50.55 40.00
CA ALA G 140 12.53 -51.35 39.53
C ALA G 140 12.94 -52.80 39.26
N GLN G 141 14.21 -53.05 38.98
CA GLN G 141 14.68 -54.42 38.83
C GLN G 141 14.53 -55.18 40.14
N THR G 142 14.75 -54.51 41.27
CA THR G 142 14.54 -55.13 42.57
C THR G 142 13.07 -55.48 42.78
N THR G 143 12.17 -54.55 42.44
CA THR G 143 10.74 -54.82 42.51
C THR G 143 10.36 -55.96 41.58
N LYS G 144 10.96 -55.99 40.39
CA LYS G 144 10.60 -57.01 39.40
C LYS G 144 10.94 -58.41 39.90
N HIS G 145 12.18 -58.60 40.38
CA HIS G 145 12.58 -59.92 40.88
C HIS G 145 11.71 -60.36 42.04
N LYS G 146 11.34 -59.43 42.92
CA LYS G 146 10.45 -59.77 44.03
C LYS G 146 9.08 -60.18 43.52
N TRP G 147 8.54 -59.45 42.55
CA TRP G 147 7.23 -59.78 42.01
C TRP G 147 7.26 -61.05 41.17
N GLU G 148 8.38 -61.32 40.50
CA GLU G 148 8.51 -62.58 39.78
C GLU G 148 8.57 -63.76 40.75
N ALA G 149 9.27 -63.60 41.87
CA ALA G 149 9.36 -64.69 42.84
C ALA G 149 8.03 -64.94 43.54
N ALA G 150 7.18 -63.92 43.64
CA ALA G 150 5.88 -64.05 44.28
C ALA G 150 4.75 -64.34 43.29
N HIS G 151 5.06 -64.45 42.00
CA HIS G 151 4.06 -64.73 40.98
C HIS G 151 2.96 -63.68 40.98
N VAL G 152 3.36 -62.41 41.05
CA VAL G 152 2.40 -61.31 41.07
C VAL G 152 1.68 -61.20 39.73
N ALA G 153 2.41 -61.39 38.63
CA ALA G 153 1.80 -61.22 37.31
C ALA G 153 0.71 -62.25 37.07
N GLU G 154 0.94 -63.50 37.48
CA GLU G 154 -0.07 -64.54 37.28
C GLU G 154 -1.36 -64.21 38.03
N GLN G 155 -1.26 -63.55 39.18
CA GLN G 155 -2.43 -63.26 39.99
C GLN G 155 -3.08 -61.95 39.62
N LEU G 156 -2.32 -60.98 39.12
CA LEU G 156 -2.93 -59.81 38.51
C LEU G 156 -3.65 -60.18 37.22
N ARG G 157 -3.12 -61.13 36.47
CA ARG G 157 -3.74 -61.56 35.23
C ARG G 157 -5.13 -62.14 35.47
N ALA G 158 -5.27 -62.93 36.55
CA ALA G 158 -6.56 -63.54 36.84
C ALA G 158 -7.62 -62.49 37.13
N TYR G 159 -7.23 -61.39 37.78
CA TYR G 159 -8.17 -60.30 38.01
C TYR G 159 -8.46 -59.54 36.73
N LEU G 160 -7.42 -59.26 35.93
CA LEU G 160 -7.59 -58.39 34.76
C LEU G 160 -8.38 -59.07 33.65
N GLU G 161 -8.14 -60.36 33.41
CA GLU G 161 -8.88 -61.10 32.39
C GLU G 161 -10.20 -61.67 32.92
N GLY G 162 -10.35 -61.76 34.23
CA GLY G 162 -11.51 -62.38 34.85
C GLY G 162 -12.40 -61.39 35.57
N THR G 163 -12.17 -61.26 36.87
CA THR G 163 -12.98 -60.41 37.74
C THR G 163 -13.24 -59.04 37.13
N CYS G 164 -12.20 -58.40 36.58
CA CYS G 164 -12.36 -57.06 36.03
C CYS G 164 -13.43 -57.02 34.94
N VAL G 165 -13.37 -57.98 34.02
CA VAL G 165 -14.34 -58.03 32.92
C VAL G 165 -15.73 -58.37 33.44
N GLU G 166 -15.84 -59.32 34.38
CA GLU G 166 -17.14 -59.73 34.88
C GLU G 166 -17.87 -58.57 35.54
N TRP G 167 -17.16 -57.77 36.33
CA TRP G 167 -17.82 -56.68 37.04
C TRP G 167 -18.04 -55.47 36.14
N LEU G 168 -17.21 -55.30 35.11
CA LEU G 168 -17.51 -54.30 34.09
C LEU G 168 -18.84 -54.62 33.41
N ARG G 169 -19.03 -55.88 33.03
CA ARG G 169 -20.29 -56.28 32.39
C ARG G 169 -21.48 -56.01 33.30
N ARG G 170 -21.34 -56.29 34.60
CA ARG G 170 -22.41 -56.02 35.55
C ARG G 170 -22.71 -54.52 35.64
N TYR G 171 -21.66 -53.69 35.68
CA TYR G 171 -21.84 -52.24 35.74
C TYR G 171 -22.52 -51.72 34.49
N LEU G 172 -22.09 -52.18 33.31
CA LEU G 172 -22.65 -51.68 32.06
C LEU G 172 -24.14 -51.97 31.96
N GLU G 173 -24.61 -53.07 32.56
CA GLU G 173 -26.03 -53.38 32.52
C GLU G 173 -26.82 -52.59 33.56
N ASN G 174 -26.35 -52.59 34.81
CA ASN G 174 -27.06 -51.88 35.87
C ASN G 174 -27.09 -50.38 35.59
N GLY G 175 -26.02 -49.84 35.01
CA GLY G 175 -25.97 -48.42 34.70
C GLY G 175 -26.05 -48.14 33.23
N LYS G 176 -26.87 -48.92 32.51
CA LYS G 176 -26.95 -48.77 31.06
C LYS G 176 -27.39 -47.37 30.65
N GLU G 177 -28.30 -46.77 31.42
CA GLU G 177 -28.83 -45.46 31.05
C GLU G 177 -27.78 -44.37 31.18
N THR G 178 -26.75 -44.58 32.00
CA THR G 178 -25.62 -43.67 32.07
C THR G 178 -24.48 -44.11 31.15
N LEU G 179 -24.09 -45.37 31.25
CA LEU G 179 -22.84 -45.83 30.65
C LEU G 179 -22.98 -46.18 29.17
N GLN G 180 -24.15 -46.64 28.74
CA GLN G 180 -24.36 -47.04 27.36
C GLN G 180 -25.01 -45.95 26.52
N ARG G 181 -25.19 -44.76 27.08
CA ARG G 181 -25.81 -43.67 26.34
C ARG G 181 -24.78 -43.00 25.42
N THR G 182 -25.30 -42.30 24.41
CA THR G 182 -24.50 -41.44 23.56
C THR G 182 -25.23 -40.10 23.46
N ASP G 183 -24.62 -39.05 24.00
CA ASP G 183 -25.13 -37.70 23.88
C ASP G 183 -24.38 -37.02 22.75
N ALA G 184 -25.06 -36.84 21.62
CA ALA G 184 -24.43 -36.14 20.50
C ALA G 184 -24.12 -34.70 20.90
N PRO G 185 -23.03 -34.14 20.41
CA PRO G 185 -22.66 -32.78 20.80
C PRO G 185 -23.64 -31.75 20.27
N LYS G 186 -24.04 -30.83 21.14
CA LYS G 186 -24.73 -29.61 20.71
C LYS G 186 -23.68 -28.63 20.18
N THR G 187 -23.82 -28.21 18.93
CA THR G 187 -22.77 -27.47 18.25
C THR G 187 -23.29 -26.12 17.76
N HIS G 188 -22.47 -25.09 17.96
CA HIS G 188 -22.74 -23.78 17.41
C HIS G 188 -21.40 -23.11 17.10
N MET G 189 -21.47 -22.00 16.35
CA MET G 189 -20.27 -21.29 15.93
C MET G 189 -20.39 -19.83 16.30
N THR G 190 -19.27 -19.26 16.74
CA THR G 190 -19.20 -17.85 17.12
C THR G 190 -18.15 -17.15 16.28
N HIS G 191 -18.26 -15.82 16.22
CA HIS G 191 -17.46 -14.98 15.35
C HIS G 191 -16.95 -13.79 16.14
N HIS G 192 -15.63 -13.59 16.14
CA HIS G 192 -15.01 -12.54 16.96
C HIS G 192 -13.98 -11.82 16.09
N ALA G 193 -14.31 -10.61 15.66
CA ALA G 193 -13.39 -9.83 14.83
C ALA G 193 -12.23 -9.31 15.66
N VAL G 194 -11.01 -9.65 15.26
CA VAL G 194 -9.83 -9.13 15.95
C VAL G 194 -9.34 -7.82 15.36
N SER G 195 -9.77 -7.48 14.14
CA SER G 195 -9.43 -6.21 13.50
C SER G 195 -10.42 -5.99 12.36
N ASP G 196 -10.17 -4.95 11.57
CA ASP G 196 -11.00 -4.72 10.38
C ASP G 196 -10.69 -5.69 9.25
N HIS G 197 -9.61 -6.49 9.38
CA HIS G 197 -9.21 -7.40 8.33
C HIS G 197 -9.27 -8.87 8.70
N GLU G 198 -9.26 -9.20 9.99
CA GLU G 198 -9.25 -10.59 10.45
C GLU G 198 -10.38 -10.82 11.44
N ALA G 199 -10.75 -12.09 11.58
CA ALA G 199 -11.77 -12.50 12.53
C ALA G 199 -11.48 -13.93 12.97
N THR G 200 -11.95 -14.26 14.16
CA THR G 200 -11.79 -15.61 14.72
C THR G 200 -13.12 -16.34 14.64
N LEU G 201 -13.11 -17.50 14.01
CA LEU G 201 -14.26 -18.40 13.99
C LEU G 201 -14.03 -19.49 15.03
N ARG G 202 -14.94 -19.61 16.00
CA ARG G 202 -14.81 -20.59 17.07
C ARG G 202 -15.94 -21.61 16.95
N CYS G 203 -15.56 -22.87 16.81
CA CYS G 203 -16.49 -23.97 16.60
C CYS G 203 -16.69 -24.70 17.93
N TRP G 204 -17.94 -24.76 18.41
CA TRP G 204 -18.24 -25.27 19.73
C TRP G 204 -18.89 -26.66 19.66
N ALA G 205 -18.56 -27.50 20.64
CA ALA G 205 -19.21 -28.79 20.85
C ALA G 205 -19.46 -28.95 22.34
N LEU G 206 -20.73 -29.10 22.73
CA LEU G 206 -21.11 -29.08 24.14
C LEU G 206 -22.03 -30.24 24.47
N SER G 207 -22.03 -30.62 25.75
CA SER G 207 -22.95 -31.59 26.31
C SER G 207 -22.87 -32.95 25.63
N PHE G 208 -21.67 -33.38 25.27
CA PHE G 208 -21.50 -34.66 24.59
C PHE G 208 -20.88 -35.70 25.51
N TYR G 209 -21.21 -36.97 25.24
CA TYR G 209 -20.70 -38.13 25.94
C TYR G 209 -20.68 -39.26 24.92
N PRO G 210 -19.63 -40.09 24.89
CA PRO G 210 -18.40 -39.99 25.70
C PRO G 210 -17.48 -38.85 25.27
N ALA G 211 -16.33 -38.72 25.95
CA ALA G 211 -15.45 -37.59 25.73
C ALA G 211 -14.76 -37.63 24.37
N GLU G 212 -14.60 -38.81 23.78
CA GLU G 212 -13.94 -38.94 22.50
C GLU G 212 -14.67 -38.13 21.43
N ILE G 213 -13.96 -37.19 20.82
CA ILE G 213 -14.53 -36.31 19.81
C ILE G 213 -13.40 -35.78 18.95
N THR G 214 -13.74 -35.30 17.76
CA THR G 214 -12.74 -34.74 16.85
C THR G 214 -13.31 -33.49 16.19
N LEU G 215 -12.61 -32.36 16.35
CA LEU G 215 -12.95 -31.11 15.70
C LEU G 215 -11.83 -30.76 14.73
N THR G 216 -12.18 -30.56 13.46
CA THR G 216 -11.21 -30.18 12.43
C THR G 216 -11.77 -29.02 11.61
N TRP G 217 -10.92 -28.04 11.34
CA TRP G 217 -11.24 -26.96 10.44
C TRP G 217 -10.72 -27.26 9.04
N GLN G 218 -11.49 -26.88 8.03
CA GLN G 218 -11.08 -27.04 6.65
C GLN G 218 -11.23 -25.70 5.93
N ARG G 219 -10.32 -25.47 4.98
CA ARG G 219 -10.37 -24.33 4.09
C ARG G 219 -10.39 -24.85 2.67
N ASP G 220 -11.45 -24.53 1.92
CA ASP G 220 -11.69 -25.10 0.59
C ASP G 220 -11.67 -26.62 0.63
N GLY G 221 -12.09 -27.20 1.75
CA GLY G 221 -12.10 -28.65 1.90
C GLY G 221 -10.77 -29.26 2.24
N GLU G 222 -9.77 -28.47 2.63
CA GLU G 222 -8.46 -28.96 2.99
C GLU G 222 -8.20 -28.72 4.47
N ASP G 223 -7.62 -29.71 5.13
CA ASP G 223 -7.42 -29.66 6.57
C ASP G 223 -6.49 -28.50 6.95
N GLN G 224 -6.84 -27.80 8.03
CA GLN G 224 -6.07 -26.66 8.50
C GLN G 224 -5.52 -26.93 9.89
N THR G 225 -4.96 -28.12 10.11
CA THR G 225 -4.52 -28.52 11.44
C THR G 225 -3.42 -27.60 11.96
N GLN G 226 -2.43 -27.28 11.12
CA GLN G 226 -1.31 -26.46 11.55
C GLN G 226 -1.69 -25.00 11.80
N ASP G 227 -2.97 -24.64 11.71
CA ASP G 227 -3.42 -23.29 11.99
C ASP G 227 -4.64 -23.27 12.90
N THR G 228 -5.02 -24.40 13.47
CA THR G 228 -6.19 -24.51 14.33
C THR G 228 -5.78 -24.51 15.79
N GLU G 229 -6.44 -23.70 16.60
CA GLU G 229 -6.27 -23.73 18.04
C GLU G 229 -7.30 -24.68 18.65
N LEU G 230 -6.81 -25.68 19.40
CA LEU G 230 -7.65 -26.71 20.00
C LEU G 230 -7.40 -26.72 21.50
N VAL G 231 -8.44 -26.47 22.29
CA VAL G 231 -8.36 -26.73 23.72
C VAL G 231 -8.61 -28.21 23.95
N GLU G 232 -7.99 -28.76 24.99
CA GLU G 232 -8.25 -30.15 25.32
C GLU G 232 -9.69 -30.30 25.80
N THR G 233 -10.26 -31.47 25.51
CA THR G 233 -11.62 -31.77 25.96
C THR G 233 -11.74 -31.58 27.46
N ARG G 234 -12.74 -30.82 27.88
CA ARG G 234 -12.88 -30.45 29.27
C ARG G 234 -14.23 -30.92 29.82
N PRO G 235 -14.29 -31.28 31.11
CA PRO G 235 -15.55 -31.72 31.69
C PRO G 235 -16.47 -30.54 31.98
N ALA G 236 -17.75 -30.71 31.65
CA ALA G 236 -18.74 -29.67 31.93
C ALA G 236 -19.12 -29.62 33.40
N GLY G 237 -18.94 -30.70 34.14
CA GLY G 237 -19.33 -30.77 35.53
C GLY G 237 -20.63 -31.51 35.79
N ASP G 238 -21.28 -32.03 34.75
CA ASP G 238 -22.54 -32.75 34.90
C ASP G 238 -22.51 -34.10 34.19
N GLY G 239 -21.32 -34.64 33.93
CA GLY G 239 -21.20 -35.89 33.22
C GLY G 239 -21.02 -35.76 31.72
N THR G 240 -21.04 -34.55 31.18
CA THR G 240 -20.80 -34.32 29.77
C THR G 240 -19.49 -33.55 29.60
N PHE G 241 -19.10 -33.34 28.35
CA PHE G 241 -17.82 -32.71 28.05
C PHE G 241 -18.01 -31.60 27.03
N GLN G 242 -16.99 -30.75 26.93
CA GLN G 242 -16.97 -29.62 26.01
C GLN G 242 -15.65 -29.61 25.24
N LYS G 243 -15.65 -28.91 24.12
CA LYS G 243 -14.45 -28.70 23.31
C LYS G 243 -14.76 -27.64 22.27
N TRP G 244 -13.73 -26.87 21.91
CA TRP G 244 -13.88 -25.93 20.81
C TRP G 244 -12.58 -25.85 20.03
N ALA G 245 -12.71 -25.40 18.77
CA ALA G 245 -11.60 -25.19 17.87
C ALA G 245 -11.80 -23.87 17.15
N ALA G 246 -10.71 -23.13 16.94
CA ALA G 246 -10.79 -21.80 16.37
C ALA G 246 -9.72 -21.61 15.30
N VAL G 247 -10.07 -20.83 14.28
CA VAL G 247 -9.13 -20.40 13.24
C VAL G 247 -9.34 -18.92 12.99
N VAL G 248 -8.27 -18.25 12.58
CA VAL G 248 -8.31 -16.84 12.22
C VAL G 248 -8.43 -16.73 10.71
N VAL G 249 -9.53 -16.15 10.25
CA VAL G 249 -9.83 -16.10 8.82
C VAL G 249 -9.77 -14.67 8.33
N PRO G 250 -9.42 -14.43 7.07
CA PRO G 250 -9.50 -13.07 6.53
C PRO G 250 -10.95 -12.63 6.41
N SER G 251 -11.21 -11.38 6.80
CA SER G 251 -12.57 -10.84 6.71
C SER G 251 -13.03 -10.84 5.27
N GLY G 252 -14.16 -11.48 5.02
CA GLY G 252 -14.69 -11.67 3.67
C GLY G 252 -14.51 -13.07 3.12
N GLN G 253 -13.66 -13.89 3.75
CA GLN G 253 -13.41 -15.24 3.27
C GLN G 253 -13.97 -16.30 4.22
N GLU G 254 -14.94 -15.93 5.08
CA GLU G 254 -15.44 -16.87 6.08
C GLU G 254 -16.14 -18.06 5.45
N GLN G 255 -16.80 -17.87 4.30
CA GLN G 255 -17.53 -18.95 3.67
C GLN G 255 -16.63 -20.07 3.17
N ARG G 256 -15.31 -19.82 3.06
CA ARG G 256 -14.38 -20.87 2.65
C ARG G 256 -14.09 -21.86 3.76
N TYR G 257 -14.42 -21.53 5.00
CA TYR G 257 -14.03 -22.34 6.16
C TYR G 257 -15.20 -23.15 6.66
N THR G 258 -14.92 -24.40 7.02
CA THR G 258 -15.92 -25.30 7.57
C THR G 258 -15.34 -26.05 8.76
N CYS G 259 -16.19 -26.30 9.75
CA CYS G 259 -15.82 -27.07 10.92
C CYS G 259 -16.52 -28.42 10.87
N HIS G 260 -15.76 -29.49 11.11
CA HIS G 260 -16.28 -30.85 11.02
C HIS G 260 -16.20 -31.48 12.40
N VAL G 261 -17.33 -32.03 12.86
CA VAL G 261 -17.44 -32.67 14.16
C VAL G 261 -17.68 -34.16 13.95
N GLN G 262 -16.86 -34.98 14.60
CA GLN G 262 -17.03 -36.43 14.58
C GLN G 262 -17.27 -36.91 16.00
N HIS G 263 -18.32 -37.70 16.20
CA HIS G 263 -18.65 -38.19 17.53
C HIS G 263 -19.48 -39.46 17.40
N GLU G 264 -19.40 -40.29 18.44
CA GLU G 264 -20.11 -41.57 18.45
C GLU G 264 -21.61 -41.38 18.31
N GLY G 265 -22.15 -40.29 18.84
CA GLY G 265 -23.57 -40.01 18.73
C GLY G 265 -24.00 -39.41 17.40
N LEU G 266 -23.04 -39.10 16.52
CA LEU G 266 -23.35 -38.58 15.21
C LEU G 266 -23.17 -39.68 14.18
N PRO G 267 -24.23 -40.11 13.49
CA PRO G 267 -24.05 -41.16 12.46
C PRO G 267 -23.16 -40.71 11.33
N LYS G 268 -23.28 -39.46 10.89
CA LYS G 268 -22.38 -38.85 9.93
C LYS G 268 -21.80 -37.56 10.51
N PRO G 269 -20.56 -37.23 10.16
CA PRO G 269 -19.95 -36.00 10.67
C PRO G 269 -20.76 -34.77 10.30
N LEU G 270 -20.77 -33.80 11.20
CA LEU G 270 -21.49 -32.55 11.01
C LEU G 270 -20.56 -31.50 10.41
N THR G 271 -21.11 -30.72 9.48
CA THR G 271 -20.41 -29.60 8.87
C THR G 271 -21.03 -28.31 9.39
N LEU G 272 -20.21 -27.44 9.97
CA LEU G 272 -20.66 -26.16 10.49
C LEU G 272 -20.01 -25.03 9.70
N ARG G 273 -20.78 -23.98 9.46
CA ARG G 273 -20.31 -22.80 8.74
C ARG G 273 -20.69 -21.56 9.53
N TRP G 274 -20.01 -20.48 9.23
CA TRP G 274 -20.39 -19.22 9.86
C TRP G 274 -21.19 -18.41 8.86
N GLU G 275 -22.45 -18.09 9.17
CA GLU G 275 -23.29 -17.26 8.28
C GLU G 275 -23.28 -15.81 8.75
N PRO G 276 -22.49 -14.88 8.16
CA PRO G 276 -22.42 -13.47 8.58
C PRO G 276 -23.89 -13.17 8.82
N GLY G 277 -24.22 -12.76 10.04
CA GLY G 277 -25.55 -12.25 10.38
C GLY G 277 -26.33 -13.31 11.13
N MET H 1 12.92 -36.23 39.74
CA MET H 1 11.52 -35.87 39.87
C MET H 1 11.06 -35.03 38.68
N ILE H 2 9.93 -35.40 38.10
CA ILE H 2 9.37 -34.72 36.94
C ILE H 2 8.40 -33.64 37.43
N GLN H 3 8.48 -32.47 36.79
CA GLN H 3 7.56 -31.38 37.07
C GLN H 3 6.93 -30.91 35.77
N ARG H 4 5.62 -30.66 35.82
CA ARG H 4 4.85 -30.28 34.63
C ARG H 4 3.98 -29.06 34.96
N THR H 5 3.90 -28.13 34.01
CA THR H 5 3.19 -26.89 34.23
C THR H 5 1.70 -27.07 34.00
N PRO H 6 0.84 -26.57 34.88
CA PRO H 6 -0.60 -26.77 34.69
C PRO H 6 -1.15 -25.98 33.52
N LYS H 7 -2.12 -26.57 32.84
CA LYS H 7 -2.94 -25.89 31.86
C LYS H 7 -4.26 -25.49 32.51
N ILE H 8 -4.73 -24.29 32.21
CA ILE H 8 -5.87 -23.71 32.91
C ILE H 8 -6.94 -23.30 31.90
N GLN H 9 -8.20 -23.62 32.21
CA GLN H 9 -9.34 -23.18 31.43
C GLN H 9 -10.46 -22.79 32.39
N VAL H 10 -10.95 -21.56 32.26
CA VAL H 10 -12.09 -21.08 33.02
C VAL H 10 -13.28 -20.98 32.07
N TYR H 11 -14.42 -21.51 32.48
CA TYR H 11 -15.58 -21.62 31.61
C TYR H 11 -16.79 -22.00 32.44
N SER H 12 -17.96 -21.80 31.86
CA SER H 12 -19.22 -22.12 32.51
C SER H 12 -19.73 -23.47 32.02
N ARG H 13 -20.57 -24.10 32.85
CA ARG H 13 -21.13 -25.41 32.48
C ARG H 13 -22.09 -25.29 31.30
N HIS H 14 -22.87 -24.23 31.26
CA HIS H 14 -23.81 -23.96 30.19
C HIS H 14 -23.48 -22.62 29.55
N PRO H 15 -23.92 -22.40 28.30
CA PRO H 15 -23.75 -21.08 27.68
C PRO H 15 -24.29 -19.98 28.58
N ALA H 16 -23.44 -19.00 28.90
CA ALA H 16 -23.79 -18.00 29.91
C ALA H 16 -24.92 -17.10 29.41
N GLU H 17 -25.87 -16.84 30.31
CA GLU H 17 -26.96 -15.91 30.05
C GLU H 17 -27.19 -15.10 31.32
N ASN H 18 -27.07 -13.78 31.22
CA ASN H 18 -27.14 -12.93 32.40
C ASN H 18 -28.50 -13.04 33.06
N GLY H 19 -28.50 -13.37 34.35
CA GLY H 19 -29.71 -13.58 35.11
C GLY H 19 -30.03 -15.03 35.40
N LYS H 20 -29.54 -15.95 34.57
CA LYS H 20 -29.77 -17.37 34.77
C LYS H 20 -28.63 -17.99 35.57
N SER H 21 -28.98 -18.89 36.49
CA SER H 21 -27.98 -19.54 37.31
C SER H 21 -27.13 -20.49 36.46
N ASN H 22 -25.89 -20.67 36.88
CA ASN H 22 -24.91 -21.44 36.11
C ASN H 22 -23.83 -21.95 37.07
N PHE H 23 -22.84 -22.63 36.51
CA PHE H 23 -21.71 -23.15 37.27
C PHE H 23 -20.41 -22.65 36.65
N LEU H 24 -19.55 -22.06 37.45
CA LEU H 24 -18.25 -21.58 36.99
C LEU H 24 -17.22 -22.67 37.22
N ASN H 25 -16.55 -23.09 36.16
CA ASN H 25 -15.57 -24.17 36.22
C ASN H 25 -14.16 -23.64 36.00
N CYS H 26 -13.20 -24.23 36.71
CA CYS H 26 -11.78 -24.03 36.44
C CYS H 26 -11.16 -25.41 36.35
N TYR H 27 -10.65 -25.75 35.16
CA TYR H 27 -10.10 -27.07 34.89
C TYR H 27 -8.59 -26.96 34.76
N VAL H 28 -7.88 -27.45 35.77
CA VAL H 28 -6.41 -27.52 35.74
C VAL H 28 -6.02 -28.94 35.37
N SER H 29 -5.06 -29.07 34.46
CA SER H 29 -4.67 -30.38 33.97
C SER H 29 -3.21 -30.35 33.54
N GLY H 30 -2.64 -31.55 33.39
CA GLY H 30 -1.29 -31.69 32.90
C GLY H 30 -0.19 -31.24 33.84
N PHE H 31 -0.45 -31.21 35.15
CA PHE H 31 0.53 -30.69 36.10
C PHE H 31 1.07 -31.80 36.99
N HIS H 32 2.28 -31.55 37.51
CA HIS H 32 2.96 -32.47 38.41
C HIS H 32 3.99 -31.68 39.18
N PRO H 33 4.13 -31.90 40.51
CA PRO H 33 3.35 -32.85 41.32
C PRO H 33 1.94 -32.36 41.65
N SER H 34 1.26 -33.09 42.53
CA SER H 34 -0.16 -32.84 42.79
C SER H 34 -0.41 -31.65 43.70
N ASP H 35 0.62 -31.11 44.35
CA ASP H 35 0.45 -29.95 45.21
C ASP H 35 0.10 -28.74 44.35
N ILE H 36 -1.14 -28.27 44.44
CA ILE H 36 -1.60 -27.14 43.64
C ILE H 36 -2.65 -26.38 44.43
N GLU H 37 -2.66 -25.07 44.27
CA GLU H 37 -3.67 -24.19 44.86
C GLU H 37 -4.51 -23.58 43.76
N VAL H 38 -5.84 -23.70 43.89
CA VAL H 38 -6.77 -23.16 42.91
C VAL H 38 -7.85 -22.40 43.66
N ASP H 39 -8.11 -21.16 43.23
CA ASP H 39 -9.17 -20.33 43.78
C ASP H 39 -10.01 -19.77 42.65
N LEU H 40 -11.28 -19.56 42.95
CA LEU H 40 -12.18 -18.86 42.04
C LEU H 40 -12.45 -17.47 42.61
N LEU H 41 -12.31 -16.46 41.76
CA LEU H 41 -12.41 -15.07 42.18
C LEU H 41 -13.64 -14.41 41.58
N LYS H 42 -14.31 -13.59 42.39
CA LYS H 42 -15.39 -12.74 41.92
C LYS H 42 -15.00 -11.31 42.22
N ASN H 43 -14.70 -10.54 41.18
CA ASN H 43 -14.25 -9.15 41.31
C ASN H 43 -12.98 -9.05 42.15
N GLY H 44 -12.12 -10.07 42.08
CA GLY H 44 -10.89 -10.09 42.83
C GLY H 44 -10.95 -10.81 44.16
N GLU H 45 -12.14 -10.99 44.72
CA GLU H 45 -12.29 -11.63 46.02
C GLU H 45 -12.51 -13.12 45.87
N ARG H 46 -11.92 -13.89 46.79
CA ARG H 46 -12.00 -15.34 46.73
C ARG H 46 -13.43 -15.81 47.01
N ILE H 47 -13.90 -16.76 46.18
CA ILE H 47 -15.19 -17.39 46.41
C ILE H 47 -15.00 -18.52 47.42
N GLU H 48 -15.80 -18.51 48.49
CA GLU H 48 -15.53 -19.40 49.62
C GLU H 48 -15.96 -20.83 49.33
N LYS H 49 -17.25 -21.05 49.07
CA LYS H 49 -17.77 -22.40 48.88
C LYS H 49 -17.54 -22.82 47.44
N VAL H 50 -16.34 -23.33 47.19
CA VAL H 50 -15.94 -23.85 45.89
C VAL H 50 -15.64 -25.34 46.06
N GLU H 51 -16.28 -26.17 45.23
CA GLU H 51 -16.06 -27.60 45.28
C GLU H 51 -14.98 -27.99 44.27
N HIS H 52 -14.46 -29.20 44.44
CA HIS H 52 -13.45 -29.73 43.54
C HIS H 52 -13.67 -31.23 43.36
N SER H 53 -13.19 -31.74 42.23
CA SER H 53 -13.32 -33.15 41.93
C SER H 53 -12.24 -33.95 42.65
N ASP H 54 -12.22 -35.25 42.42
CA ASP H 54 -11.25 -36.14 43.05
C ASP H 54 -10.04 -36.32 42.15
N LEU H 55 -8.86 -36.27 42.77
CA LEU H 55 -7.60 -36.25 42.02
C LEU H 55 -7.46 -37.48 41.14
N SER H 56 -7.24 -37.26 39.85
CA SER H 56 -6.95 -38.32 38.89
C SER H 56 -5.80 -37.86 38.01
N PHE H 57 -5.37 -38.74 37.10
CA PHE H 57 -4.23 -38.43 36.25
C PHE H 57 -4.41 -39.06 34.88
N SER H 58 -3.62 -38.57 33.92
CA SER H 58 -3.73 -38.95 32.52
C SER H 58 -2.66 -39.97 32.15
N LYS H 59 -2.55 -40.26 30.85
CA LYS H 59 -1.65 -41.31 30.38
C LYS H 59 -0.18 -40.94 30.58
N ASP H 60 0.13 -39.64 30.61
CA ASP H 60 1.49 -39.19 30.87
C ASP H 60 1.78 -38.99 32.36
N TRP H 61 0.93 -39.52 33.22
CA TRP H 61 1.00 -39.47 34.69
C TRP H 61 0.67 -38.10 35.27
N SER H 62 0.41 -37.09 34.45
CA SER H 62 0.09 -35.76 34.96
C SER H 62 -1.34 -35.71 35.47
N PHE H 63 -1.56 -34.86 36.48
CA PHE H 63 -2.81 -34.78 37.20
C PHE H 63 -3.79 -33.82 36.53
N TYR H 64 -5.07 -33.95 36.90
CA TYR H 64 -6.09 -33.00 36.49
C TYR H 64 -7.17 -32.91 37.57
N LEU H 65 -7.75 -31.71 37.70
CA LEU H 65 -8.76 -31.43 38.72
C LEU H 65 -9.78 -30.46 38.14
N LEU H 66 -11.02 -30.57 38.62
CA LEU H 66 -12.09 -29.64 38.25
C LEU H 66 -12.55 -28.91 39.50
N TYR H 67 -12.34 -27.60 39.53
CA TYR H 67 -12.86 -26.73 40.58
C TYR H 67 -14.09 -26.01 40.03
N TYR H 68 -15.16 -25.97 40.82
CA TYR H 68 -16.40 -25.40 40.34
C TYR H 68 -17.20 -24.82 41.49
N THR H 69 -18.08 -23.87 41.17
CA THR H 69 -18.98 -23.26 42.12
C THR H 69 -20.18 -22.71 41.37
N GLU H 70 -21.30 -22.60 42.09
CA GLU H 70 -22.52 -22.09 41.50
C GLU H 70 -22.47 -20.56 41.46
N PHE H 71 -22.91 -19.99 40.34
CA PHE H 71 -22.86 -18.55 40.17
C PHE H 71 -23.92 -18.12 39.16
N THR H 72 -24.06 -16.81 39.01
CA THR H 72 -24.99 -16.24 38.04
C THR H 72 -24.32 -15.05 37.36
N PRO H 73 -24.03 -15.15 36.07
CA PRO H 73 -23.38 -14.03 35.37
C PRO H 73 -24.27 -12.81 35.33
N THR H 74 -23.65 -11.63 35.45
CA THR H 74 -24.39 -10.38 35.53
C THR H 74 -23.98 -9.35 34.49
N GLU H 75 -23.08 -9.70 33.56
CA GLU H 75 -22.62 -8.82 32.48
C GLU H 75 -21.72 -7.71 33.02
N LYS H 76 -21.61 -7.61 34.35
CA LYS H 76 -20.73 -6.62 34.97
C LYS H 76 -19.78 -7.19 36.01
N ASP H 77 -20.04 -8.38 36.54
CA ASP H 77 -19.16 -9.00 37.52
C ASP H 77 -18.06 -9.79 36.80
N GLU H 78 -16.82 -9.59 37.23
CA GLU H 78 -15.68 -10.30 36.65
C GLU H 78 -15.36 -11.54 37.47
N TYR H 79 -15.16 -12.66 36.77
CA TYR H 79 -14.79 -13.92 37.38
C TYR H 79 -13.45 -14.37 36.82
N ALA H 80 -12.69 -15.09 37.64
CA ALA H 80 -11.36 -15.54 37.24
C ALA H 80 -10.97 -16.74 38.08
N CYS H 81 -9.83 -17.34 37.73
CA CYS H 81 -9.28 -18.49 38.45
C CYS H 81 -7.82 -18.21 38.75
N ARG H 82 -7.45 -18.22 40.03
CA ARG H 82 -6.06 -18.05 40.44
C ARG H 82 -5.45 -19.41 40.74
N VAL H 83 -4.33 -19.71 40.08
CA VAL H 83 -3.66 -20.99 40.20
C VAL H 83 -2.21 -20.75 40.63
N ASN H 84 -1.74 -21.52 41.61
CA ASN H 84 -0.37 -21.45 42.07
C ASN H 84 0.21 -22.85 42.09
N HIS H 85 1.49 -22.97 41.71
CA HIS H 85 2.13 -24.27 41.54
C HIS H 85 3.64 -24.06 41.53
N VAL H 86 4.37 -25.13 41.85
CA VAL H 86 5.83 -25.05 41.92
C VAL H 86 6.42 -24.68 40.57
N THR H 87 5.76 -25.07 39.48
CA THR H 87 6.23 -24.76 38.13
C THR H 87 5.95 -23.33 37.73
N LEU H 88 5.21 -22.57 38.52
CA LEU H 88 4.85 -21.20 38.21
C LEU H 88 5.76 -20.24 38.98
N SER H 89 6.25 -19.22 38.28
CA SER H 89 7.04 -18.18 38.95
C SER H 89 6.17 -17.27 39.81
N GLN H 90 4.86 -17.24 39.57
CA GLN H 90 3.94 -16.43 40.35
C GLN H 90 2.54 -16.98 40.13
N PRO H 91 1.61 -16.68 41.04
CA PRO H 91 0.22 -17.12 40.83
C PRO H 91 -0.34 -16.59 39.51
N LYS H 92 -1.01 -17.46 38.77
CA LYS H 92 -1.56 -17.12 37.47
C LYS H 92 -3.07 -16.93 37.58
N ILE H 93 -3.56 -15.81 37.06
CA ILE H 93 -4.98 -15.48 37.05
C ILE H 93 -5.48 -15.54 35.62
N VAL H 94 -6.53 -16.31 35.40
CA VAL H 94 -7.16 -16.44 34.08
C VAL H 94 -8.60 -15.94 34.20
N LYS H 95 -8.89 -14.84 33.53
CA LYS H 95 -10.24 -14.28 33.58
C LYS H 95 -11.20 -15.14 32.79
N TRP H 96 -12.46 -15.14 33.23
CA TRP H 96 -13.50 -15.90 32.56
C TRP H 96 -14.04 -15.12 31.37
N ASP H 97 -13.83 -15.65 30.17
CA ASP H 97 -14.40 -15.09 28.95
C ASP H 97 -15.55 -15.97 28.52
N ARG H 98 -16.74 -15.40 28.42
CA ARG H 98 -17.96 -16.15 28.05
C ARG H 98 -17.84 -16.70 26.63
N ASP H 99 -16.96 -16.16 25.81
CA ASP H 99 -16.77 -16.63 24.44
C ASP H 99 -15.70 -17.70 24.34
N MET H 100 -15.25 -18.26 25.46
CA MET H 100 -14.21 -19.28 25.49
C MET H 100 -14.49 -20.33 26.56
N PHE I 1 10.71 -3.14 -0.81
CA PHE I 1 10.62 -2.02 -1.73
C PHE I 1 12.01 -1.48 -2.06
N MET I 2 12.50 -1.79 -3.25
CA MET I 2 13.84 -1.42 -3.65
C MET I 2 13.97 0.09 -3.84
N ASN I 3 15.21 0.53 -4.01
CA ASN I 3 15.51 1.93 -4.27
C ASN I 3 15.34 2.23 -5.76
N LYS I 4 14.51 3.22 -6.07
CA LYS I 4 14.33 3.61 -7.46
C LYS I 4 15.56 4.27 -8.05
N PHE I 5 16.49 4.72 -7.21
CA PHE I 5 17.72 5.39 -7.64
C PHE I 5 18.89 4.43 -7.59
N ILE I 6 19.77 4.52 -8.58
CA ILE I 6 21.02 3.75 -8.61
C ILE I 6 21.98 4.47 -9.54
N TYR I 7 23.27 4.44 -9.20
CA TYR I 7 24.29 5.11 -9.99
C TYR I 7 25.42 4.14 -10.32
N GLU I 8 25.97 4.27 -11.54
CA GLU I 8 27.03 3.40 -12.00
C GLU I 8 28.28 3.51 -11.12
N ILE I 9 29.00 2.41 -11.02
CA ILE I 9 30.28 2.38 -10.32
C ILE I 9 31.32 3.14 -11.13
N PHE J 1 -15.14 -52.94 40.89
CA PHE J 1 -14.72 -54.02 41.79
C PHE J 1 -13.19 -54.11 41.81
N MET J 2 -12.60 -53.76 42.95
CA MET J 2 -11.15 -53.72 43.04
C MET J 2 -10.58 -55.14 43.13
N ASN J 3 -9.25 -55.20 42.96
CA ASN J 3 -8.52 -56.45 43.11
C ASN J 3 -8.30 -56.72 44.60
N LYS J 4 -8.61 -57.95 45.01
CA LYS J 4 -8.34 -58.37 46.39
C LYS J 4 -6.88 -58.66 46.63
N PHE J 5 -6.07 -58.78 45.59
CA PHE J 5 -4.65 -59.10 45.70
C PHE J 5 -3.82 -57.85 45.42
N ILE J 6 -2.82 -57.61 46.27
CA ILE J 6 -1.89 -56.50 46.08
C ILE J 6 -0.59 -56.87 46.78
N TYR J 7 0.53 -56.44 46.20
CA TYR J 7 1.85 -56.79 46.70
C TYR J 7 2.71 -55.54 46.83
N GLU J 8 3.58 -55.54 47.83
CA GLU J 8 4.44 -54.40 48.10
C GLU J 8 5.44 -54.17 46.97
N ILE J 9 5.85 -52.92 46.81
CA ILE J 9 6.83 -52.54 45.80
C ILE J 9 8.23 -52.94 46.28
N1 EPE K . -21.09 36.41 -27.96
C2 EPE K . -20.00 35.46 -28.02
C3 EPE K . -20.48 34.14 -28.58
N4 EPE K . -21.34 33.58 -27.57
C5 EPE K . -22.53 34.39 -27.31
C6 EPE K . -22.43 35.86 -27.75
C7 EPE K . -21.60 32.17 -27.83
C8 EPE K . -20.50 31.36 -27.13
O8 EPE K . -19.25 31.56 -27.74
C9 EPE K . -20.76 37.54 -27.09
C10 EPE K . -20.28 38.76 -27.90
S EPE K . -18.74 38.44 -28.83
O1S EPE K . -17.77 37.57 -28.06
O2S EPE K . -19.00 37.59 -30.06
O3S EPE K . -18.05 39.73 -29.21
C1 GOL L . -33.72 35.78 2.08
O1 GOL L . -33.12 36.17 3.29
C2 GOL L . -32.75 34.93 1.27
O2 GOL L . -32.64 33.65 1.85
C3 GOL L . -33.26 34.81 -0.16
O3 GOL L . -32.89 33.57 -0.69
N1 EPE M . 5.27 2.62 -16.48
C2 EPE M . 6.18 1.92 -17.37
C3 EPE M . 5.58 1.20 -18.58
N4 EPE M . 4.16 1.38 -18.88
C5 EPE M . 3.37 2.08 -17.89
C6 EPE M . 4.15 3.19 -17.19
C7 EPE M . 3.95 1.97 -20.19
C8 EPE M . 2.85 1.20 -20.91
O8 EPE M . 1.61 1.42 -20.29
C9 EPE M . 4.79 1.76 -15.43
C10 EPE M . 4.16 2.64 -14.35
S EPE M . 2.45 2.11 -14.03
O1S EPE M . 1.65 3.24 -13.44
O2S EPE M . 2.40 0.88 -13.15
O3S EPE M . 1.78 1.58 -15.27
C1 GOL N . -22.41 38.89 -44.80
O1 GOL N . -21.39 39.46 -45.58
C2 GOL N . -22.06 39.02 -43.32
O2 GOL N . -21.66 40.34 -43.07
C3 GOL N . -23.29 38.69 -42.48
O3 GOL N . -23.63 37.34 -42.64
C1 GOL O . 8.69 29.43 -5.62
O1 GOL O . 9.09 30.74 -5.93
C2 GOL O . 7.17 29.40 -5.47
O2 GOL O . 6.58 29.82 -6.66
C3 GOL O . 6.70 27.98 -5.14
O3 GOL O . 5.31 27.97 -5.06
C1 GOL P . -1.31 -2.98 3.63
O1 GOL P . -1.02 -1.62 3.80
C2 GOL P . -1.06 -3.38 2.18
O2 GOL P . -2.00 -2.76 1.35
C3 GOL P . -1.18 -4.90 2.04
O3 GOL P . -1.12 -5.25 0.69
O1 PG4 Q . -1.14 1.02 -0.02
C1 PG4 Q . -0.77 1.67 -1.20
C2 PG4 Q . 0.75 1.80 -1.28
O2 PG4 Q . 1.20 2.76 -0.38
C3 PG4 Q . 2.58 2.96 -0.40
C4 PG4 Q . 3.00 4.03 0.61
O3 PG4 Q . 2.92 3.52 1.91
C5 PG4 Q . 4.07 2.86 2.34
C6 PG4 Q . 3.88 2.36 3.77
O4 PG4 Q . 2.68 1.65 3.86
C7 PG4 Q . 2.25 1.43 5.18
C8 PG4 Q . 0.99 0.56 5.16
O5 PG4 Q . 0.90 -0.18 6.35
O1 PG4 R . 43.59 -9.70 -1.68
C1 PG4 R . 43.99 -8.40 -2.01
C2 PG4 R . 44.53 -8.36 -3.43
O2 PG4 R . 44.61 -7.03 -3.86
C3 PG4 R . 45.21 -6.86 -5.12
C4 PG4 R . 44.35 -7.53 -6.18
O3 PG4 R . 44.59 -6.91 -7.42
C5 PG4 R . 43.47 -6.26 -7.97
C6 PG4 R . 42.46 -7.31 -8.41
O4 PG4 R . 41.29 -6.67 -8.84
C7 PG4 R . 40.15 -6.99 -8.09
C8 PG4 R . 39.99 -5.99 -6.96
O5 PG4 R . 38.83 -6.28 -6.23
O1 P6G S . 30.36 -4.91 6.01
C2 P6G S . 30.26 -6.13 5.36
C3 P6G S . 29.68 -5.93 3.96
O4 P6G S . 28.43 -6.54 3.87
C5 P6G S . 28.47 -7.81 3.28
C6 P6G S . 27.06 -8.38 3.17
O7 P6G S . 26.49 -8.47 4.45
C8 P6G S . 25.57 -9.51 4.59
C9 P6G S . 24.76 -9.31 5.87
O10 P6G S . 24.83 -7.97 6.23
C11 P6G S . 23.90 -7.60 7.21
C12 P6G S . 23.99 -6.09 7.44
O13 P6G S . 24.70 -5.84 8.63
C14 P6G S . 24.22 -4.75 9.36
C15 P6G S . 25.25 -3.62 9.31
O16 P6G S . 25.98 -3.71 8.12
C17 P6G S . 26.88 -2.65 7.92
C18 P6G S . 27.83 -3.02 6.78
O19 P6G S . 28.91 -3.75 7.29
N1 EPE T . 23.60 -21.44 -8.18
C2 EPE T . 25.06 -21.37 -8.30
C3 EPE T . 25.52 -19.94 -8.40
N4 EPE T . 24.93 -19.53 -9.62
C5 EPE T . 23.51 -19.46 -9.58
C6 EPE T . 22.92 -20.19 -8.40
C7 EPE T . 25.45 -18.23 -9.99
C8 EPE T . 26.95 -18.30 -9.89
O8 EPE T . 27.38 -18.54 -11.20
C9 EPE T . 23.11 -22.48 -9.06
C10 EPE T . 21.77 -22.19 -9.68
S EPE T . 21.85 -22.78 -11.21
O1S EPE T . 23.01 -22.18 -11.86
O2S EPE T . 22.15 -24.20 -11.24
O3S EPE T . 20.61 -22.59 -11.93
C1 PGE U . 33.05 -31.77 5.79
O1 PGE U . 34.31 -32.45 5.87
C2 PGE U . 33.30 -30.29 5.61
O2 PGE U . 33.72 -30.05 4.28
C3 PGE U . 35.11 -29.79 4.17
C4 PGE U . 35.41 -29.27 2.78
O4 PGE U . 38.77 -30.97 2.71
C6 PGE U . 38.64 -30.33 1.46
C5 PGE U . 37.22 -29.78 1.34
O3 PGE U . 36.81 -29.26 2.59
OH2 1PE V . 9.05 -30.47 58.39
C12 1PE V . 9.53 -31.64 57.79
C22 1PE V . 9.61 -32.73 58.86
OH3 1PE V . 9.70 -33.99 58.26
C13 1PE V . 8.75 -36.19 58.06
C23 1PE V . 9.00 -34.98 58.97
OH4 1PE V . 7.37 -36.42 57.94
C14 1PE V . 5.22 -36.47 58.95
C24 1PE V . 6.71 -36.71 59.13
OH5 1PE V . 4.59 -36.32 60.19
C15 1PE V . 4.48 -35.40 62.41
C25 1PE V . 5.23 -35.44 61.07
OH6 1PE V . 3.12 -35.60 62.20
C16 1PE V . 0.97 -34.71 62.78
C26 1PE V . 2.36 -34.42 62.21
OH7 1PE V . 0.95 -36.01 63.30
C FMT W . -10.27 -41.80 31.93
O1 FMT W . -11.31 -41.16 31.85
O2 FMT W . -10.22 -43.01 32.13
C1 GOL X . -29.58 -32.46 20.49
O1 GOL X . -30.47 -33.13 21.35
C2 GOL X . -28.17 -32.97 20.76
O2 GOL X . -28.19 -34.37 20.83
C3 GOL X . -27.25 -32.54 19.61
O3 GOL X . -27.61 -33.22 18.43
O1 PG4 Y . 15.66 -29.41 52.05
C1 PG4 Y . 14.51 -28.63 52.21
C2 PG4 Y . 13.78 -28.50 50.87
O2 PG4 Y . 12.47 -28.07 51.09
C3 PG4 Y . 11.74 -27.81 49.92
C4 PG4 Y . 10.28 -27.55 50.27
O3 PG4 Y . 10.14 -26.33 50.95
C5 PG4 Y . 9.93 -26.46 52.33
C6 PG4 Y . 8.45 -26.30 52.65
O4 PG4 Y . 8.18 -24.94 52.90
C7 PG4 Y . 8.69 -24.46 54.11
C8 PG4 Y . 8.24 -23.02 54.30
O5 PG4 Y . 8.77 -22.52 55.50
O1 PG4 Z . -0.35 -45.35 32.02
C1 PG4 Z . -0.44 -44.30 32.94
C2 PG4 Z . -1.88 -44.15 33.42
O2 PG4 Z . -2.68 -43.73 32.36
C3 PG4 Z . -4.00 -43.41 32.70
C4 PG4 Z . -4.76 -43.02 31.43
O3 PG4 Z . -5.98 -43.71 31.36
C5 PG4 Z . -6.11 -44.53 30.24
C6 PG4 Z . -5.20 -45.75 30.38
O4 PG4 Z . -5.27 -46.55 29.24
C7 PG4 Z . -4.55 -47.74 29.34
C8 PG4 Z . -4.41 -48.37 27.96
O5 PG4 Z . -3.40 -49.34 28.00
C1 PGE AA . -7.88 -31.29 47.66
O1 PGE AA . -7.36 -30.83 48.89
C2 PGE AA . -6.93 -30.93 46.53
O2 PGE AA . -6.18 -32.07 46.17
C3 PGE AA . -4.80 -31.83 46.08
C4 PGE AA . -4.09 -33.15 45.85
O4 PGE AA . -1.64 -33.60 49.86
C6 PGE AA . -1.50 -33.31 48.48
C5 PGE AA . -2.88 -33.13 47.89
O3 PGE AA . -2.82 -33.11 46.48
C1 GOL BA . 12.69 -24.72 36.70
O1 GOL BA . 12.93 -26.01 37.21
C2 GOL BA . 11.26 -24.30 37.03
O2 GOL BA . 10.97 -24.61 38.36
C3 GOL BA . 11.10 -22.80 36.81
O3 GOL BA . 9.94 -22.35 37.47
C1 GOL CA . -1.55 -21.47 32.09
O1 GOL CA . -0.37 -22.08 31.66
C2 GOL CA . -2.46 -21.14 30.90
O2 GOL CA . -3.64 -20.55 31.35
C3 GOL CA . -1.74 -20.19 29.95
O3 GOL CA . -2.68 -19.35 29.34
#